data_9LWG
#
_entry.id   9LWG
#
_cell.length_a   1.00
_cell.length_b   1.00
_cell.length_c   1.00
_cell.angle_alpha   90.00
_cell.angle_beta   90.00
_cell.angle_gamma   90.00
#
_symmetry.space_group_name_H-M   'P 1'
#
loop_
_entity.id
_entity.type
_entity.pdbx_description
1 polymer Si:dkey-256h2.1
2 branched 2-acetamido-2-deoxy-beta-D-glucopyranose-(1-4)-2-acetamido-2-deoxy-beta-D-glucopyranose
3 branched 2-acetamido-2-deoxy-beta-D-glucopyranose-(1-4)-[alpha-L-fucopyranose-(1-6)]2-acetamido-2-deoxy-beta-D-glucopyranose
4 non-polymer 2-acetamido-2-deoxy-beta-D-glucopyranose
#
_entity_poly.entity_id   1
_entity_poly.type   'polypeptide(L)'
_entity_poly.pdbx_seq_one_letter_code
;AAPKDHLIHNHHKHEHAHAEHLGGSAWSHPQFEKGSGLEVLFQGPAEFASSQGNDKAPKNLHLVKRNAIKTRPSDALGGL
EPGDPAPAFQVHTLDGMFVYSPRNESGRALIVHAFTNKSAFLECLWTWSESLSDLLDYLPSSTEVLMLSMDETAEQDALW
MREQVYRAAAHRGKEILSRLHFSPTHVYNLGNWIPRVLYSWGCGGHNCGLGQVVFSSPDWKGPVIGKRLNARYDWLYAHW
STDPYRLLDVGDGCAPVASLKGAVAWVSEGGCSFFTKIKNMEKSNATGVLVYALPGNNIQDMNCKGDECFTSLHIPASMV
HFQPKVKEALQKGRPVNVKFQVTPSRSFFFGIDQRGVLSEMGWFLYPSFRFMAWQAQWFVFNDALLEQLSQPAVTVSVFD
HHDMHGNAGAHAVVDLPADISPYDVLELDTSLSCPGRRDETCAHWDHTVQLFVCCNDSSPYCNQELGRWVTAFRRGTGHW
LTDVSPLIPLLNNKKCSFTMKTAPWAMPWMTTLNLRFSQSNKTERLYPFEVMPLFNGGTFDKDYNRRYHEITFSIPAATK
KVELYAVITGHGSDDNNCGEFCVTSHYFLINRSINNTLVFEAAGSPLGCSLLVPKGGVPNECGTWLYGRGGWCDGLQVDP
WRRDITSQLDMSGSNSVRYFGLFEGRDPNPKTDPGNILMYSYLVFYQ
;
_entity_poly.pdbx_strand_id   A,B
#
loop_
_chem_comp.id
_chem_comp.type
_chem_comp.name
_chem_comp.formula
FUC L-saccharide, alpha linking alpha-L-fucopyranose 'C6 H12 O5'
NAG D-saccharide, beta linking 2-acetamido-2-deoxy-beta-D-glucopyranose 'C8 H15 N O6'
#
# COMPACT_ATOMS: atom_id res chain seq x y z
N ALA A 76 5.08 -11.66 -4.33
CA ALA A 76 6.43 -11.91 -3.75
C ALA A 76 6.45 -11.55 -2.26
N LEU A 77 7.25 -12.29 -1.50
CA LEU A 77 7.41 -12.12 -0.06
C LEU A 77 6.13 -12.42 0.72
N GLY A 78 5.13 -13.02 0.08
CA GLY A 78 3.90 -13.31 0.77
C GLY A 78 3.16 -12.05 1.18
N GLY A 79 2.35 -12.17 2.22
CA GLY A 79 1.58 -11.05 2.73
C GLY A 79 2.37 -10.20 3.72
N LEU A 80 2.54 -8.92 3.40
CA LEU A 80 3.29 -8.02 4.26
C LEU A 80 2.41 -6.87 4.73
N GLU A 81 1.19 -7.20 5.15
CA GLU A 81 0.22 -6.25 5.66
C GLU A 81 -0.21 -6.65 7.05
N PRO A 82 -0.77 -5.73 7.82
CA PRO A 82 -1.23 -6.09 9.17
C PRO A 82 -2.20 -7.26 9.14
N GLY A 83 -2.04 -8.17 10.10
CA GLY A 83 -2.84 -9.36 10.18
C GLY A 83 -2.25 -10.57 9.50
N ASP A 84 -1.26 -10.38 8.63
CA ASP A 84 -0.62 -11.49 7.95
C ASP A 84 0.52 -12.06 8.79
N PRO A 85 0.85 -13.34 8.63
CA PRO A 85 1.95 -13.92 9.39
C PRO A 85 3.28 -13.31 8.99
N ALA A 86 4.22 -13.33 9.94
CA ALA A 86 5.55 -12.76 9.70
C ALA A 86 6.49 -13.86 9.22
N PRO A 87 7.02 -13.78 7.99
CA PRO A 87 7.95 -14.81 7.54
C PRO A 87 9.20 -14.85 8.39
N ALA A 88 9.80 -16.04 8.47
CA ALA A 88 11.03 -16.22 9.24
C ALA A 88 12.15 -15.38 8.64
N PHE A 89 13.11 -15.01 9.48
CA PHE A 89 14.24 -14.22 9.02
C PHE A 89 15.41 -14.38 9.98
N GLN A 90 16.56 -13.91 9.54
CA GLN A 90 17.79 -13.96 10.31
C GLN A 90 18.50 -12.62 10.22
N VAL A 91 19.14 -12.21 11.31
CA VAL A 91 19.81 -10.92 11.39
C VAL A 91 21.09 -11.08 12.21
N HIS A 92 22.06 -10.22 11.94
CA HIS A 92 23.30 -10.19 12.70
C HIS A 92 23.25 -9.07 13.73
N THR A 93 23.78 -9.33 14.92
CA THR A 93 23.75 -8.38 16.02
C THR A 93 25.04 -8.53 16.82
N LEU A 94 25.30 -7.53 17.67
CA LEU A 94 26.53 -7.54 18.46
C LEU A 94 26.63 -8.78 19.34
N ASP A 95 25.51 -9.44 19.62
CA ASP A 95 25.52 -10.64 20.44
C ASP A 95 25.52 -11.93 19.62
N GLY A 96 25.20 -11.86 18.33
CA GLY A 96 25.20 -13.05 17.49
C GLY A 96 24.12 -13.06 16.44
N MET A 97 23.63 -14.25 16.10
CA MET A 97 22.60 -14.40 15.07
C MET A 97 21.23 -14.45 15.74
N PHE A 98 20.38 -13.48 15.40
CA PHE A 98 19.01 -13.44 15.87
C PHE A 98 18.11 -14.03 14.79
N VAL A 99 17.42 -15.12 15.12
CA VAL A 99 16.60 -15.86 14.17
C VAL A 99 15.17 -15.84 14.64
N TYR A 100 14.25 -15.50 13.75
CA TYR A 100 12.82 -15.57 14.01
C TYR A 100 12.20 -16.61 13.08
N SER A 101 11.50 -17.57 13.67
CA SER A 101 10.86 -18.65 12.92
C SER A 101 9.44 -18.81 13.45
N PRO A 102 8.41 -18.74 12.59
CA PRO A 102 7.05 -18.93 13.07
C PRO A 102 6.87 -20.29 13.73
N ARG A 103 6.04 -20.32 14.76
CA ARG A 103 5.75 -21.55 15.51
C ARG A 103 4.25 -21.75 15.59
N ASN A 104 3.84 -23.02 15.63
CA ASN A 104 2.43 -23.34 15.80
C ASN A 104 1.91 -22.99 17.19
N GLU A 105 2.81 -22.68 18.13
CA GLU A 105 2.43 -22.33 19.48
C GLU A 105 2.51 -20.80 19.65
N SER A 106 2.36 -20.34 20.89
CA SER A 106 2.43 -18.93 21.22
C SER A 106 3.70 -18.66 22.02
N GLY A 107 4.47 -17.68 21.58
CA GLY A 107 5.72 -17.35 22.23
C GLY A 107 5.80 -15.89 22.64
N ARG A 108 7.01 -15.32 22.59
CA ARG A 108 7.20 -13.93 22.96
C ARG A 108 6.93 -13.02 21.77
N ALA A 109 6.26 -11.90 22.04
CA ALA A 109 6.04 -10.90 21.02
C ALA A 109 7.36 -10.19 20.70
N LEU A 110 7.43 -9.63 19.50
CA LEU A 110 8.62 -8.95 19.01
C LEU A 110 8.27 -7.55 18.58
N ILE A 111 9.19 -6.62 18.80
CA ILE A 111 9.02 -5.23 18.36
C ILE A 111 10.29 -4.82 17.61
N VAL A 112 10.15 -4.54 16.32
CA VAL A 112 11.25 -4.10 15.48
C VAL A 112 11.17 -2.59 15.35
N HIS A 113 12.25 -1.91 15.71
CA HIS A 113 12.31 -0.45 15.71
C HIS A 113 13.44 0.01 14.81
N ALA A 114 13.12 0.89 13.87
CA ALA A 114 14.09 1.49 12.97
C ALA A 114 14.42 2.89 13.44
N PHE A 115 15.71 3.15 13.64
CA PHE A 115 16.19 4.41 14.19
C PHE A 115 16.92 5.20 13.10
N THR A 116 16.73 6.51 13.10
CA THR A 116 17.38 7.40 12.15
C THR A 116 17.75 8.70 12.86
N ASN A 117 18.96 9.18 12.59
CA ASN A 117 19.46 10.40 13.21
C ASN A 117 18.77 11.65 12.69
N LYS A 118 17.97 11.54 11.63
CA LYS A 118 17.35 12.70 11.01
C LYS A 118 16.05 13.12 11.70
N SER A 119 15.60 12.39 12.71
CA SER A 119 14.38 12.72 13.45
C SER A 119 14.74 13.02 14.89
N ALA A 120 14.44 14.24 15.34
CA ALA A 120 14.67 14.59 16.73
C ALA A 120 13.78 13.79 17.67
N PHE A 121 12.66 13.28 17.19
CA PHE A 121 11.78 12.46 18.02
C PHE A 121 12.53 11.24 18.54
N LEU A 122 13.15 10.48 17.64
CA LEU A 122 13.89 9.29 18.05
C LEU A 122 15.15 9.65 18.84
N GLU A 123 15.80 10.76 18.49
CA GLU A 123 16.98 11.19 19.23
C GLU A 123 16.63 11.46 20.69
N CYS A 124 15.51 12.16 20.93
CA CYS A 124 15.08 12.41 22.30
C CYS A 124 14.59 11.13 22.96
N LEU A 125 13.96 10.24 22.18
CA LEU A 125 13.55 8.95 22.71
C LEU A 125 14.74 8.20 23.28
N TRP A 126 15.86 8.20 22.57
CA TRP A 126 17.04 7.45 22.98
C TRP A 126 17.97 8.24 23.89
N THR A 127 17.75 9.55 24.07
CA THR A 127 18.58 10.36 24.95
C THR A 127 17.85 10.82 26.20
N TRP A 128 16.52 10.84 26.20
CA TRP A 128 15.77 11.28 27.37
C TRP A 128 15.75 10.19 28.42
N SER A 129 16.16 10.53 29.64
CA SER A 129 16.24 9.55 30.71
C SER A 129 14.86 8.99 31.06
N GLU A 130 13.82 9.82 30.98
CA GLU A 130 12.48 9.35 31.32
C GLU A 130 12.04 8.22 30.40
N SER A 131 12.32 8.34 29.10
CA SER A 131 11.94 7.29 28.16
C SER A 131 12.66 5.99 28.46
N LEU A 132 13.95 6.05 28.76
CA LEU A 132 14.70 4.84 29.08
C LEU A 132 14.19 4.21 30.37
N SER A 133 13.88 5.03 31.38
CA SER A 133 13.33 4.49 32.61
C SER A 133 11.98 3.82 32.36
N ASP A 134 11.14 4.44 31.54
CA ASP A 134 9.86 3.83 31.21
C ASP A 134 10.06 2.50 30.49
N LEU A 135 11.01 2.44 29.56
CA LEU A 135 11.30 1.18 28.88
C LEU A 135 11.73 0.11 29.86
N LEU A 136 12.63 0.47 30.79
CA LEU A 136 13.15 -0.52 31.72
C LEU A 136 12.11 -0.96 32.73
N ASP A 137 11.14 -0.10 33.05
CA ASP A 137 10.16 -0.40 34.08
C ASP A 137 8.91 -1.08 33.54
N TYR A 138 8.26 -0.47 32.56
CA TYR A 138 6.93 -0.90 32.12
C TYR A 138 6.97 -1.94 31.02
N LEU A 139 8.13 -2.30 30.49
CA LEU A 139 8.18 -3.29 29.43
C LEU A 139 7.86 -4.67 30.00
N PRO A 140 6.96 -5.43 29.39
CA PRO A 140 6.66 -6.78 29.90
C PRO A 140 7.89 -7.67 29.87
N SER A 141 7.83 -8.74 30.65
CA SER A 141 8.91 -9.71 30.71
C SER A 141 8.81 -10.78 29.62
N SER A 142 7.78 -10.72 28.78
CA SER A 142 7.56 -11.68 27.71
C SER A 142 7.55 -10.97 26.36
N THR A 143 8.51 -10.06 26.16
CA THR A 143 8.60 -9.29 24.92
C THR A 143 10.07 -9.09 24.57
N GLU A 144 10.36 -9.13 23.27
CA GLU A 144 11.70 -8.91 22.75
C GLU A 144 11.70 -7.73 21.81
N VAL A 145 12.81 -7.01 21.79
CA VAL A 145 12.96 -5.80 20.97
C VAL A 145 14.20 -5.95 20.11
N LEU A 146 14.05 -5.66 18.81
CA LEU A 146 15.15 -5.61 17.87
C LEU A 146 15.25 -4.20 17.31
N MET A 147 16.48 -3.71 17.18
CA MET A 147 16.74 -2.35 16.73
C MET A 147 17.59 -2.39 15.47
N LEU A 148 17.12 -1.71 14.43
CA LEU A 148 17.88 -1.52 13.20
C LEU A 148 18.10 -0.03 12.99
N SER A 149 19.13 0.30 12.19
CA SER A 149 19.46 1.68 11.89
C SER A 149 19.44 1.87 10.38
N MET A 150 18.57 2.77 9.92
CA MET A 150 18.49 3.09 8.50
C MET A 150 19.54 4.09 8.05
N ASP A 151 20.29 4.67 8.98
CA ASP A 151 21.32 5.63 8.65
C ASP A 151 22.59 4.90 8.18
N GLU A 152 23.48 5.67 7.56
CA GLU A 152 24.75 5.11 7.09
C GLU A 152 25.72 4.84 8.24
N THR A 153 25.41 5.28 9.45
CA THR A 153 26.25 5.04 10.62
C THR A 153 25.64 3.96 11.52
N ALA A 154 25.06 2.92 10.91
CA ALA A 154 24.40 1.89 11.70
C ALA A 154 25.35 1.22 12.68
N GLU A 155 26.59 0.97 12.24
CA GLU A 155 27.55 0.30 13.12
C GLU A 155 27.75 1.07 14.42
N GLN A 156 27.95 2.39 14.32
CA GLN A 156 28.11 3.21 15.52
C GLN A 156 26.78 3.49 16.19
N ASP A 157 25.69 3.58 15.43
CA ASP A 157 24.39 3.87 16.02
C ASP A 157 23.95 2.76 16.96
N ALA A 158 24.13 1.51 16.55
CA ALA A 158 23.75 0.39 17.40
C ALA A 158 24.54 0.39 18.71
N LEU A 159 25.85 0.64 18.61
CA LEU A 159 26.68 0.71 19.82
C LEU A 159 26.23 1.85 20.71
N TRP A 160 25.87 3.00 20.12
CA TRP A 160 25.40 4.13 20.91
C TRP A 160 24.11 3.78 21.65
N MET A 161 23.17 3.14 20.95
CA MET A 161 21.92 2.74 21.59
C MET A 161 22.17 1.75 22.72
N ARG A 162 23.04 0.77 22.48
CA ARG A 162 23.34 -0.21 23.52
C ARG A 162 23.99 0.46 24.73
N GLU A 163 24.90 1.40 24.48
CA GLU A 163 25.54 2.11 25.59
C GLU A 163 24.51 2.91 26.39
N GLN A 164 23.60 3.60 25.69
CA GLN A 164 22.57 4.37 26.38
C GLN A 164 21.70 3.46 27.23
N VAL A 165 21.28 2.32 26.68
CA VAL A 165 20.44 1.40 27.41
C VAL A 165 21.17 0.86 28.64
N TYR A 166 22.43 0.46 28.47
CA TYR A 166 23.19 -0.08 29.59
C TYR A 166 23.39 0.96 30.68
N ARG A 167 23.68 2.20 30.28
CA ARG A 167 23.86 3.26 31.26
C ARG A 167 22.55 3.54 32.01
N ALA A 168 21.43 3.52 31.31
CA ALA A 168 20.15 3.71 31.97
C ALA A 168 19.86 2.58 32.95
N ALA A 169 20.20 1.34 32.56
CA ALA A 169 19.94 0.18 33.40
C ALA A 169 20.94 0.04 34.54
N ALA A 170 21.99 0.87 34.57
CA ALA A 170 22.96 0.78 35.65
C ALA A 170 22.27 0.97 37.00
N HIS A 171 22.70 0.18 37.99
CA HIS A 171 22.09 0.19 39.31
C HIS A 171 20.59 -0.12 39.21
N ARG A 172 20.24 -1.05 38.33
CA ARG A 172 18.86 -1.42 38.09
C ARG A 172 18.82 -2.85 37.56
N GLY A 173 17.65 -3.29 37.10
CA GLY A 173 17.53 -4.62 36.56
C GLY A 173 18.31 -4.78 35.26
N LYS A 174 18.79 -6.00 35.03
CA LYS A 174 19.59 -6.30 33.86
C LYS A 174 19.05 -7.45 33.02
N GLU A 175 18.00 -8.14 33.49
CA GLU A 175 17.44 -9.24 32.70
C GLU A 175 16.86 -8.74 31.39
N ILE A 176 16.24 -7.55 31.40
CA ILE A 176 15.63 -7.01 30.20
C ILE A 176 16.66 -6.90 29.08
N LEU A 177 17.93 -6.68 29.42
CA LEU A 177 18.96 -6.56 28.39
C LEU A 177 19.03 -7.81 27.52
N SER A 178 18.72 -8.98 28.08
CA SER A 178 18.77 -10.20 27.31
C SER A 178 17.72 -10.22 26.21
N ARG A 179 16.67 -9.42 26.33
CA ARG A 179 15.61 -9.37 25.33
C ARG A 179 15.77 -8.23 24.34
N LEU A 180 16.86 -7.48 24.42
CA LEU A 180 17.14 -6.38 23.51
C LEU A 180 18.28 -6.77 22.59
N HIS A 181 18.09 -6.56 21.29
CA HIS A 181 19.09 -6.89 20.28
C HIS A 181 19.30 -5.70 19.37
N PHE A 182 20.56 -5.44 19.03
CA PHE A 182 20.94 -4.30 18.21
C PHE A 182 21.66 -4.81 16.96
N SER A 183 21.15 -4.45 15.80
CA SER A 183 21.70 -4.94 14.53
C SER A 183 22.52 -3.84 13.87
N PRO A 184 23.84 -3.97 13.77
CA PRO A 184 24.62 -2.97 13.03
C PRO A 184 24.48 -3.08 11.53
N THR A 185 23.78 -4.08 11.02
CA THR A 185 23.64 -4.26 9.58
C THR A 185 22.84 -3.11 8.96
N HIS A 186 23.28 -2.67 7.80
CA HIS A 186 22.57 -1.62 7.08
C HIS A 186 21.20 -2.12 6.63
N VAL A 187 20.25 -1.20 6.59
CA VAL A 187 18.88 -1.58 6.21
C VAL A 187 18.84 -2.06 4.76
N TYR A 188 19.67 -1.46 3.90
CA TYR A 188 19.72 -1.83 2.50
C TYR A 188 20.55 -3.07 2.24
N ASN A 189 20.93 -3.80 3.29
CA ASN A 189 21.73 -5.02 3.15
C ASN A 189 21.16 -6.18 3.94
N LEU A 190 19.95 -6.04 4.50
CA LEU A 190 19.37 -7.11 5.29
C LEU A 190 19.09 -8.35 4.44
N GLY A 191 18.60 -8.16 3.22
CA GLY A 191 18.21 -9.28 2.40
C GLY A 191 16.94 -9.94 2.85
N ASN A 192 16.09 -9.23 3.59
CA ASN A 192 14.86 -9.80 4.12
C ASN A 192 13.66 -8.96 3.72
N TRP A 193 12.50 -9.24 4.31
CA TRP A 193 11.27 -8.52 4.02
C TRP A 193 11.09 -7.28 4.88
N ILE A 194 11.97 -7.06 5.86
CA ILE A 194 11.78 -5.93 6.77
C ILE A 194 11.77 -4.59 6.04
N PRO A 195 12.71 -4.29 5.15
CA PRO A 195 12.67 -3.00 4.46
C PRO A 195 11.37 -2.74 3.71
N ARG A 196 10.77 -3.78 3.13
CA ARG A 196 9.51 -3.59 2.44
C ARG A 196 8.42 -3.11 3.40
N VAL A 197 8.36 -3.72 4.58
CA VAL A 197 7.39 -3.30 5.59
C VAL A 197 7.69 -1.88 6.05
N LEU A 198 8.96 -1.57 6.28
CA LEU A 198 9.32 -0.23 6.74
C LEU A 198 8.92 0.83 5.73
N TYR A 199 9.10 0.54 4.44
CA TYR A 199 8.78 1.51 3.41
C TYR A 199 7.27 1.60 3.17
N SER A 200 6.57 0.48 3.21
CA SER A 200 5.15 0.45 2.86
C SER A 200 4.22 0.80 4.01
N TRP A 201 4.72 0.82 5.25
CA TRP A 201 3.90 1.11 6.42
C TRP A 201 4.03 2.56 6.87
N GLY A 202 4.12 3.50 5.94
CA GLY A 202 4.29 4.91 6.26
C GLY A 202 3.30 5.42 7.29
N CYS A 203 3.81 6.17 8.26
CA CYS A 203 2.98 6.68 9.36
C CYS A 203 2.22 7.95 8.96
N GLY A 204 2.94 9.04 8.71
CA GLY A 204 2.31 10.32 8.45
C GLY A 204 1.26 10.69 9.48
N GLY A 205 1.67 10.94 10.70
CA GLY A 205 0.74 11.27 11.77
C GLY A 205 1.41 11.93 12.94
N HIS A 206 0.88 11.68 14.14
CA HIS A 206 1.37 12.32 15.36
C HIS A 206 2.83 11.96 15.62
N ASN A 207 3.67 12.98 15.72
CA ASN A 207 5.08 12.81 16.08
C ASN A 207 5.74 11.73 15.24
N CYS A 208 5.23 11.50 14.04
CA CYS A 208 5.76 10.50 13.12
C CYS A 208 5.74 11.11 11.72
N GLY A 209 6.92 11.21 11.12
CA GLY A 209 7.12 12.02 9.93
C GLY A 209 8.10 13.14 10.22
N LEU A 210 9.22 13.18 9.53
CA LEU A 210 10.31 14.06 9.91
C LEU A 210 9.87 15.52 9.87
N GLY A 211 9.80 16.14 11.04
CA GLY A 211 9.52 17.56 11.13
C GLY A 211 10.80 18.35 10.92
N GLN A 212 10.77 19.26 9.95
CA GLN A 212 11.96 19.99 9.53
C GLN A 212 11.67 21.49 9.50
N VAL A 213 12.72 22.26 9.78
CA VAL A 213 12.67 23.71 9.75
C VAL A 213 13.71 24.19 8.73
N VAL A 214 13.29 25.07 7.84
CA VAL A 214 14.13 25.57 6.75
C VAL A 214 14.32 27.07 6.97
N PHE A 215 15.58 27.47 7.12
CA PHE A 215 15.96 28.87 7.24
C PHE A 215 16.50 29.36 5.90
N SER A 216 15.90 30.43 5.39
CA SER A 216 16.29 30.98 4.09
C SER A 216 16.54 32.48 4.24
N SER A 217 17.59 32.96 3.59
CA SER A 217 17.95 34.36 3.56
C SER A 217 18.46 34.70 2.17
N PRO A 218 18.24 35.93 1.70
CA PRO A 218 18.75 36.30 0.37
C PRO A 218 20.27 36.19 0.26
N ASP A 219 20.99 36.46 1.35
CA ASP A 219 22.44 36.36 1.30
C ASP A 219 22.89 34.93 1.03
N TRP A 220 22.24 33.96 1.67
CA TRP A 220 22.65 32.57 1.52
C TRP A 220 22.27 32.04 0.15
N LYS A 221 23.20 31.36 -0.50
CA LYS A 221 22.93 30.73 -1.79
C LYS A 221 21.97 29.55 -1.66
N GLY A 222 21.83 29.00 -0.45
CA GLY A 222 20.94 27.87 -0.24
C GLY A 222 20.36 27.87 1.15
N PRO A 223 19.28 27.10 1.35
CA PRO A 223 18.63 27.06 2.66
C PRO A 223 19.41 26.21 3.66
N VAL A 224 19.06 26.37 4.93
CA VAL A 224 19.63 25.59 6.02
C VAL A 224 18.49 24.78 6.65
N ILE A 225 18.63 23.46 6.65
CA ILE A 225 17.58 22.56 7.09
C ILE A 225 18.00 21.95 8.42
N GLY A 226 17.08 21.96 9.39
CA GLY A 226 17.34 21.39 10.70
C GLY A 226 16.13 20.64 11.22
N LYS A 227 16.36 19.87 12.27
CA LYS A 227 15.31 19.09 12.90
C LYS A 227 14.61 19.91 13.98
N ARG A 228 13.32 19.65 14.16
CA ARG A 228 12.53 20.32 15.17
C ARG A 228 11.64 19.32 15.87
N LEU A 229 11.36 19.58 17.15
CA LEU A 229 10.47 18.77 17.96
C LEU A 229 9.37 19.67 18.50
N ASN A 230 8.14 19.42 18.05
CA ASN A 230 7.01 20.24 18.51
C ASN A 230 6.78 20.04 20.00
N ALA A 231 6.22 21.07 20.63
CA ALA A 231 5.93 21.01 22.05
C ALA A 231 4.94 19.90 22.35
N ARG A 232 4.72 19.66 23.63
CA ARG A 232 3.81 18.60 24.06
C ARG A 232 2.42 18.84 23.47
N TYR A 233 1.82 17.77 22.95
CA TYR A 233 0.50 17.89 22.32
C TYR A 233 -0.54 18.42 23.29
N ASP A 234 -0.42 18.10 24.58
CA ASP A 234 -1.41 18.49 25.56
C ASP A 234 -1.22 19.90 26.11
N TRP A 235 -0.13 20.57 25.72
CA TRP A 235 0.16 21.92 26.20
C TRP A 235 -0.18 23.00 25.19
N LEU A 236 0.30 22.85 23.96
CA LEU A 236 0.08 23.82 22.89
C LEU A 236 -0.62 23.13 21.73
N TYR A 237 -1.92 23.40 21.58
CA TYR A 237 -2.69 22.85 20.49
C TYR A 237 -2.51 23.61 19.18
N ALA A 238 -1.89 24.79 19.23
CA ALA A 238 -1.65 25.55 18.01
C ALA A 238 -0.69 24.80 17.10
N HIS A 239 -0.95 24.89 15.79
CA HIS A 239 -0.14 24.20 14.78
C HIS A 239 0.52 25.22 13.88
N TRP A 240 1.71 24.86 13.39
CA TRP A 240 2.44 25.72 12.48
C TRP A 240 1.72 25.79 11.12
N SER A 241 2.06 26.82 10.35
CA SER A 241 1.52 27.02 9.02
C SER A 241 2.62 26.85 7.98
N THR A 242 2.23 26.30 6.82
CA THR A 242 3.19 26.08 5.75
C THR A 242 3.74 27.39 5.19
N ASP A 243 3.05 28.51 5.42
CA ASP A 243 3.52 29.78 4.91
C ASP A 243 4.81 30.20 5.63
N PRO A 244 5.69 30.92 4.93
CA PRO A 244 6.94 31.35 5.57
C PRO A 244 6.70 32.36 6.68
N TYR A 245 7.59 32.34 7.66
CA TYR A 245 7.57 33.26 8.78
C TYR A 245 8.84 34.11 8.76
N ARG A 246 8.94 35.02 9.73
CA ARG A 246 10.13 35.81 9.94
C ARG A 246 10.90 35.25 11.13
N LEU A 247 11.95 35.95 11.54
CA LEU A 247 12.77 35.50 12.66
C LEU A 247 13.43 36.71 13.30
N LEU A 248 13.24 36.87 14.61
CA LEU A 248 13.81 37.98 15.36
C LEU A 248 14.50 37.42 16.60
N ASP A 249 15.70 37.92 16.88
CA ASP A 249 16.45 37.49 18.05
C ASP A 249 15.94 38.20 19.29
N VAL A 250 15.63 37.43 20.32
CA VAL A 250 15.07 37.97 21.56
C VAL A 250 15.86 37.44 22.76
N GLY A 251 17.08 36.99 22.52
CA GLY A 251 17.89 36.47 23.60
C GLY A 251 17.23 35.29 24.28
N ASP A 252 17.25 35.31 25.61
CA ASP A 252 16.64 34.23 26.38
C ASP A 252 15.14 34.13 26.10
N GLY A 253 14.47 35.27 26.04
CA GLY A 253 13.05 35.31 25.72
C GLY A 253 12.12 35.25 26.91
N CYS A 254 12.65 35.22 28.12
CA CYS A 254 11.82 35.19 29.32
C CYS A 254 11.56 36.59 29.88
N ALA A 255 11.98 37.63 29.17
CA ALA A 255 11.69 39.01 29.53
C ALA A 255 10.88 39.65 28.42
N PRO A 256 9.67 40.15 28.69
CA PRO A 256 8.87 40.73 27.60
C PRO A 256 9.60 41.88 26.92
N VAL A 257 9.38 42.00 25.61
CA VAL A 257 10.00 43.04 24.80
C VAL A 257 8.91 43.94 24.24
N ALA A 258 9.31 44.95 23.47
CA ALA A 258 8.37 45.91 22.91
C ALA A 258 7.34 45.22 22.02
N SER A 259 7.79 44.63 20.91
CA SER A 259 6.90 43.94 19.99
C SER A 259 7.73 43.30 18.89
N LEU A 260 7.18 42.24 18.30
CA LEU A 260 7.81 41.56 17.17
C LEU A 260 7.02 41.71 15.88
N LYS A 261 5.76 42.11 15.95
CA LYS A 261 4.93 42.33 14.76
C LYS A 261 4.79 41.05 13.94
N GLY A 262 4.23 40.03 14.58
CA GLY A 262 3.98 38.77 13.91
C GLY A 262 5.23 38.09 13.40
N ALA A 263 6.34 38.21 14.13
CA ALA A 263 7.61 37.60 13.76
C ALA A 263 7.94 36.50 14.75
N VAL A 264 8.24 35.31 14.24
CA VAL A 264 8.60 34.19 15.10
C VAL A 264 9.82 34.56 15.93
N ALA A 265 9.78 34.23 17.22
CA ALA A 265 10.86 34.54 18.13
C ALA A 265 11.94 33.48 18.07
N TRP A 266 13.19 33.93 18.23
CA TRP A 266 14.37 33.07 18.22
C TRP A 266 14.98 33.13 19.61
N VAL A 267 14.65 32.16 20.45
CA VAL A 267 15.05 32.18 21.85
C VAL A 267 16.04 31.04 22.12
N SER A 268 16.78 31.18 23.21
CA SER A 268 17.79 30.24 23.63
C SER A 268 17.34 29.52 24.90
N GLU A 269 17.43 28.20 24.90
CA GLU A 269 17.03 27.42 26.06
C GLU A 269 17.92 27.76 27.25
N GLY A 270 17.32 27.73 28.44
CA GLY A 270 18.04 27.99 29.66
C GLY A 270 17.84 29.43 30.14
N GLY A 271 18.27 29.67 31.38
CA GLY A 271 18.15 30.98 31.99
C GLY A 271 16.87 31.15 32.77
N CYS A 272 15.74 30.82 32.14
CA CYS A 272 14.43 30.94 32.78
C CYS A 272 13.60 29.72 32.38
N SER A 273 12.30 29.81 32.62
CA SER A 273 11.39 28.70 32.32
C SER A 273 10.94 28.74 30.87
N PHE A 274 10.60 27.56 30.35
CA PHE A 274 10.13 27.46 28.97
C PHE A 274 8.74 28.05 28.83
N PHE A 275 7.83 27.69 29.74
CA PHE A 275 6.50 28.28 29.73
C PHE A 275 6.58 29.79 29.85
N THR A 276 7.47 30.29 30.71
CA THR A 276 7.65 31.73 30.84
C THR A 276 8.11 32.34 29.53
N LYS A 277 9.04 31.68 28.84
CA LYS A 277 9.49 32.18 27.54
C LYS A 277 8.34 32.28 26.55
N ILE A 278 7.54 31.23 26.44
CA ILE A 278 6.44 31.24 25.49
C ILE A 278 5.43 32.31 25.87
N LYS A 279 5.14 32.45 27.15
CA LYS A 279 4.17 33.46 27.60
C LYS A 279 4.66 34.86 27.27
N ASN A 280 5.94 35.15 27.55
CA ASN A 280 6.47 36.47 27.26
C ASN A 280 6.48 36.74 25.76
N MET A 281 6.81 35.74 24.95
CA MET A 281 6.80 35.93 23.51
C MET A 281 5.39 36.19 22.98
N GLU A 282 4.40 35.45 23.50
CA GLU A 282 3.03 35.70 23.09
C GLU A 282 2.57 37.09 23.52
N LYS A 283 2.94 37.51 24.73
CA LYS A 283 2.61 38.85 25.19
C LYS A 283 3.28 39.93 24.33
N SER A 284 4.39 39.59 23.66
CA SER A 284 5.10 40.51 22.80
C SER A 284 4.58 40.48 21.37
N ASN A 285 3.37 39.96 21.15
CA ASN A 285 2.76 39.91 19.82
C ASN A 285 3.64 39.13 18.85
N ALA A 286 3.82 37.84 19.15
CA ALA A 286 4.60 36.92 18.34
C ALA A 286 3.73 35.77 17.88
N THR A 287 3.84 35.42 16.61
CA THR A 287 3.07 34.32 16.04
C THR A 287 3.62 32.96 16.42
N GLY A 288 4.85 32.89 16.91
CA GLY A 288 5.44 31.61 17.28
C GLY A 288 6.77 31.82 17.96
N VAL A 289 7.30 30.72 18.49
CA VAL A 289 8.57 30.72 19.21
C VAL A 289 9.39 29.53 18.75
N LEU A 290 10.71 29.71 18.73
CA LEU A 290 11.64 28.65 18.35
C LEU A 290 12.81 28.68 19.31
N VAL A 291 12.96 27.61 20.09
CA VAL A 291 14.03 27.49 21.08
C VAL A 291 15.18 26.73 20.43
N TYR A 292 16.36 27.33 20.42
CA TYR A 292 17.55 26.67 19.91
C TYR A 292 18.40 26.21 21.09
N ALA A 293 18.74 24.93 21.11
CA ALA A 293 19.55 24.39 22.19
C ALA A 293 20.98 24.87 22.06
N LEU A 294 21.62 25.09 23.20
CA LEU A 294 23.00 25.56 23.20
C LEU A 294 23.89 24.52 22.55
N PRO A 295 25.03 24.93 21.99
CA PRO A 295 25.92 23.97 21.33
C PRO A 295 26.33 22.85 22.28
N GLY A 296 26.27 21.62 21.78
CA GLY A 296 26.59 20.45 22.58
C GLY A 296 25.45 19.91 23.40
N ASN A 297 24.30 20.57 23.40
CA ASN A 297 23.15 20.12 24.17
C ASN A 297 22.23 19.28 23.28
N ASN A 298 21.07 18.93 23.79
CA ASN A 298 20.11 18.10 23.08
C ASN A 298 18.72 18.71 23.16
N ILE A 299 17.88 18.34 22.20
CA ILE A 299 16.51 18.82 22.18
C ILE A 299 15.74 18.24 23.36
N GLN A 300 14.75 18.99 23.83
CA GLN A 300 13.93 18.58 24.96
C GLN A 300 12.47 18.69 24.59
N ASP A 301 11.64 17.93 25.32
CA ASP A 301 10.19 17.94 25.11
C ASP A 301 9.60 19.08 25.92
N MET A 302 8.94 20.01 25.22
CA MET A 302 8.36 21.18 25.87
C MET A 302 7.04 20.79 26.55
N ASN A 303 6.96 21.02 27.85
CA ASN A 303 5.75 20.74 28.60
C ASN A 303 5.69 21.64 29.82
N CYS A 304 4.51 21.70 30.44
CA CYS A 304 4.26 22.57 31.57
C CYS A 304 4.58 21.83 32.87
N LYS A 305 4.32 22.51 34.00
CA LYS A 305 4.52 21.92 35.32
C LYS A 305 3.52 22.58 36.28
N GLY A 306 2.41 21.88 36.50
CA GLY A 306 1.43 22.32 37.49
C GLY A 306 0.74 23.64 37.14
N ASP A 307 1.12 24.70 37.87
CA ASP A 307 0.45 25.99 37.69
C ASP A 307 0.54 26.48 36.25
N GLU A 308 1.55 26.03 35.51
CA GLU A 308 1.73 26.50 34.14
C GLU A 308 0.64 25.97 33.22
N CYS A 309 0.11 24.78 33.52
CA CYS A 309 -0.84 24.12 32.64
C CYS A 309 -2.23 24.73 32.68
N PHE A 310 -2.64 25.30 33.81
CA PHE A 310 -3.93 25.96 33.87
C PHE A 310 -4.02 27.05 32.81
N THR A 311 -2.97 27.86 32.71
CA THR A 311 -2.94 28.90 31.68
C THR A 311 -2.91 28.27 30.30
N SER A 312 -3.59 28.93 29.35
CA SER A 312 -3.68 28.46 27.98
C SER A 312 -2.97 29.44 27.06
N LEU A 313 -2.14 28.92 26.17
CA LEU A 313 -1.40 29.71 25.20
C LEU A 313 -1.83 29.29 23.80
N HIS A 314 -2.09 30.28 22.95
CA HIS A 314 -2.68 30.05 21.64
C HIS A 314 -1.69 30.16 20.49
N ILE A 315 -0.39 30.08 20.78
CA ILE A 315 0.63 30.15 19.73
C ILE A 315 1.44 28.85 19.75
N PRO A 316 1.94 28.38 18.62
CA PRO A 316 2.74 27.16 18.61
C PRO A 316 4.19 27.44 18.98
N ALA A 317 4.92 26.35 19.22
CA ALA A 317 6.32 26.45 19.58
C ALA A 317 7.01 25.14 19.25
N SER A 318 8.33 25.21 19.10
CA SER A 318 9.13 24.03 18.82
C SER A 318 10.57 24.30 19.26
N MET A 319 11.32 23.22 19.44
CA MET A 319 12.70 23.30 19.89
C MET A 319 13.61 22.69 18.83
N VAL A 320 14.72 23.38 18.55
CA VAL A 320 15.66 22.98 17.52
C VAL A 320 17.08 23.12 18.06
N HIS A 321 18.05 22.85 17.21
CA HIS A 321 19.46 22.99 17.56
C HIS A 321 19.93 24.41 17.21
N PHE A 322 21.18 24.70 17.56
CA PHE A 322 21.76 26.02 17.32
C PHE A 322 22.47 26.04 15.97
N GLN A 323 22.20 27.09 15.19
CA GLN A 323 22.81 27.28 13.88
C GLN A 323 23.62 28.57 13.91
N PRO A 324 24.94 28.53 13.70
CA PRO A 324 25.70 29.79 13.68
C PRO A 324 25.25 30.73 12.57
N LYS A 325 24.77 30.21 11.45
CA LYS A 325 24.45 31.04 10.30
C LYS A 325 23.31 32.01 10.63
N VAL A 326 22.23 31.50 11.25
CA VAL A 326 21.10 32.37 11.57
C VAL A 326 21.51 33.43 12.58
N LYS A 327 22.32 33.04 13.57
CA LYS A 327 22.80 34.02 14.54
C LYS A 327 23.62 35.10 13.88
N GLU A 328 24.53 34.73 12.98
CA GLU A 328 25.34 35.72 12.30
C GLU A 328 24.48 36.63 11.43
N ALA A 329 23.49 36.06 10.73
CA ALA A 329 22.61 36.88 9.90
C ALA A 329 21.81 37.86 10.75
N LEU A 330 21.29 37.41 11.88
CA LEU A 330 20.54 38.30 12.75
C LEU A 330 21.44 39.40 13.30
N GLN A 331 22.67 39.06 13.65
CA GLN A 331 23.61 40.09 14.10
C GLN A 331 23.86 41.11 13.00
N LYS A 332 24.02 40.64 11.75
CA LYS A 332 24.16 41.56 10.62
C LYS A 332 22.92 42.40 10.41
N GLY A 333 21.77 41.95 10.89
CA GLY A 333 20.51 42.62 10.63
C GLY A 333 19.82 42.22 9.35
N ARG A 334 20.38 41.25 8.61
CA ARG A 334 19.77 40.83 7.37
C ARG A 334 18.45 40.12 7.63
N PRO A 335 17.45 40.31 6.76
CA PRO A 335 16.18 39.58 6.94
C PRO A 335 16.41 38.07 6.88
N VAL A 336 15.65 37.36 7.69
CA VAL A 336 15.70 35.90 7.76
C VAL A 336 14.29 35.36 7.77
N ASN A 337 14.03 34.35 6.95
CA ASN A 337 12.73 33.71 6.87
C ASN A 337 12.85 32.25 7.30
N VAL A 338 11.79 31.73 7.91
CA VAL A 338 11.76 30.37 8.42
C VAL A 338 10.48 29.70 7.97
N LYS A 339 10.59 28.44 7.56
CA LYS A 339 9.47 27.64 7.09
C LYS A 339 9.49 26.30 7.81
N PHE A 340 8.31 25.71 7.97
CA PHE A 340 8.15 24.44 8.65
C PHE A 340 7.52 23.43 7.71
N GLN A 341 8.08 22.22 7.66
CA GLN A 341 7.60 21.18 6.77
C GLN A 341 7.64 19.84 7.47
N VAL A 342 6.94 18.87 6.89
CA VAL A 342 6.87 17.51 7.41
C VAL A 342 7.18 16.58 6.24
N THR A 343 8.42 16.09 6.18
CA THR A 343 8.81 15.15 5.16
C THR A 343 8.35 13.74 5.56
N PRO A 344 7.59 13.04 4.71
CA PRO A 344 7.20 11.67 5.05
C PRO A 344 8.42 10.78 5.20
N SER A 345 8.31 9.81 6.10
CA SER A 345 9.43 8.93 6.41
C SER A 345 9.01 7.47 6.38
N ARG A 346 9.92 6.59 6.78
CA ARG A 346 9.66 5.16 6.85
C ARG A 346 9.22 4.78 8.26
N SER A 347 8.43 3.72 8.34
CA SER A 347 7.91 3.28 9.63
C SER A 347 9.05 2.99 10.59
N PHE A 348 8.95 3.56 11.79
CA PHE A 348 9.98 3.40 12.81
C PHE A 348 9.68 2.26 13.79
N PHE A 349 8.49 1.68 13.72
CA PHE A 349 8.11 0.61 14.65
C PHE A 349 7.13 -0.32 13.97
N PHE A 350 7.34 -1.62 14.14
CA PHE A 350 6.33 -2.60 13.76
C PHE A 350 6.50 -3.84 14.61
N GLY A 351 5.38 -4.46 14.98
CA GLY A 351 5.37 -5.53 15.95
C GLY A 351 4.85 -6.83 15.38
N ILE A 352 5.34 -7.93 15.95
CA ILE A 352 4.87 -9.28 15.64
C ILE A 352 4.28 -9.85 16.92
N ASP A 353 3.00 -10.22 16.87
CA ASP A 353 2.30 -10.69 18.04
C ASP A 353 2.91 -12.01 18.53
N GLN A 354 2.37 -12.50 19.65
CA GLN A 354 2.85 -13.76 20.21
C GLN A 354 2.59 -14.93 19.27
N ARG A 355 1.66 -14.79 18.33
CA ARG A 355 1.31 -15.85 17.39
C ARG A 355 1.90 -15.62 16.01
N GLY A 356 2.83 -14.68 15.87
CA GLY A 356 3.50 -14.45 14.61
C GLY A 356 2.74 -13.58 13.63
N VAL A 357 1.77 -12.81 14.10
CA VAL A 357 0.97 -11.95 13.24
C VAL A 357 1.53 -10.54 13.28
N LEU A 358 1.76 -9.96 12.11
CA LEU A 358 2.24 -8.58 12.04
C LEU A 358 1.17 -7.63 12.58
N SER A 359 1.61 -6.65 13.37
CA SER A 359 0.70 -5.71 14.00
C SER A 359 1.32 -4.31 13.99
N GLU A 360 0.47 -3.31 13.79
CA GLU A 360 0.91 -1.92 13.86
C GLU A 360 1.00 -1.47 15.31
N MET A 361 1.94 -0.57 15.58
CA MET A 361 2.20 -0.07 16.92
C MET A 361 1.57 1.29 17.18
N GLY A 362 0.78 1.81 16.24
CA GLY A 362 0.07 3.05 16.48
C GLY A 362 0.99 4.26 16.46
N TRP A 363 0.55 5.31 17.16
CA TRP A 363 1.25 6.59 17.17
C TRP A 363 1.88 6.83 18.54
N PHE A 364 2.90 7.69 18.55
CA PHE A 364 3.60 8.10 19.76
C PHE A 364 3.30 9.58 19.98
N LEU A 365 2.51 9.87 21.02
CA LEU A 365 2.12 11.26 21.28
C LEU A 365 3.34 12.10 21.65
N TYR A 366 4.19 11.58 22.53
CA TYR A 366 5.40 12.27 22.94
C TYR A 366 6.53 11.24 23.04
N PRO A 367 7.78 11.69 22.95
CA PRO A 367 8.90 10.73 22.88
C PRO A 367 9.16 10.01 24.20
N SER A 368 8.40 8.95 24.44
CA SER A 368 8.62 8.08 25.58
C SER A 368 8.44 6.64 25.13
N PHE A 369 9.34 5.76 25.58
CA PHE A 369 9.25 4.35 25.22
C PHE A 369 8.00 3.69 25.78
N ARG A 370 7.33 4.32 26.74
CA ARG A 370 6.15 3.73 27.34
C ARG A 370 5.13 3.32 26.29
N PHE A 371 4.99 4.12 25.23
CA PHE A 371 4.01 3.82 24.20
C PHE A 371 4.24 2.44 23.60
N MET A 372 5.49 2.02 23.47
CA MET A 372 5.76 0.66 23.02
C MET A 372 5.29 -0.35 24.06
N ALA A 373 5.68 -0.15 25.33
CA ALA A 373 5.32 -1.11 26.38
C ALA A 373 3.83 -1.36 26.40
N TRP A 374 3.03 -0.29 26.41
CA TRP A 374 1.58 -0.45 26.39
C TRP A 374 1.16 -1.36 25.24
N GLN A 375 1.66 -1.08 24.04
CA GLN A 375 1.35 -1.95 22.91
C GLN A 375 1.68 -3.39 23.24
N ALA A 376 2.88 -3.64 23.76
CA ALA A 376 3.25 -4.99 24.15
C ALA A 376 2.21 -5.57 25.10
N GLN A 377 1.82 -4.80 26.12
CA GLN A 377 0.79 -5.26 27.05
C GLN A 377 -0.43 -5.74 26.28
N TRP A 378 -0.91 -4.92 25.33
CA TRP A 378 -2.08 -5.30 24.55
C TRP A 378 -1.89 -6.69 23.94
N PHE A 379 -0.72 -6.92 23.32
CA PHE A 379 -0.46 -8.23 22.73
C PHE A 379 -0.75 -9.33 23.72
N VAL A 380 -0.19 -9.21 24.93
CA VAL A 380 -0.45 -10.21 25.97
C VAL A 380 -1.95 -10.43 26.10
N PHE A 381 -2.69 -9.35 26.36
CA PHE A 381 -4.14 -9.47 26.49
C PHE A 381 -4.72 -10.20 25.29
N ASN A 382 -4.34 -9.79 24.08
CA ASN A 382 -4.86 -10.43 22.89
C ASN A 382 -4.70 -11.94 22.97
N ASP A 383 -3.49 -12.40 23.30
CA ASP A 383 -3.27 -13.83 23.46
C ASP A 383 -4.24 -14.41 24.49
N ALA A 384 -4.27 -13.81 25.69
CA ALA A 384 -5.19 -14.29 26.70
C ALA A 384 -6.63 -14.25 26.21
N LEU A 385 -6.95 -13.33 25.30
CA LEU A 385 -8.29 -13.30 24.73
C LEU A 385 -8.50 -14.46 23.77
N LEU A 386 -7.52 -14.70 22.89
CA LEU A 386 -7.70 -15.76 21.89
C LEU A 386 -7.80 -17.13 22.53
N GLU A 387 -7.21 -17.30 23.72
CA GLU A 387 -7.36 -18.56 24.44
C GLU A 387 -8.77 -18.71 24.99
N GLN A 388 -9.37 -17.59 25.42
CA GLN A 388 -10.74 -17.66 25.96
C GLN A 388 -11.73 -18.06 24.88
N LEU A 389 -11.61 -17.46 23.69
CA LEU A 389 -12.55 -17.78 22.62
C LEU A 389 -12.44 -19.23 22.19
N SER A 390 -11.24 -19.83 22.30
CA SER A 390 -11.05 -21.22 21.93
C SER A 390 -11.73 -22.18 22.90
N GLN A 391 -12.17 -21.70 24.06
CA GLN A 391 -12.80 -22.58 25.03
C GLN A 391 -14.18 -23.01 24.54
N PRO A 392 -14.70 -24.12 25.06
CA PRO A 392 -16.03 -24.58 24.64
C PRO A 392 -17.08 -23.51 24.89
N ALA A 393 -17.94 -23.29 23.89
CA ALA A 393 -19.00 -22.31 23.98
C ALA A 393 -19.86 -22.40 22.74
N VAL A 394 -21.14 -22.05 22.90
CA VAL A 394 -22.07 -21.99 21.78
C VAL A 394 -21.96 -20.60 21.15
N THR A 395 -21.50 -20.55 19.90
CA THR A 395 -21.22 -19.29 19.22
C THR A 395 -22.32 -18.99 18.21
N VAL A 396 -22.80 -17.76 18.22
CA VAL A 396 -23.79 -17.28 17.26
C VAL A 396 -23.27 -15.97 16.67
N SER A 397 -23.01 -15.97 15.37
CA SER A 397 -22.45 -14.80 14.70
C SER A 397 -23.57 -13.86 14.29
N VAL A 398 -23.49 -12.61 14.74
CA VAL A 398 -24.49 -11.60 14.40
C VAL A 398 -24.02 -10.72 13.26
N PHE A 399 -22.76 -10.28 13.31
CA PHE A 399 -22.17 -9.45 12.27
C PHE A 399 -20.83 -10.04 11.87
N ASP A 400 -20.54 -9.98 10.56
CA ASP A 400 -19.26 -10.43 10.01
C ASP A 400 -18.73 -9.28 9.16
N HIS A 401 -18.00 -8.36 9.79
CA HIS A 401 -17.48 -7.18 9.11
C HIS A 401 -18.60 -6.34 8.52
N HIS A 402 -19.76 -6.33 9.18
CA HIS A 402 -20.89 -5.55 8.71
C HIS A 402 -20.58 -4.06 8.80
N ASP A 403 -20.91 -3.34 7.73
CA ASP A 403 -20.62 -1.91 7.68
C ASP A 403 -21.55 -1.16 8.63
N MET A 404 -21.00 -0.11 9.26
CA MET A 404 -21.76 0.76 10.15
C MET A 404 -21.51 2.21 9.78
N HIS A 405 -22.61 2.95 9.58
CA HIS A 405 -22.57 4.39 9.37
C HIS A 405 -24.02 4.86 9.27
N GLY A 406 -24.24 6.12 9.64
CA GLY A 406 -25.56 6.69 9.59
C GLY A 406 -26.44 6.23 10.74
N ASN A 407 -27.73 6.53 10.59
CA ASN A 407 -28.69 6.20 11.66
C ASN A 407 -28.92 4.70 11.75
N ALA A 408 -29.06 4.03 10.60
CA ALA A 408 -29.34 2.59 10.63
C ALA A 408 -28.19 1.81 11.25
N GLY A 409 -26.95 2.25 11.04
CA GLY A 409 -25.80 1.55 11.56
C GLY A 409 -25.63 0.19 10.95
N ALA A 410 -25.84 -0.86 11.75
CA ALA A 410 -25.74 -2.24 11.27
C ALA A 410 -26.86 -3.04 11.90
N HIS A 411 -27.82 -3.46 11.07
CA HIS A 411 -28.97 -4.23 11.53
C HIS A 411 -28.87 -5.65 11.00
N ALA A 412 -29.17 -6.62 11.86
CA ALA A 412 -29.13 -8.01 11.47
C ALA A 412 -30.21 -8.78 12.23
N VAL A 413 -30.55 -9.95 11.71
CA VAL A 413 -31.54 -10.84 12.34
C VAL A 413 -30.88 -12.20 12.52
N VAL A 414 -31.02 -12.77 13.72
CA VAL A 414 -30.40 -14.04 14.04
C VAL A 414 -31.44 -14.97 14.66
N ASP A 415 -31.15 -16.26 14.58
CA ASP A 415 -32.00 -17.31 15.14
C ASP A 415 -31.21 -17.98 16.26
N LEU A 416 -31.55 -17.65 17.50
CA LEU A 416 -30.83 -18.17 18.64
C LEU A 416 -31.18 -19.64 18.88
N PRO A 417 -30.36 -20.36 19.65
CA PRO A 417 -30.66 -21.77 19.93
C PRO A 417 -32.08 -21.99 20.43
N ALA A 418 -32.55 -23.23 20.35
CA ALA A 418 -33.93 -23.53 20.75
C ALA A 418 -34.16 -23.21 22.21
N ASP A 419 -33.22 -23.57 23.08
CA ASP A 419 -33.33 -23.37 24.52
C ASP A 419 -32.03 -22.80 25.04
N ILE A 420 -32.07 -21.55 25.51
CA ILE A 420 -30.91 -20.91 26.13
C ILE A 420 -31.00 -20.95 27.65
N SER A 421 -32.01 -21.62 28.20
CA SER A 421 -32.13 -21.72 29.66
C SER A 421 -30.91 -22.34 30.30
N PRO A 422 -30.39 -23.48 29.85
CA PRO A 422 -29.22 -24.07 30.53
C PRO A 422 -28.00 -23.17 30.52
N TYR A 423 -27.86 -22.32 29.50
CA TYR A 423 -26.71 -21.42 29.42
C TYR A 423 -26.94 -20.25 30.36
N ASP A 424 -26.28 -20.28 31.51
CA ASP A 424 -26.38 -19.22 32.51
C ASP A 424 -25.36 -18.11 32.30
N VAL A 425 -24.49 -18.23 31.30
CA VAL A 425 -23.47 -17.23 31.02
C VAL A 425 -23.57 -16.84 29.56
N LEU A 426 -23.62 -15.54 29.30
CA LEU A 426 -23.67 -15.00 27.95
C LEU A 426 -22.64 -13.90 27.83
N GLU A 427 -21.79 -13.98 26.81
CA GLU A 427 -20.75 -12.99 26.56
C GLU A 427 -20.84 -12.52 25.12
N LEU A 428 -20.31 -11.31 24.89
CA LEU A 428 -20.26 -10.72 23.56
C LEU A 428 -18.80 -10.50 23.18
N ASP A 429 -18.40 -11.08 22.06
CA ASP A 429 -17.09 -10.87 21.47
C ASP A 429 -17.26 -9.91 20.30
N THR A 430 -16.62 -8.75 20.39
CA THR A 430 -16.81 -7.68 19.40
C THR A 430 -15.46 -7.26 18.84
N SER A 431 -15.47 -6.90 17.56
CA SER A 431 -14.29 -6.40 16.88
C SER A 431 -14.73 -5.28 15.95
N LEU A 432 -14.24 -4.07 16.20
CA LEU A 432 -14.57 -2.88 15.41
C LEU A 432 -13.36 -2.51 14.58
N SER A 433 -13.33 -2.97 13.34
CA SER A 433 -12.23 -2.71 12.42
C SER A 433 -12.63 -1.62 11.43
N CYS A 434 -11.71 -1.32 10.53
CA CYS A 434 -11.87 -0.29 9.52
C CYS A 434 -12.00 -0.91 8.14
N PRO A 435 -12.40 -0.12 7.14
CA PRO A 435 -12.54 -0.69 5.79
C PRO A 435 -11.28 -1.35 5.28
N GLY A 436 -10.11 -0.84 5.63
CA GLY A 436 -8.86 -1.43 5.20
C GLY A 436 -8.07 -2.02 6.36
N ARG A 437 -7.08 -2.85 6.04
CA ARG A 437 -6.27 -3.46 7.08
C ARG A 437 -5.47 -2.40 7.84
N ARG A 438 -4.93 -1.42 7.13
CA ARG A 438 -4.10 -0.41 7.75
C ARG A 438 -4.93 0.51 8.63
N ASP A 439 -4.29 1.09 9.64
CA ASP A 439 -4.98 1.98 10.56
C ASP A 439 -5.24 3.35 9.95
N GLU A 440 -4.55 3.69 8.86
CA GLU A 440 -4.75 4.99 8.23
C GLU A 440 -6.14 5.15 7.65
N THR A 441 -6.82 4.05 7.34
CA THR A 441 -8.15 4.08 6.75
C THR A 441 -9.26 4.05 7.79
N CYS A 442 -8.98 4.53 9.00
CA CYS A 442 -9.92 4.46 10.11
C CYS A 442 -10.43 5.86 10.46
N ALA A 443 -11.51 5.88 11.24
CA ALA A 443 -12.09 7.14 11.68
C ALA A 443 -11.11 7.90 12.56
N HIS A 444 -11.14 9.22 12.45
CA HIS A 444 -10.23 10.08 13.19
C HIS A 444 -10.85 10.62 14.49
N TRP A 445 -11.85 9.93 15.01
CA TRP A 445 -12.53 10.39 16.22
C TRP A 445 -13.07 9.19 16.98
N ASP A 446 -13.34 9.40 18.27
CA ASP A 446 -13.91 8.38 19.14
C ASP A 446 -15.40 8.62 19.28
N HIS A 447 -16.21 7.62 18.93
CA HIS A 447 -17.65 7.71 18.98
C HIS A 447 -18.22 6.49 19.68
N THR A 448 -19.23 6.72 20.52
CA THR A 448 -19.85 5.63 21.25
C THR A 448 -20.60 4.71 20.31
N VAL A 449 -20.70 3.44 20.70
CA VAL A 449 -21.40 2.41 19.94
C VAL A 449 -22.30 1.64 20.89
N GLN A 450 -23.55 1.43 20.49
CA GLN A 450 -24.53 0.77 21.34
C GLN A 450 -25.20 -0.34 20.56
N LEU A 451 -25.43 -1.47 21.24
CA LEU A 451 -26.10 -2.63 20.66
C LEU A 451 -27.48 -2.76 21.28
N PHE A 452 -28.51 -2.60 20.47
CA PHE A 452 -29.89 -2.80 20.90
C PHE A 452 -30.41 -4.11 20.34
N VAL A 453 -31.32 -4.72 21.08
CA VAL A 453 -31.89 -6.02 20.72
C VAL A 453 -33.40 -5.94 20.82
N CYS A 454 -34.08 -6.50 19.80
CA CYS A 454 -35.54 -6.57 19.79
C CYS A 454 -35.94 -7.97 19.41
N CYS A 455 -36.76 -8.61 20.25
CA CYS A 455 -37.27 -9.94 19.99
C CYS A 455 -38.78 -10.02 20.00
N ASN A 456 -39.47 -9.01 20.53
CA ASN A 456 -40.94 -8.99 20.51
C ASN A 456 -41.38 -7.54 20.65
N ASP A 457 -41.89 -6.97 19.56
CA ASP A 457 -42.29 -5.56 19.59
C ASP A 457 -43.36 -5.29 20.63
N SER A 458 -44.11 -6.31 21.04
CA SER A 458 -45.14 -6.17 22.05
C SER A 458 -44.61 -6.34 23.47
N SER A 459 -43.31 -6.17 23.66
CA SER A 459 -42.68 -6.32 24.96
C SER A 459 -41.79 -5.13 25.26
N PRO A 460 -41.62 -4.77 26.53
CA PRO A 460 -40.75 -3.63 26.86
C PRO A 460 -39.28 -3.86 26.54
N TYR A 461 -38.86 -5.10 26.37
CA TYR A 461 -37.45 -5.39 26.14
C TYR A 461 -36.96 -4.95 24.76
N CYS A 462 -37.86 -4.64 23.84
CA CYS A 462 -37.44 -4.25 22.49
C CYS A 462 -36.68 -2.94 22.53
N ASN A 463 -35.66 -2.85 21.68
CA ASN A 463 -34.81 -1.67 21.53
C ASN A 463 -34.01 -1.37 22.79
N GLN A 464 -34.00 -2.26 23.76
CA GLN A 464 -33.19 -2.05 24.96
C GLN A 464 -31.72 -2.29 24.66
N GLU A 465 -30.86 -1.55 25.34
CA GLU A 465 -29.42 -1.65 25.12
C GLU A 465 -28.88 -2.91 25.79
N LEU A 466 -28.02 -3.61 25.06
CA LEU A 466 -27.38 -4.83 25.54
C LEU A 466 -25.89 -4.66 25.81
N GLY A 467 -25.21 -3.84 25.01
CA GLY A 467 -23.79 -3.60 25.21
C GLY A 467 -23.39 -2.25 24.67
N ARG A 468 -22.31 -1.72 25.23
CA ARG A 468 -21.77 -0.42 24.85
C ARG A 468 -20.27 -0.51 24.67
N TRP A 469 -19.76 0.20 23.66
CA TRP A 469 -18.34 0.22 23.37
C TRP A 469 -17.95 1.64 22.97
N VAL A 470 -16.65 1.90 22.95
CA VAL A 470 -16.11 3.19 22.54
C VAL A 470 -15.00 2.93 21.53
N THR A 471 -15.10 3.58 20.38
CA THR A 471 -14.10 3.38 19.34
C THR A 471 -12.79 4.08 19.71
N ALA A 472 -11.73 3.68 19.02
CA ALA A 472 -10.40 4.24 19.22
C ALA A 472 -10.09 5.28 18.17
N PHE A 473 -9.14 6.15 18.50
CA PHE A 473 -8.74 7.21 17.58
C PHE A 473 -7.90 6.65 16.44
N ARG A 474 -8.54 6.25 15.35
CA ARG A 474 -7.85 5.81 14.14
C ARG A 474 -7.14 4.47 14.34
N ARG A 475 -7.78 3.56 15.07
CA ARG A 475 -7.27 2.22 15.30
C ARG A 475 -8.36 1.20 15.02
N GLY A 476 -7.99 0.11 14.37
CA GLY A 476 -8.95 -0.92 14.01
C GLY A 476 -8.60 -2.29 14.53
N THR A 477 -7.71 -2.34 15.53
CA THR A 477 -7.30 -3.61 16.14
C THR A 477 -8.17 -3.98 17.33
N GLY A 478 -9.21 -3.22 17.61
CA GLY A 478 -10.06 -3.48 18.76
C GLY A 478 -10.69 -4.86 18.75
N HIS A 479 -10.58 -5.57 19.86
CA HIS A 479 -11.18 -6.89 20.01
C HIS A 479 -11.45 -7.11 21.49
N TRP A 480 -12.72 -7.07 21.88
CA TRP A 480 -13.09 -7.08 23.28
C TRP A 480 -14.10 -8.19 23.55
N LEU A 481 -14.16 -8.60 24.82
CA LEU A 481 -15.12 -9.58 25.29
C LEU A 481 -15.77 -9.04 26.55
N THR A 482 -17.10 -8.92 26.52
CA THR A 482 -17.86 -8.33 27.63
C THR A 482 -18.90 -9.31 28.13
N ASP A 483 -19.06 -9.37 29.44
CA ASP A 483 -20.01 -10.27 30.08
C ASP A 483 -21.33 -9.54 30.29
N VAL A 484 -22.39 -10.04 29.64
CA VAL A 484 -23.71 -9.42 29.73
C VAL A 484 -24.74 -10.48 30.10
N SER A 485 -24.32 -11.48 30.86
CA SER A 485 -25.21 -12.60 31.18
C SER A 485 -26.53 -12.16 31.81
N PRO A 486 -26.57 -11.20 32.73
CA PRO A 486 -27.86 -10.86 33.36
C PRO A 486 -28.92 -10.37 32.38
N LEU A 487 -28.51 -9.93 31.18
CA LEU A 487 -29.45 -9.47 30.18
C LEU A 487 -29.97 -10.59 29.29
N ILE A 488 -29.73 -11.84 29.67
CA ILE A 488 -30.23 -12.96 28.87
C ILE A 488 -31.75 -12.89 28.72
N PRO A 489 -32.54 -12.58 29.74
CA PRO A 489 -34.00 -12.59 29.56
C PRO A 489 -34.50 -11.68 28.45
N LEU A 490 -33.71 -10.69 28.03
CA LEU A 490 -34.13 -9.85 26.91
C LEU A 490 -34.35 -10.68 25.65
N LEU A 491 -33.67 -11.82 25.53
CA LEU A 491 -33.82 -12.72 24.38
C LEU A 491 -34.92 -13.72 24.70
N ASN A 492 -36.16 -13.26 24.60
CA ASN A 492 -37.33 -14.07 24.90
C ASN A 492 -37.88 -14.79 23.68
N ASN A 493 -37.26 -14.64 22.52
CA ASN A 493 -37.70 -15.29 21.30
C ASN A 493 -36.51 -15.97 20.62
N LYS A 494 -36.79 -17.10 19.96
CA LYS A 494 -35.73 -17.82 19.28
C LYS A 494 -35.12 -17.00 18.16
N LYS A 495 -35.90 -16.08 17.57
CA LYS A 495 -35.42 -15.19 16.52
C LYS A 495 -35.43 -13.77 17.05
N CYS A 496 -34.33 -13.06 16.87
CA CYS A 496 -34.17 -11.71 17.40
C CYS A 496 -33.48 -10.84 16.36
N SER A 497 -33.50 -9.53 16.60
CA SER A 497 -32.88 -8.54 15.72
C SER A 497 -31.92 -7.70 16.54
N PHE A 498 -30.71 -7.54 16.03
CA PHE A 498 -29.64 -6.81 16.70
C PHE A 498 -29.25 -5.60 15.85
N THR A 499 -29.17 -4.44 16.49
CA THR A 499 -28.84 -3.19 15.83
C THR A 499 -27.66 -2.56 16.54
N MET A 500 -26.52 -2.45 15.85
CA MET A 500 -25.35 -1.76 16.37
C MET A 500 -25.32 -0.37 15.76
N LYS A 501 -25.39 0.66 16.61
CA LYS A 501 -25.53 2.04 16.17
C LYS A 501 -24.45 2.91 16.79
N THR A 502 -23.97 3.88 16.00
CA THR A 502 -23.03 4.87 16.47
C THR A 502 -23.52 6.26 16.12
N ALA A 503 -22.66 7.27 16.28
CA ALA A 503 -23.06 8.62 15.94
C ALA A 503 -23.37 8.71 14.44
N PRO A 504 -24.48 9.34 14.05
CA PRO A 504 -24.80 9.40 12.61
C PRO A 504 -23.71 10.04 11.78
N TRP A 505 -23.06 11.08 12.29
CA TRP A 505 -22.01 11.78 11.56
C TRP A 505 -20.65 11.12 11.70
N ALA A 506 -20.60 9.87 12.18
CA ALA A 506 -19.34 9.18 12.36
C ALA A 506 -18.89 8.53 11.06
N MET A 507 -17.57 8.40 10.91
CA MET A 507 -17.01 7.74 9.75
C MET A 507 -17.34 6.25 9.79
N PRO A 508 -17.37 5.59 8.63
CA PRO A 508 -17.79 4.19 8.59
C PRO A 508 -16.88 3.28 9.39
N TRP A 509 -17.47 2.26 10.01
CA TRP A 509 -16.75 1.22 10.70
C TRP A 509 -17.19 -0.14 10.16
N MET A 510 -16.52 -1.20 10.61
CA MET A 510 -16.88 -2.56 10.24
C MET A 510 -16.90 -3.40 11.51
N THR A 511 -18.10 -3.82 11.93
CA THR A 511 -18.28 -4.52 13.19
C THR A 511 -18.45 -6.01 12.96
N THR A 512 -17.81 -6.80 13.81
CA THR A 512 -17.96 -8.25 13.83
C THR A 512 -18.32 -8.65 15.25
N LEU A 513 -19.48 -9.28 15.42
CA LEU A 513 -20.02 -9.58 16.74
C LEU A 513 -20.41 -11.06 16.82
N ASN A 514 -20.10 -11.67 17.96
CA ASN A 514 -20.48 -13.04 18.24
C ASN A 514 -20.99 -13.15 19.67
N LEU A 515 -22.08 -13.89 19.85
CA LEU A 515 -22.62 -14.19 21.16
C LEU A 515 -22.16 -15.58 21.57
N ARG A 516 -21.56 -15.67 22.76
CA ARG A 516 -21.03 -16.92 23.29
C ARG A 516 -21.84 -17.30 24.52
N PHE A 517 -22.59 -18.39 24.41
CA PHE A 517 -23.35 -18.95 25.51
C PHE A 517 -22.56 -20.08 26.15
N SER A 518 -22.58 -20.13 27.48
CA SER A 518 -21.81 -21.12 28.21
C SER A 518 -22.45 -21.36 29.56
N GLN A 519 -22.09 -22.47 30.18
CA GLN A 519 -22.57 -22.85 31.51
C GLN A 519 -21.45 -22.65 32.52
N SER A 520 -21.75 -21.94 33.60
CA SER A 520 -20.74 -21.65 34.61
C SER A 520 -20.38 -22.91 35.39
N ASN A 521 -19.22 -22.86 36.03
CA ASN A 521 -18.75 -23.96 36.87
C ASN A 521 -19.33 -23.93 38.27
N LYS A 522 -20.11 -22.90 38.60
CA LYS A 522 -20.68 -22.79 39.94
C LYS A 522 -21.63 -23.95 40.20
N THR A 523 -21.57 -24.50 41.42
CA THR A 523 -22.48 -25.58 41.79
C THR A 523 -23.89 -25.06 42.00
N GLU A 524 -24.04 -23.95 42.70
CA GLU A 524 -25.35 -23.34 42.95
C GLU A 524 -25.69 -22.38 41.81
N ARG A 525 -25.96 -22.98 40.64
CA ARG A 525 -26.25 -22.20 39.46
C ARG A 525 -27.59 -21.47 39.59
N LEU A 526 -27.61 -20.22 39.14
CA LEU A 526 -28.81 -19.40 39.14
C LEU A 526 -29.06 -18.89 37.72
N TYR A 527 -30.34 -18.83 37.34
CA TYR A 527 -30.72 -18.49 35.98
C TYR A 527 -31.58 -17.23 35.99
N PRO A 528 -31.21 -16.17 35.25
CA PRO A 528 -32.08 -15.00 35.18
C PRO A 528 -33.40 -15.35 34.49
N PHE A 529 -34.46 -14.67 34.93
CA PHE A 529 -35.77 -14.86 34.31
C PHE A 529 -36.54 -13.57 34.08
N GLU A 530 -36.11 -12.44 34.66
CA GLU A 530 -36.84 -11.20 34.47
C GLU A 530 -35.87 -10.03 34.59
N VAL A 531 -36.04 -9.08 33.66
CA VAL A 531 -35.22 -7.86 33.60
C VAL A 531 -36.19 -6.70 33.48
N MET A 532 -36.14 -5.77 34.43
CA MET A 532 -37.01 -4.60 34.42
C MET A 532 -36.17 -3.34 34.30
N PRO A 533 -36.29 -2.57 33.21
CA PRO A 533 -35.56 -1.29 33.15
C PRO A 533 -36.02 -0.36 34.27
N LEU A 534 -35.09 0.45 34.76
CA LEU A 534 -35.34 1.34 35.89
C LEU A 534 -35.28 2.81 35.48
N PHE A 535 -34.15 3.27 34.95
CA PHE A 535 -34.00 4.67 34.58
C PHE A 535 -33.08 4.78 33.38
N ASN A 536 -33.22 5.88 32.64
CA ASN A 536 -32.37 6.20 31.51
C ASN A 536 -31.56 7.45 31.83
N GLY A 537 -30.67 7.82 30.90
CA GLY A 537 -29.81 8.98 31.07
C GLY A 537 -30.46 10.24 30.55
N GLY A 538 -29.65 11.29 30.48
CA GLY A 538 -30.12 12.57 29.99
C GLY A 538 -29.05 13.62 30.12
N THR A 539 -29.43 14.84 29.73
CA THR A 539 -28.51 15.97 29.80
C THR A 539 -28.19 16.30 31.25
N PHE A 540 -26.91 16.55 31.52
CA PHE A 540 -26.44 16.82 32.88
C PHE A 540 -26.65 18.30 33.18
N ASP A 541 -27.88 18.64 33.53
CA ASP A 541 -28.28 19.99 33.90
C ASP A 541 -28.86 20.00 35.30
N LYS A 542 -29.24 21.18 35.77
CA LYS A 542 -29.82 21.31 37.10
C LYS A 542 -31.12 20.53 37.22
N ASP A 543 -31.81 20.32 36.11
CA ASP A 543 -33.05 19.55 36.09
C ASP A 543 -32.82 18.06 35.86
N TYR A 544 -31.55 17.62 35.86
CA TYR A 544 -31.26 16.22 35.60
C TYR A 544 -31.93 15.31 36.62
N ASN A 545 -31.85 15.66 37.90
CA ASN A 545 -32.43 14.84 38.96
C ASN A 545 -33.91 15.11 39.19
N ARG A 546 -34.48 16.14 38.54
CA ARG A 546 -35.88 16.46 38.73
C ARG A 546 -36.81 15.62 37.88
N ARG A 547 -36.28 14.94 36.87
CA ARG A 547 -37.09 14.11 35.98
C ARG A 547 -37.20 12.67 36.44
N TYR A 548 -36.53 12.31 37.53
CA TYR A 548 -36.51 10.93 38.04
C TYR A 548 -37.36 10.85 39.30
N HIS A 549 -38.33 9.93 39.29
CA HIS A 549 -39.23 9.72 40.40
C HIS A 549 -39.05 8.31 40.94
N GLU A 550 -39.45 8.12 42.20
CA GLU A 550 -39.31 6.82 42.84
C GLU A 550 -40.12 5.77 42.10
N ILE A 551 -39.49 4.63 41.83
CA ILE A 551 -40.14 3.49 41.20
C ILE A 551 -40.43 2.46 42.27
N THR A 552 -41.69 2.08 42.39
CA THR A 552 -42.12 1.06 43.35
C THR A 552 -42.41 -0.24 42.60
N PHE A 553 -41.78 -1.32 43.06
CA PHE A 553 -41.90 -2.60 42.39
C PHE A 553 -42.10 -3.71 43.42
N SER A 554 -42.90 -4.70 43.05
CA SER A 554 -43.11 -5.91 43.84
C SER A 554 -42.31 -7.05 43.22
N ILE A 555 -41.68 -7.85 44.08
CA ILE A 555 -40.79 -8.91 43.61
C ILE A 555 -41.60 -10.15 43.32
N PRO A 556 -41.40 -10.81 42.18
CA PRO A 556 -42.14 -12.05 41.90
C PRO A 556 -41.70 -13.18 42.84
N ALA A 557 -42.58 -14.15 43.00
CA ALA A 557 -42.30 -15.29 43.84
C ALA A 557 -41.20 -16.16 43.22
N ALA A 558 -40.69 -17.09 44.01
CA ALA A 558 -39.64 -18.02 43.57
C ALA A 558 -38.40 -17.25 43.12
N THR A 559 -38.04 -16.21 43.87
CA THR A 559 -36.86 -15.40 43.60
C THR A 559 -35.85 -15.60 44.72
N LYS A 560 -34.58 -15.78 44.33
CA LYS A 560 -33.50 -16.00 45.27
C LYS A 560 -32.46 -14.89 45.28
N LYS A 561 -32.37 -14.09 44.21
CA LYS A 561 -31.37 -13.05 44.13
C LYS A 561 -31.86 -11.92 43.23
N VAL A 562 -31.50 -10.70 43.61
CA VAL A 562 -31.84 -9.50 42.85
C VAL A 562 -30.57 -8.71 42.60
N GLU A 563 -30.42 -8.19 41.39
CA GLU A 563 -29.20 -7.50 41.00
C GLU A 563 -29.55 -6.20 40.28
N LEU A 564 -28.68 -5.21 40.44
CA LEU A 564 -28.72 -3.98 39.67
C LEU A 564 -27.62 -4.00 38.64
N TYR A 565 -27.97 -3.78 37.38
CA TYR A 565 -27.04 -3.80 36.25
C TYR A 565 -27.16 -2.46 35.53
N ALA A 566 -26.17 -1.60 35.70
CA ALA A 566 -26.22 -0.24 35.16
C ALA A 566 -24.98 0.03 34.32
N VAL A 567 -25.20 0.53 33.11
CA VAL A 567 -24.13 0.98 32.23
C VAL A 567 -24.26 2.50 32.12
N ILE A 568 -23.28 3.22 32.65
CA ILE A 568 -23.32 4.67 32.72
C ILE A 568 -22.07 5.24 32.08
N THR A 569 -22.24 6.31 31.31
CA THR A 569 -21.11 6.97 30.66
C THR A 569 -21.39 8.46 30.56
N GLY A 570 -20.42 9.27 30.97
CA GLY A 570 -20.52 10.72 30.85
C GLY A 570 -19.80 11.19 29.59
N HIS A 571 -20.36 12.22 28.97
CA HIS A 571 -19.83 12.76 27.72
C HIS A 571 -19.96 14.27 27.73
N GLY A 572 -19.12 14.91 26.92
CA GLY A 572 -19.14 16.35 26.78
C GLY A 572 -18.29 17.06 27.81
N SER A 573 -18.22 18.37 27.66
CA SER A 573 -17.48 19.23 28.57
C SER A 573 -18.31 20.47 28.88
N ASP A 574 -18.07 21.04 30.05
CA ASP A 574 -18.80 22.22 30.50
C ASP A 574 -17.82 23.15 31.20
N ASP A 575 -18.36 24.11 31.96
CA ASP A 575 -17.51 25.04 32.70
C ASP A 575 -16.51 24.30 33.58
N ASN A 576 -16.96 23.21 34.21
CA ASN A 576 -16.10 22.39 35.05
C ASN A 576 -15.49 21.23 34.28
N ASN A 577 -15.57 21.23 32.96
CA ASN A 577 -15.08 20.12 32.14
C ASN A 577 -15.80 18.83 32.49
N CYS A 578 -17.05 18.95 32.93
CA CYS A 578 -17.79 17.80 33.43
C CYS A 578 -18.29 16.94 32.26
N GLY A 579 -18.90 15.82 32.61
CA GLY A 579 -19.37 14.86 31.63
C GLY A 579 -18.32 13.84 31.26
N GLU A 580 -17.33 14.26 30.46
CA GLU A 580 -16.31 13.34 29.97
C GLU A 580 -15.08 13.29 30.88
N PHE A 581 -14.84 14.34 31.66
CA PHE A 581 -13.67 14.41 32.54
C PHE A 581 -14.10 14.87 33.93
N CYS A 582 -15.14 14.22 34.45
CA CYS A 582 -15.76 14.61 35.70
C CYS A 582 -15.77 13.45 36.69
N VAL A 583 -15.53 13.77 37.96
CA VAL A 583 -15.69 12.80 39.04
C VAL A 583 -17.13 12.95 39.51
N THR A 584 -18.04 12.30 38.79
CA THR A 584 -19.47 12.38 39.06
C THR A 584 -19.93 11.10 39.75
N SER A 585 -20.73 11.26 40.80
CA SER A 585 -21.24 10.13 41.56
C SER A 585 -22.68 9.84 41.14
N HIS A 586 -23.03 8.56 41.14
CA HIS A 586 -24.38 8.11 40.80
C HIS A 586 -24.89 7.23 41.92
N TYR A 587 -26.06 7.56 42.44
CA TYR A 587 -26.64 6.89 43.59
C TYR A 587 -27.94 6.21 43.18
N PHE A 588 -28.09 4.94 43.55
CA PHE A 588 -29.34 4.21 43.40
C PHE A 588 -29.89 3.95 44.79
N LEU A 589 -30.60 4.93 45.33
CA LEU A 589 -31.18 4.81 46.65
C LEU A 589 -32.26 3.74 46.64
N ILE A 590 -32.18 2.83 47.60
CA ILE A 590 -33.07 1.67 47.67
C ILE A 590 -33.87 1.75 48.96
N ASN A 591 -35.20 1.70 48.84
CA ASN A 591 -36.09 1.75 49.99
C ASN A 591 -35.84 2.99 50.84
N ARG A 592 -35.32 4.04 50.21
CA ARG A 592 -35.02 5.30 50.88
C ARG A 592 -34.28 5.08 52.20
N SER A 593 -33.44 4.05 52.25
CA SER A 593 -32.74 3.69 53.48
C SER A 593 -31.26 3.39 53.30
N ILE A 594 -30.80 3.03 52.10
CA ILE A 594 -29.41 2.65 51.87
C ILE A 594 -28.95 3.20 50.54
N ASN A 595 -27.70 3.63 50.48
CA ASN A 595 -27.10 4.16 49.26
C ASN A 595 -26.59 3.02 48.37
N ASN A 596 -26.25 3.39 47.14
CA ASN A 596 -25.58 2.48 46.21
C ASN A 596 -24.83 3.36 45.22
N THR A 597 -23.52 3.52 45.44
CA THR A 597 -22.74 4.57 44.79
C THR A 597 -21.84 3.99 43.71
N LEU A 598 -21.80 4.69 42.58
CA LEU A 598 -20.81 4.46 41.53
C LEU A 598 -20.10 5.77 41.26
N VAL A 599 -18.77 5.75 41.36
CA VAL A 599 -17.95 6.95 41.28
C VAL A 599 -16.88 6.75 40.22
N PHE A 600 -16.68 7.77 39.38
CA PHE A 600 -15.62 7.78 38.39
C PHE A 600 -14.41 8.53 38.96
N GLU A 601 -13.74 7.87 39.91
CA GLU A 601 -12.61 8.49 40.58
C GLU A 601 -11.48 8.78 39.60
N ALA A 602 -11.21 7.86 38.68
CA ALA A 602 -10.12 8.03 37.73
C ALA A 602 -10.38 9.14 36.72
N ALA A 603 -11.61 9.66 36.65
CA ALA A 603 -11.92 10.70 35.69
C ALA A 603 -11.07 11.94 35.93
N GLY A 604 -10.56 12.52 34.84
CA GLY A 604 -9.75 13.70 34.90
C GLY A 604 -8.27 13.47 35.12
N SER A 605 -7.86 12.23 35.38
CA SER A 605 -6.45 11.96 35.60
C SER A 605 -5.69 11.92 34.27
N PRO A 606 -4.42 12.31 34.27
CA PRO A 606 -3.66 12.28 33.01
C PRO A 606 -3.54 10.89 32.41
N LEU A 607 -3.43 9.85 33.23
CA LEU A 607 -3.20 8.49 32.77
C LEU A 607 -4.21 7.52 33.35
N GLY A 608 -5.45 7.97 33.57
CA GLY A 608 -6.45 7.10 34.14
C GLY A 608 -6.80 5.94 33.23
N CYS A 609 -6.86 6.18 31.93
CA CYS A 609 -7.21 5.16 30.96
C CYS A 609 -6.00 4.39 30.44
N SER A 610 -4.80 4.75 30.88
CA SER A 610 -3.60 4.03 30.44
C SER A 610 -3.41 2.71 31.18
N LEU A 611 -4.08 2.52 32.31
CA LEU A 611 -3.96 1.29 33.08
C LEU A 611 -4.92 0.20 32.63
N LEU A 612 -5.80 0.51 31.69
CA LEU A 612 -6.78 -0.45 31.19
C LEU A 612 -6.32 -1.14 29.91
N VAL A 613 -5.11 -0.85 29.43
CA VAL A 613 -4.60 -1.54 28.24
C VAL A 613 -4.51 -3.04 28.47
N PRO A 614 -4.01 -3.54 29.61
CA PRO A 614 -4.03 -4.99 29.84
C PRO A 614 -5.43 -5.57 29.84
N LYS A 615 -6.45 -4.77 30.14
CA LYS A 615 -7.83 -5.24 30.21
C LYS A 615 -8.54 -5.17 28.87
N GLY A 616 -7.94 -4.55 27.86
CA GLY A 616 -8.54 -4.50 26.54
C GLY A 616 -8.36 -3.16 25.83
N GLY A 617 -7.91 -2.15 26.56
CA GLY A 617 -7.77 -0.83 25.96
C GLY A 617 -6.79 -0.86 24.80
N VAL A 618 -7.18 -0.20 23.72
CA VAL A 618 -6.33 -0.08 22.54
C VAL A 618 -5.35 1.06 22.77
N PRO A 619 -4.04 0.79 22.82
CA PRO A 619 -3.09 1.88 23.09
C PRO A 619 -2.59 2.56 21.82
N ASN A 620 -1.78 3.61 21.99
CA ASN A 620 -1.15 4.31 20.89
C ASN A 620 -2.19 4.77 19.87
N GLU A 621 -3.25 5.38 20.37
CA GLU A 621 -4.29 5.94 19.51
C GLU A 621 -3.93 7.37 19.10
N CYS A 622 -4.48 7.80 17.97
CA CYS A 622 -4.23 9.13 17.44
C CYS A 622 -5.14 10.16 18.12
N GLY A 623 -4.97 10.27 19.43
CA GLY A 623 -5.78 11.20 20.19
C GLY A 623 -5.45 11.12 21.67
N THR A 624 -6.29 11.76 22.47
CA THR A 624 -6.10 11.81 23.93
C THR A 624 -6.74 10.57 24.55
N TRP A 625 -6.08 9.43 24.34
CA TRP A 625 -6.53 8.16 24.89
C TRP A 625 -5.98 7.90 26.29
N LEU A 626 -5.11 8.76 26.79
CA LEU A 626 -4.53 8.58 28.12
C LEU A 626 -5.37 9.21 29.22
N TYR A 627 -6.10 10.28 28.90
CA TYR A 627 -6.87 10.98 29.93
C TYR A 627 -7.90 10.05 30.53
N GLY A 628 -8.06 10.13 31.85
CA GLY A 628 -9.05 9.34 32.54
C GLY A 628 -10.43 9.93 32.34
N ARG A 629 -11.33 9.18 31.71
CA ARG A 629 -12.69 9.64 31.43
C ARG A 629 -13.63 9.12 32.52
N GLY A 630 -14.89 9.55 32.42
CA GLY A 630 -15.88 9.18 33.41
C GLY A 630 -16.67 7.94 33.05
N GLY A 631 -16.26 6.79 33.57
CA GLY A 631 -16.98 5.55 33.37
C GLY A 631 -16.64 4.81 32.11
N TRP A 632 -15.68 5.29 31.31
CA TRP A 632 -15.33 4.62 30.07
C TRP A 632 -13.91 5.01 29.69
N CYS A 633 -13.41 4.36 28.63
CA CYS A 633 -12.09 4.65 28.10
C CYS A 633 -12.11 4.39 26.60
N ASP A 634 -11.23 5.09 25.89
CA ASP A 634 -11.19 4.97 24.44
C ASP A 634 -10.72 3.57 24.03
N GLY A 635 -11.34 3.04 22.98
CA GLY A 635 -10.98 1.72 22.49
C GLY A 635 -11.16 0.63 23.52
N LEU A 636 -12.31 0.63 24.18
CA LEU A 636 -12.59 -0.37 25.21
C LEU A 636 -14.08 -0.43 25.45
N GLN A 637 -14.56 -1.63 25.77
CA GLN A 637 -15.96 -1.81 26.12
C GLN A 637 -16.25 -1.17 27.48
N VAL A 638 -17.52 -0.84 27.69
CA VAL A 638 -17.98 -0.25 28.94
C VAL A 638 -18.39 -1.40 29.85
N ASP A 639 -17.52 -1.72 30.81
CA ASP A 639 -17.82 -2.80 31.74
C ASP A 639 -19.01 -2.41 32.60
N PRO A 640 -20.09 -3.20 32.61
CA PRO A 640 -21.27 -2.81 33.38
C PRO A 640 -21.01 -2.83 34.87
N TRP A 641 -21.74 -1.99 35.58
CA TRP A 641 -21.72 -1.94 37.04
C TRP A 641 -22.80 -2.88 37.56
N ARG A 642 -22.40 -3.95 38.24
CA ARG A 642 -23.31 -4.95 38.76
C ARG A 642 -23.22 -4.97 40.28
N ARG A 643 -24.37 -4.93 40.94
CA ARG A 643 -24.41 -4.94 42.40
C ARG A 643 -25.52 -5.87 42.88
N ASP A 644 -25.29 -6.53 44.01
CA ASP A 644 -26.27 -7.42 44.62
C ASP A 644 -26.96 -6.67 45.76
N ILE A 645 -28.28 -6.74 45.78
CA ILE A 645 -29.08 -6.01 46.77
C ILE A 645 -30.10 -6.94 47.41
N THR A 646 -29.88 -8.24 47.30
CA THR A 646 -30.82 -9.20 47.87
C THR A 646 -31.06 -8.93 49.34
N SER A 647 -30.01 -8.55 50.07
CA SER A 647 -30.17 -8.26 51.49
C SER A 647 -30.98 -6.99 51.72
N GLN A 648 -30.71 -5.94 50.92
CA GLN A 648 -31.39 -4.68 51.13
C GLN A 648 -32.89 -4.80 50.89
N LEU A 649 -33.29 -5.52 49.84
CA LEU A 649 -34.69 -5.64 49.49
C LEU A 649 -35.42 -6.59 50.43
N ASP A 650 -36.72 -6.36 50.59
CA ASP A 650 -37.59 -7.28 51.31
C ASP A 650 -38.09 -8.30 50.30
N MET A 651 -37.56 -9.53 50.40
CA MET A 651 -37.86 -10.56 49.40
C MET A 651 -39.36 -10.80 49.29
N SER A 652 -40.10 -10.55 50.37
CA SER A 652 -41.56 -10.70 50.40
C SER A 652 -42.17 -9.34 50.72
N GLY A 653 -42.44 -8.57 49.68
CA GLY A 653 -43.02 -7.26 49.84
C GLY A 653 -42.61 -6.34 48.69
N SER A 654 -43.06 -5.10 48.81
CA SER A 654 -42.75 -4.08 47.81
C SER A 654 -41.49 -3.31 48.20
N ASN A 655 -40.85 -2.72 47.19
CA ASN A 655 -39.62 -1.97 47.39
C ASN A 655 -39.64 -0.74 46.50
N SER A 656 -38.79 0.24 46.84
CA SER A 656 -38.69 1.49 46.11
C SER A 656 -37.25 1.74 45.72
N VAL A 657 -37.06 2.31 44.53
CA VAL A 657 -35.73 2.61 44.01
C VAL A 657 -35.77 3.98 43.34
N ARG A 658 -34.71 4.76 43.54
CA ARG A 658 -34.64 6.10 42.97
C ARG A 658 -33.18 6.42 42.61
N TYR A 659 -32.96 6.85 41.38
CA TYR A 659 -31.64 7.23 40.91
C TYR A 659 -31.43 8.73 41.07
N PHE A 660 -30.17 9.12 41.30
CA PHE A 660 -29.81 10.53 41.22
C PHE A 660 -28.30 10.66 41.06
N GLY A 661 -27.89 11.59 40.20
CA GLY A 661 -26.49 11.86 39.95
C GLY A 661 -26.09 13.19 40.57
N LEU A 662 -24.85 13.25 41.05
CA LEU A 662 -24.35 14.43 41.73
C LEU A 662 -22.90 14.69 41.32
N PHE A 663 -22.49 15.94 41.46
CA PHE A 663 -21.12 16.38 41.23
C PHE A 663 -20.63 17.13 42.45
N GLU A 664 -19.50 16.68 43.00
CA GLU A 664 -18.94 17.27 44.22
C GLU A 664 -19.94 17.23 45.36
N GLY A 665 -20.83 16.25 45.36
CA GLY A 665 -21.83 16.13 46.40
C GLY A 665 -23.00 17.06 46.25
N ARG A 666 -23.19 17.65 45.08
CA ARG A 666 -24.30 18.57 44.85
C ARG A 666 -24.78 18.43 43.42
N ASP A 667 -26.02 18.86 43.19
CA ASP A 667 -26.59 18.78 41.85
C ASP A 667 -25.79 19.66 40.89
N PRO A 668 -25.65 19.25 39.64
CA PRO A 668 -24.86 20.03 38.68
C PRO A 668 -25.50 21.37 38.39
N ASN A 669 -24.65 22.36 38.14
CA ASN A 669 -25.09 23.70 37.73
C ASN A 669 -24.20 24.19 36.60
N PRO A 670 -24.32 23.57 35.42
CA PRO A 670 -23.49 23.99 34.28
C PRO A 670 -24.05 25.24 33.64
N LYS A 671 -23.25 26.31 33.65
CA LYS A 671 -23.68 27.59 33.08
C LYS A 671 -23.44 27.67 31.58
N THR A 672 -22.48 26.92 31.05
CA THR A 672 -22.16 26.94 29.64
C THR A 672 -21.86 25.52 29.16
N ASP A 673 -22.40 25.16 28.01
CA ASP A 673 -22.13 23.87 27.38
C ASP A 673 -22.38 22.72 28.35
N PRO A 674 -23.64 22.46 28.70
CA PRO A 674 -23.92 21.35 29.62
C PRO A 674 -23.52 20.01 29.03
N GLY A 675 -23.12 19.10 29.90
CA GLY A 675 -22.70 17.77 29.50
C GLY A 675 -23.87 16.83 29.31
N ASN A 676 -23.54 15.57 29.03
CA ASN A 676 -24.53 14.53 28.79
C ASN A 676 -24.19 13.29 29.59
N ILE A 677 -25.22 12.56 30.00
CA ILE A 677 -25.08 11.30 30.73
C ILE A 677 -25.92 10.25 30.03
N LEU A 678 -25.28 9.22 29.51
CA LEU A 678 -25.95 8.11 28.85
C LEU A 678 -25.96 6.94 29.82
N MET A 679 -27.16 6.55 30.26
CA MET A 679 -27.32 5.48 31.23
C MET A 679 -28.34 4.47 30.72
N TYR A 680 -28.09 3.20 31.05
CA TYR A 680 -29.05 2.13 30.85
C TYR A 680 -29.03 1.26 32.10
N SER A 681 -30.13 1.26 32.84
CA SER A 681 -30.22 0.58 34.13
C SER A 681 -31.25 -0.53 34.04
N TYR A 682 -30.99 -1.63 34.76
CA TYR A 682 -31.89 -2.76 34.79
C TYR A 682 -31.85 -3.40 36.18
N LEU A 683 -32.99 -3.95 36.57
CA LEU A 683 -33.12 -4.77 37.77
C LEU A 683 -33.38 -6.20 37.31
N VAL A 684 -32.49 -7.11 37.69
CA VAL A 684 -32.51 -8.49 37.22
C VAL A 684 -32.90 -9.39 38.39
N PHE A 685 -33.83 -10.30 38.15
CA PHE A 685 -34.28 -11.26 39.15
C PHE A 685 -33.81 -12.66 38.74
N TYR A 686 -33.20 -13.38 39.68
CA TYR A 686 -32.73 -14.73 39.44
C TYR A 686 -33.66 -15.75 40.09
N GLN A 687 -33.77 -16.91 39.47
CA GLN A 687 -34.62 -17.98 39.99
C GLN A 687 -34.14 -18.42 41.37
N ALA B 76 -4.24 11.94 4.48
CA ALA B 76 -3.18 12.98 4.32
C ALA B 76 -2.50 12.85 2.96
N LEU B 77 -2.10 13.99 2.40
CA LEU B 77 -1.43 14.09 1.11
C LEU B 77 -2.33 13.67 -0.05
N GLY B 78 -3.63 13.51 0.18
CA GLY B 78 -4.52 13.11 -0.88
C GLY B 78 -4.22 11.69 -1.36
N GLY B 79 -4.58 11.43 -2.62
CA GLY B 79 -4.36 10.13 -3.22
C GLY B 79 -2.97 10.00 -3.82
N LEU B 80 -2.20 9.03 -3.34
CA LEU B 80 -0.84 8.82 -3.83
C LEU B 80 -0.70 7.43 -4.43
N GLU B 81 -1.68 7.04 -5.23
CA GLU B 81 -1.71 5.75 -5.91
C GLU B 81 -1.85 5.97 -7.41
N PRO B 82 -1.50 4.98 -8.22
CA PRO B 82 -1.64 5.14 -9.67
C PRO B 82 -3.05 5.53 -10.06
N GLY B 83 -3.17 6.45 -11.01
CA GLY B 83 -4.43 6.96 -11.46
C GLY B 83 -4.90 8.21 -10.74
N ASP B 84 -4.31 8.54 -9.59
CA ASP B 84 -4.68 9.75 -8.87
C ASP B 84 -3.89 10.95 -9.38
N PRO B 85 -4.43 12.16 -9.26
CA PRO B 85 -3.69 13.34 -9.71
C PRO B 85 -2.46 13.58 -8.84
N ALA B 86 -1.47 14.23 -9.45
CA ALA B 86 -0.21 14.52 -8.77
C ALA B 86 -0.29 15.90 -8.13
N PRO B 87 -0.22 16.02 -6.81
CA PRO B 87 -0.25 17.35 -6.19
C PRO B 87 0.93 18.20 -6.62
N ALA B 88 0.73 19.51 -6.63
CA ALA B 88 1.78 20.44 -7.00
C ALA B 88 2.93 20.35 -6.00
N PHE B 89 4.13 20.69 -6.47
CA PHE B 89 5.30 20.66 -5.60
C PHE B 89 6.38 21.56 -6.17
N GLN B 90 7.40 21.81 -5.35
CA GLN B 90 8.54 22.63 -5.72
C GLN B 90 9.82 21.94 -5.27
N VAL B 91 10.88 22.10 -6.07
CA VAL B 91 12.15 21.45 -5.80
C VAL B 91 13.27 22.41 -6.21
N HIS B 92 14.42 22.25 -5.56
CA HIS B 92 15.61 23.01 -5.90
C HIS B 92 16.53 22.18 -6.77
N THR B 93 17.15 22.82 -7.76
CA THR B 93 18.01 22.15 -8.72
C THR B 93 19.15 23.09 -9.09
N LEU B 94 20.18 22.52 -9.72
CA LEU B 94 21.35 23.32 -10.09
C LEU B 94 20.98 24.47 -11.01
N ASP B 95 19.84 24.39 -11.71
CA ASP B 95 19.40 25.44 -12.59
C ASP B 95 18.40 26.40 -11.94
N GLY B 96 17.80 26.03 -10.80
CA GLY B 96 16.86 26.91 -10.14
C GLY B 96 15.71 26.19 -9.47
N MET B 97 14.56 26.83 -9.42
CA MET B 97 13.38 26.25 -8.79
C MET B 97 12.51 25.57 -9.84
N PHE B 98 12.33 24.26 -9.68
CA PHE B 98 11.46 23.48 -10.55
C PHE B 98 10.11 23.32 -9.85
N VAL B 99 9.06 23.84 -10.49
CA VAL B 99 7.72 23.88 -9.91
C VAL B 99 6.79 23.08 -10.81
N TYR B 100 6.03 22.17 -10.20
CA TYR B 100 4.98 21.43 -10.90
C TYR B 100 3.63 21.82 -10.32
N SER B 101 2.72 22.26 -11.19
CA SER B 101 1.39 22.69 -10.78
C SER B 101 0.38 22.04 -11.73
N PRO B 102 -0.62 21.31 -11.22
CA PRO B 102 -1.62 20.72 -12.12
C PRO B 102 -2.34 21.78 -12.94
N ARG B 103 -2.67 21.44 -14.17
CA ARG B 103 -3.36 22.33 -15.09
C ARG B 103 -4.59 21.64 -15.65
N ASN B 104 -5.62 22.43 -15.94
CA ASN B 104 -6.82 21.89 -16.57
C ASN B 104 -6.58 21.46 -18.00
N GLU B 105 -5.44 21.81 -18.59
CA GLU B 105 -5.10 21.45 -19.95
C GLU B 105 -4.11 20.28 -19.93
N SER B 106 -3.58 19.94 -21.11
CA SER B 106 -2.60 18.87 -21.25
C SER B 106 -1.24 19.46 -21.59
N GLY B 107 -0.22 19.08 -20.84
CA GLY B 107 1.11 19.60 -21.04
C GLY B 107 2.14 18.50 -21.25
N ARG B 108 3.37 18.74 -20.78
CA ARG B 108 4.43 17.76 -20.93
C ARG B 108 4.39 16.75 -19.80
N ALA B 109 4.61 15.48 -20.15
CA ALA B 109 4.71 14.44 -19.14
C ALA B 109 6.02 14.60 -18.36
N LEU B 110 6.02 14.07 -17.15
CA LEU B 110 7.17 14.16 -16.26
C LEU B 110 7.58 12.77 -15.80
N ILE B 111 8.89 12.57 -15.64
CA ILE B 111 9.43 11.31 -15.14
C ILE B 111 10.39 11.64 -13.99
N VAL B 112 10.05 11.19 -12.79
CA VAL B 112 10.88 11.40 -11.61
C VAL B 112 11.65 10.11 -11.36
N HIS B 113 12.97 10.22 -11.30
CA HIS B 113 13.86 9.08 -11.13
C HIS B 113 14.70 9.27 -9.89
N ALA B 114 14.69 8.27 -9.01
CA ALA B 114 15.49 8.26 -7.80
C ALA B 114 16.70 7.37 -8.00
N PHE B 115 17.88 7.92 -7.77
CA PHE B 115 19.14 7.23 -8.01
C PHE B 115 19.82 6.91 -6.68
N THR B 116 20.43 5.73 -6.61
CA THR B 116 21.14 5.30 -5.42
C THR B 116 22.39 4.53 -5.84
N ASN B 117 23.50 4.81 -5.17
CA ASN B 117 24.78 4.18 -5.48
C ASN B 117 24.82 2.71 -5.07
N LYS B 118 23.83 2.23 -4.32
CA LYS B 118 23.84 0.87 -3.81
C LYS B 118 23.31 -0.15 -4.82
N SER B 119 22.86 0.28 -5.99
CA SER B 119 22.36 -0.61 -7.02
C SER B 119 23.24 -0.50 -8.25
N ALA B 120 23.86 -1.62 -8.64
CA ALA B 120 24.66 -1.63 -9.86
C ALA B 120 23.82 -1.40 -11.10
N PHE B 121 22.53 -1.69 -11.04
CA PHE B 121 21.64 -1.45 -12.18
C PHE B 121 21.66 0.03 -12.56
N LEU B 122 21.42 0.91 -11.60
CA LEU B 122 21.41 2.34 -11.88
C LEU B 122 22.81 2.86 -12.20
N GLU B 123 23.84 2.31 -11.55
CA GLU B 123 25.20 2.71 -11.86
C GLU B 123 25.55 2.44 -13.32
N CYS B 124 25.18 1.25 -13.82
CA CYS B 124 25.42 0.93 -15.22
C CYS B 124 24.51 1.76 -16.12
N LEU B 125 23.29 2.03 -15.67
CA LEU B 125 22.39 2.90 -16.43
C LEU B 125 23.03 4.25 -16.68
N TRP B 126 23.66 4.82 -15.67
CA TRP B 126 24.24 6.16 -15.77
C TRP B 126 25.68 6.15 -16.26
N THR B 127 26.32 4.98 -16.36
CA THR B 127 27.69 4.89 -16.86
C THR B 127 27.79 4.23 -18.23
N TRP B 128 26.80 3.43 -18.63
CA TRP B 128 26.84 2.76 -19.92
C TRP B 128 26.52 3.74 -21.03
N SER B 129 27.40 3.82 -22.03
CA SER B 129 27.22 4.77 -23.12
C SER B 129 25.97 4.47 -23.93
N GLU B 130 25.63 3.18 -24.08
CA GLU B 130 24.45 2.82 -24.86
C GLU B 130 23.18 3.39 -24.24
N SER B 131 23.07 3.32 -22.91
CA SER B 131 21.88 3.85 -22.25
C SER B 131 21.76 5.36 -22.45
N LEU B 132 22.87 6.08 -22.32
CA LEU B 132 22.83 7.53 -22.52
C LEU B 132 22.48 7.87 -23.96
N SER B 133 23.03 7.14 -24.93
CA SER B 133 22.68 7.37 -26.32
C SER B 133 21.20 7.12 -26.56
N ASP B 134 20.66 6.03 -25.98
CA ASP B 134 19.24 5.75 -26.12
C ASP B 134 18.40 6.88 -25.52
N LEU B 135 18.80 7.38 -24.35
CA LEU B 135 18.08 8.50 -23.74
C LEU B 135 18.09 9.72 -24.65
N LEU B 136 19.26 10.04 -25.21
CA LEU B 136 19.37 11.24 -26.03
C LEU B 136 18.64 11.09 -27.36
N ASP B 137 18.50 9.87 -27.86
CA ASP B 137 17.91 9.65 -29.18
C ASP B 137 16.40 9.43 -29.12
N TYR B 138 15.96 8.45 -28.33
CA TYR B 138 14.58 7.99 -28.36
C TYR B 138 13.66 8.74 -27.41
N LEU B 139 14.17 9.64 -26.59
CA LEU B 139 13.31 10.37 -25.67
C LEU B 139 12.45 11.37 -26.45
N PRO B 140 11.14 11.39 -26.22
CA PRO B 140 10.29 12.36 -26.94
C PRO B 140 10.69 13.80 -26.62
N SER B 141 10.27 14.71 -27.49
CA SER B 141 10.54 16.12 -27.31
C SER B 141 9.51 16.82 -26.42
N SER B 142 8.51 16.09 -25.94
CA SER B 142 7.46 16.63 -25.08
C SER B 142 7.45 15.91 -23.74
N THR B 143 8.64 15.71 -23.16
CA THR B 143 8.77 15.02 -21.89
C THR B 143 9.89 15.66 -21.08
N GLU B 144 9.69 15.73 -19.77
CA GLU B 144 10.67 16.29 -18.84
C GLU B 144 11.06 15.23 -17.83
N VAL B 145 12.31 15.29 -17.39
CA VAL B 145 12.87 14.32 -16.45
C VAL B 145 13.46 15.06 -15.28
N LEU B 146 13.12 14.61 -14.06
CA LEU B 146 13.69 15.12 -12.83
C LEU B 146 14.41 13.98 -12.13
N MET B 147 15.58 14.28 -11.58
CA MET B 147 16.42 13.28 -10.93
C MET B 147 16.66 13.67 -9.49
N LEU B 148 16.38 12.76 -8.58
CA LEU B 148 16.69 12.91 -7.16
C LEU B 148 17.65 11.81 -6.74
N SER B 149 18.37 12.05 -5.65
CA SER B 149 19.33 11.10 -5.11
C SER B 149 18.96 10.78 -3.67
N MET B 150 18.68 9.50 -3.41
CA MET B 150 18.37 9.06 -2.06
C MET B 150 19.60 8.81 -1.21
N ASP B 151 20.79 8.87 -1.80
CA ASP B 151 22.02 8.65 -1.07
C ASP B 151 22.42 9.93 -0.31
N GLU B 152 23.34 9.76 0.63
CA GLU B 152 23.84 10.89 1.40
C GLU B 152 24.76 11.80 0.59
N THR B 153 25.16 11.39 -0.61
CA THR B 153 26.01 12.19 -1.49
C THR B 153 25.20 12.79 -2.63
N ALA B 154 23.98 13.24 -2.34
CA ALA B 154 23.12 13.78 -3.40
C ALA B 154 23.76 14.96 -4.10
N GLU B 155 24.41 15.84 -3.34
CA GLU B 155 25.02 17.02 -3.93
C GLU B 155 26.01 16.65 -5.02
N GLN B 156 26.90 15.69 -4.73
CA GLN B 156 27.86 15.23 -5.73
C GLN B 156 27.22 14.31 -6.75
N ASP B 157 26.22 13.52 -6.35
CA ASP B 157 25.59 12.60 -7.29
C ASP B 157 24.90 13.34 -8.42
N ALA B 158 24.19 14.42 -8.10
CA ALA B 158 23.51 15.18 -9.14
C ALA B 158 24.51 15.78 -10.12
N LEU B 159 25.62 16.32 -9.61
CA LEU B 159 26.65 16.87 -10.49
C LEU B 159 27.25 15.77 -11.37
N TRP B 160 27.46 14.58 -10.80
CA TRP B 160 28.00 13.47 -11.58
C TRP B 160 27.05 13.08 -12.71
N MET B 161 25.76 12.98 -12.40
CA MET B 161 24.78 12.64 -13.43
C MET B 161 24.73 13.71 -14.52
N ARG B 162 24.76 14.99 -14.13
CA ARG B 162 24.74 16.05 -15.12
C ARG B 162 25.98 16.01 -15.99
N GLU B 163 27.14 15.74 -15.39
CA GLU B 163 28.37 15.65 -16.17
C GLU B 163 28.31 14.49 -17.15
N GLN B 164 27.80 13.34 -16.71
CA GLN B 164 27.68 12.19 -17.60
C GLN B 164 26.76 12.51 -18.77
N VAL B 165 25.61 13.14 -18.47
CA VAL B 165 24.67 13.46 -19.54
C VAL B 165 25.28 14.44 -20.52
N TYR B 166 25.95 15.48 -20.01
CA TYR B 166 26.56 16.47 -20.89
C TYR B 166 27.65 15.86 -21.76
N ARG B 167 28.46 14.98 -21.16
CA ARG B 167 29.51 14.31 -21.93
C ARG B 167 28.92 13.42 -23.01
N ALA B 168 27.84 12.71 -22.69
CA ALA B 168 27.18 11.89 -23.69
C ALA B 168 26.61 12.74 -24.82
N ALA B 169 26.03 13.89 -24.48
CA ALA B 169 25.42 14.77 -25.47
C ALA B 169 26.45 15.58 -26.25
N ALA B 170 27.72 15.52 -25.88
CA ALA B 170 28.74 16.25 -26.61
C ALA B 170 28.75 15.84 -28.08
N HIS B 171 28.92 16.83 -28.97
CA HIS B 171 28.86 16.60 -30.40
C HIS B 171 27.53 15.97 -30.80
N ARG B 172 26.45 16.44 -30.17
CA ARG B 172 25.12 15.91 -30.40
C ARG B 172 24.10 16.99 -30.05
N GLY B 173 22.82 16.62 -30.02
CA GLY B 173 21.80 17.58 -29.68
C GLY B 173 21.90 18.03 -28.24
N LYS B 174 21.48 19.27 -27.99
CA LYS B 174 21.55 19.86 -26.66
C LYS B 174 20.22 20.39 -26.16
N GLU B 175 19.17 20.39 -26.99
CA GLU B 175 17.86 20.88 -26.53
C GLU B 175 17.32 20.00 -25.42
N ILE B 176 17.54 18.68 -25.49
CA ILE B 176 17.03 17.77 -24.49
C ILE B 176 17.52 18.16 -23.10
N LEU B 177 18.72 18.75 -23.01
CA LEU B 177 19.25 19.15 -21.71
C LEU B 177 18.31 20.11 -21.00
N SER B 178 17.57 20.93 -21.75
CA SER B 178 16.66 21.88 -21.11
C SER B 178 15.52 21.18 -20.40
N ARG B 179 15.22 19.93 -20.75
CA ARG B 179 14.15 19.17 -20.13
C ARG B 179 14.62 18.24 -19.03
N LEU B 180 15.91 18.28 -18.69
CA LEU B 180 16.47 17.46 -17.63
C LEU B 180 16.83 18.34 -16.45
N HIS B 181 16.41 17.93 -15.26
CA HIS B 181 16.66 18.67 -14.03
C HIS B 181 17.24 17.74 -12.99
N PHE B 182 18.23 18.22 -12.25
CA PHE B 182 18.93 17.44 -11.24
C PHE B 182 18.79 18.14 -9.89
N SER B 183 18.25 17.44 -8.90
CA SER B 183 18.00 18.02 -7.59
C SER B 183 19.06 17.54 -6.61
N PRO B 184 19.95 18.40 -6.12
CA PRO B 184 20.89 17.97 -5.08
C PRO B 184 20.26 17.82 -3.71
N THR B 185 19.00 18.17 -3.54
CA THR B 185 18.35 18.09 -2.24
C THR B 185 18.21 16.64 -1.80
N HIS B 186 18.45 16.42 -0.51
CA HIS B 186 18.29 15.08 0.06
C HIS B 186 16.83 14.65 0.03
N VAL B 187 16.63 13.35 -0.14
CA VAL B 187 15.26 12.83 -0.25
C VAL B 187 14.51 13.05 1.07
N TYR B 188 15.22 12.96 2.19
CA TYR B 188 14.61 13.14 3.50
C TYR B 188 14.44 14.60 3.87
N ASN B 189 14.63 15.52 2.92
CA ASN B 189 14.49 16.95 3.18
C ASN B 189 13.62 17.64 2.13
N LEU B 190 12.96 16.89 1.25
CA LEU B 190 12.15 17.50 0.22
C LEU B 190 10.96 18.25 0.81
N GLY B 191 10.33 17.69 1.83
CA GLY B 191 9.13 18.29 2.38
C GLY B 191 7.92 18.15 1.49
N ASN B 192 7.93 17.14 0.61
CA ASN B 192 6.82 16.95 -0.33
C ASN B 192 6.28 15.53 -0.23
N TRP B 193 5.42 15.15 -1.18
CA TRP B 193 4.82 13.82 -1.21
C TRP B 193 5.66 12.80 -1.96
N ILE B 194 6.76 13.23 -2.58
CA ILE B 194 7.55 12.30 -3.39
C ILE B 194 8.09 11.13 -2.57
N PRO B 195 8.70 11.35 -1.40
CA PRO B 195 9.21 10.20 -0.63
C PRO B 195 8.15 9.17 -0.30
N ARG B 196 6.91 9.60 -0.03
CA ARG B 196 5.86 8.65 0.25
C ARG B 196 5.61 7.74 -0.95
N VAL B 197 5.57 8.32 -2.15
CA VAL B 197 5.39 7.52 -3.35
C VAL B 197 6.58 6.59 -3.55
N LEU B 198 7.79 7.09 -3.36
CA LEU B 198 8.98 6.26 -3.54
C LEU B 198 8.97 5.07 -2.60
N TYR B 199 8.55 5.27 -1.36
CA TYR B 199 8.55 4.20 -0.38
C TYR B 199 7.40 3.22 -0.60
N SER B 200 6.23 3.74 -0.98
CA SER B 200 5.02 2.91 -1.08
C SER B 200 4.88 2.20 -2.42
N TRP B 201 5.66 2.60 -3.44
CA TRP B 201 5.56 2.01 -4.76
C TRP B 201 6.63 0.95 -5.01
N GLY B 202 6.97 0.15 -4.00
CA GLY B 202 8.00 -0.85 -4.12
C GLY B 202 7.86 -1.74 -5.34
N CYS B 203 8.98 -1.96 -6.02
CA CYS B 203 8.99 -2.74 -7.26
C CYS B 203 9.03 -4.25 -7.01
N GLY B 204 10.12 -4.73 -6.42
CA GLY B 204 10.31 -6.16 -6.24
C GLY B 204 10.04 -6.96 -7.50
N GLY B 205 10.88 -6.80 -8.51
CA GLY B 205 10.69 -7.50 -9.77
C GLY B 205 11.94 -7.53 -10.61
N HIS B 206 11.76 -7.52 -11.93
CA HIS B 206 12.87 -7.63 -12.87
C HIS B 206 13.85 -6.47 -12.70
N ASN B 207 15.11 -6.79 -12.44
CA ASN B 207 16.18 -5.80 -12.36
C ASN B 207 15.80 -4.63 -11.47
N CYS B 208 14.91 -4.87 -10.52
CA CYS B 208 14.46 -3.84 -9.59
C CYS B 208 14.36 -4.48 -8.21
N GLY B 209 15.13 -3.95 -7.26
CA GLY B 209 15.38 -4.60 -6.00
C GLY B 209 16.86 -4.92 -5.86
N LEU B 210 17.52 -4.37 -4.85
CA LEU B 210 18.97 -4.41 -4.79
C LEU B 210 19.47 -5.85 -4.74
N GLY B 211 20.14 -6.27 -5.81
CA GLY B 211 20.77 -7.58 -5.83
C GLY B 211 22.12 -7.50 -5.16
N GLN B 212 22.34 -8.36 -4.16
CA GLN B 212 23.53 -8.29 -3.33
C GLN B 212 24.17 -9.68 -3.23
N VAL B 213 25.49 -9.67 -3.11
CA VAL B 213 26.29 -10.88 -2.94
C VAL B 213 27.04 -10.76 -1.61
N VAL B 214 26.96 -11.81 -0.80
CA VAL B 214 27.54 -11.84 0.53
C VAL B 214 28.62 -12.91 0.54
N PHE B 215 29.86 -12.50 0.82
CA PHE B 215 30.98 -13.40 0.97
C PHE B 215 31.26 -13.62 2.45
N SER B 216 31.28 -14.88 2.86
CA SER B 216 31.49 -15.24 4.26
C SER B 216 32.59 -16.29 4.34
N SER B 217 33.46 -16.12 5.33
CA SER B 217 34.54 -17.06 5.61
C SER B 217 34.69 -17.18 7.12
N PRO B 218 35.09 -18.36 7.61
CA PRO B 218 35.29 -18.49 9.06
C PRO B 218 36.34 -17.54 9.62
N ASP B 219 37.37 -17.23 8.85
CA ASP B 219 38.40 -16.31 9.33
C ASP B 219 37.82 -14.92 9.59
N TRP B 220 36.97 -14.44 8.68
CA TRP B 220 36.43 -13.10 8.81
C TRP B 220 35.41 -13.03 9.93
N LYS B 221 35.52 -12.01 10.77
CA LYS B 221 34.56 -11.79 11.83
C LYS B 221 33.19 -11.37 11.30
N GLY B 222 33.13 -10.88 10.07
CA GLY B 222 31.88 -10.47 9.47
C GLY B 222 31.86 -10.66 7.98
N PRO B 223 30.67 -10.64 7.38
CA PRO B 223 30.55 -10.85 5.93
C PRO B 223 30.96 -9.61 5.15
N VAL B 224 31.17 -9.81 3.85
CA VAL B 224 31.49 -8.74 2.91
C VAL B 224 30.35 -8.69 1.89
N ILE B 225 29.69 -7.53 1.80
CA ILE B 225 28.52 -7.37 0.96
C ILE B 225 28.88 -6.50 -0.22
N GLY B 226 28.49 -6.94 -1.42
CA GLY B 226 28.76 -6.20 -2.64
C GLY B 226 27.57 -6.24 -3.58
N LYS B 227 27.63 -5.38 -4.58
CA LYS B 227 26.57 -5.29 -5.58
C LYS B 227 26.85 -6.24 -6.73
N ARG B 228 25.78 -6.76 -7.32
CA ARG B 228 25.88 -7.67 -8.45
C ARG B 228 24.84 -7.30 -9.50
N LEU B 229 25.18 -7.54 -10.76
CA LEU B 229 24.29 -7.32 -11.89
C LEU B 229 24.13 -8.63 -12.65
N ASN B 230 22.93 -9.19 -12.62
CA ASN B 230 22.69 -10.45 -13.31
C ASN B 230 22.86 -10.27 -14.82
N ALA B 231 23.22 -11.37 -15.48
CA ALA B 231 23.41 -11.34 -16.92
C ALA B 231 22.10 -10.99 -17.62
N ARG B 232 22.19 -10.79 -18.93
CA ARG B 232 21.02 -10.42 -19.72
C ARG B 232 19.93 -11.48 -19.57
N TYR B 233 18.70 -11.01 -19.36
CA TYR B 233 17.58 -11.94 -19.16
C TYR B 233 17.40 -12.87 -20.34
N ASP B 234 17.70 -12.41 -21.56
CA ASP B 234 17.47 -13.20 -22.75
C ASP B 234 18.60 -14.17 -23.07
N TRP B 235 19.69 -14.13 -22.30
CA TRP B 235 20.84 -14.99 -22.53
C TRP B 235 20.90 -16.17 -21.57
N LEU B 236 20.80 -15.90 -20.27
CA LEU B 236 20.87 -16.92 -19.22
C LEU B 236 19.58 -16.88 -18.42
N TYR B 237 18.71 -17.87 -18.64
CA TYR B 237 17.47 -17.98 -17.90
C TYR B 237 17.65 -18.62 -16.54
N ALA B 238 18.81 -19.21 -16.27
CA ALA B 238 19.06 -19.81 -14.96
C ALA B 238 19.07 -18.74 -13.88
N HIS B 239 18.52 -19.10 -12.72
CA HIS B 239 18.43 -18.18 -11.59
C HIS B 239 19.24 -18.70 -10.42
N TRP B 240 19.78 -17.78 -9.63
CA TRP B 240 20.55 -18.15 -8.46
C TRP B 240 19.63 -18.75 -7.39
N SER B 241 20.25 -19.47 -6.45
CA SER B 241 19.54 -20.08 -5.33
C SER B 241 19.96 -19.41 -4.03
N THR B 242 18.99 -19.30 -3.11
CA THR B 242 19.27 -18.68 -1.83
C THR B 242 20.26 -19.48 -0.99
N ASP B 243 20.46 -20.75 -1.31
CA ASP B 243 21.40 -21.57 -0.55
C ASP B 243 22.83 -21.09 -0.80
N PRO B 244 23.70 -21.23 0.20
CA PRO B 244 25.09 -20.79 0.02
C PRO B 244 25.83 -21.64 -1.00
N TYR B 245 26.80 -21.01 -1.66
CA TYR B 245 27.66 -21.66 -2.63
C TYR B 245 29.11 -21.61 -2.13
N ARG B 246 30.00 -22.19 -2.92
CA ARG B 246 31.43 -22.12 -2.67
C ARG B 246 32.05 -21.10 -3.62
N LEU B 247 33.37 -21.01 -3.62
CA LEU B 247 34.07 -20.06 -4.47
C LEU B 247 35.47 -20.60 -4.76
N LEU B 248 35.82 -20.71 -6.03
CA LEU B 248 37.12 -21.19 -6.46
C LEU B 248 37.70 -20.21 -7.47
N ASP B 249 38.98 -19.90 -7.32
CA ASP B 249 39.66 -19.00 -8.24
C ASP B 249 40.07 -19.75 -9.49
N VAL B 250 39.70 -19.20 -10.65
CA VAL B 250 39.98 -19.83 -11.94
C VAL B 250 40.63 -18.83 -12.88
N GLY B 251 41.21 -17.78 -12.33
CA GLY B 251 41.86 -16.78 -13.15
C GLY B 251 40.89 -16.13 -14.12
N ASP B 252 41.32 -16.01 -15.37
CA ASP B 252 40.47 -15.41 -16.40
C ASP B 252 39.20 -16.22 -16.60
N GLY B 253 39.33 -17.55 -16.63
CA GLY B 253 38.18 -18.43 -16.77
C GLY B 253 37.82 -18.80 -18.18
N CYS B 254 38.56 -18.34 -19.17
CA CYS B 254 38.29 -18.68 -20.57
C CYS B 254 39.07 -19.90 -21.03
N ALA B 255 39.77 -20.57 -20.13
CA ALA B 255 40.47 -21.82 -20.42
C ALA B 255 39.88 -22.92 -19.55
N PRO B 256 39.34 -24.00 -20.12
CA PRO B 256 38.74 -25.04 -19.27
C PRO B 256 39.75 -25.62 -18.29
N VAL B 257 39.25 -25.98 -17.11
CA VAL B 257 40.07 -26.55 -16.05
C VAL B 257 39.60 -27.96 -15.76
N ALA B 258 40.25 -28.62 -14.81
CA ALA B 258 39.92 -30.00 -14.47
C ALA B 258 38.47 -30.11 -14.01
N SER B 259 38.13 -29.50 -12.89
CA SER B 259 36.77 -29.55 -12.35
C SER B 259 36.69 -28.66 -11.13
N LEU B 260 35.48 -28.18 -10.85
CA LEU B 260 35.21 -27.38 -9.65
C LEU B 260 34.31 -28.09 -8.66
N LYS B 261 33.61 -29.14 -9.07
CA LYS B 261 32.75 -29.91 -8.17
C LYS B 261 31.65 -29.04 -7.57
N GLY B 262 30.83 -28.48 -8.45
CA GLY B 262 29.71 -27.67 -8.02
C GLY B 262 30.10 -26.45 -7.22
N ALA B 263 31.23 -25.83 -7.56
CA ALA B 263 31.72 -24.64 -6.88
C ALA B 263 31.65 -23.45 -7.83
N VAL B 264 31.03 -22.37 -7.37
CA VAL B 264 30.92 -21.17 -8.20
C VAL B 264 32.30 -20.68 -8.57
N ALA B 265 32.47 -20.30 -9.83
CA ALA B 265 33.75 -19.84 -10.33
C ALA B 265 33.95 -18.37 -10.05
N TRP B 266 35.19 -17.99 -9.77
CA TRP B 266 35.58 -16.61 -9.49
C TRP B 266 36.51 -16.16 -10.61
N VAL B 267 35.96 -15.48 -11.61
CA VAL B 267 36.70 -15.12 -12.81
C VAL B 267 36.87 -13.61 -12.87
N SER B 268 37.84 -13.18 -13.67
CA SER B 268 38.19 -11.79 -13.84
C SER B 268 37.82 -11.35 -15.25
N GLU B 269 37.13 -10.22 -15.36
CA GLU B 269 36.73 -9.71 -16.66
C GLU B 269 37.96 -9.34 -17.48
N GLY B 270 37.86 -9.54 -18.79
CA GLY B 270 38.93 -9.22 -19.70
C GLY B 270 39.76 -10.45 -20.07
N GLY B 271 40.60 -10.27 -21.09
CA GLY B 271 41.46 -11.34 -21.57
C GLY B 271 40.83 -12.14 -22.69
N CYS B 272 39.59 -12.59 -22.46
CA CYS B 272 38.86 -13.38 -23.46
C CYS B 272 37.41 -12.91 -23.46
N SER B 273 36.55 -13.71 -24.08
CA SER B 273 35.13 -13.37 -24.19
C SER B 273 34.37 -13.81 -22.95
N PHE B 274 33.27 -13.10 -22.68
CA PHE B 274 32.44 -13.43 -21.53
C PHE B 274 31.68 -14.73 -21.76
N PHE B 275 31.07 -14.87 -22.94
CA PHE B 275 30.40 -16.12 -23.28
C PHE B 275 31.37 -17.29 -23.22
N THR B 276 32.59 -17.09 -23.71
CA THR B 276 33.61 -18.14 -23.63
C THR B 276 33.90 -18.50 -22.18
N LYS B 277 34.00 -17.50 -21.31
CA LYS B 277 34.24 -17.76 -19.90
C LYS B 277 33.13 -18.62 -19.31
N ILE B 278 31.88 -18.23 -19.55
CA ILE B 278 30.76 -18.98 -18.99
C ILE B 278 30.73 -20.39 -19.55
N LYS B 279 30.99 -20.55 -20.85
CA LYS B 279 30.98 -21.88 -21.45
C LYS B 279 32.06 -22.76 -20.85
N ASN B 280 33.28 -22.22 -20.70
CA ASN B 280 34.35 -23.01 -20.12
C ASN B 280 34.05 -23.38 -18.68
N MET B 281 33.48 -22.46 -17.91
CA MET B 281 33.14 -22.77 -16.52
C MET B 281 32.07 -23.85 -16.44
N GLU B 282 31.05 -23.77 -17.30
CA GLU B 282 30.03 -24.81 -17.32
C GLU B 282 30.61 -26.15 -17.72
N LYS B 283 31.51 -26.15 -18.71
CA LYS B 283 32.18 -27.39 -19.10
C LYS B 283 33.05 -27.95 -17.98
N SER B 284 33.48 -27.11 -17.05
CA SER B 284 34.29 -27.54 -15.91
C SER B 284 33.44 -27.96 -14.72
N ASN B 285 32.16 -28.26 -14.94
CA ASN B 285 31.26 -28.70 -13.87
C ASN B 285 31.17 -27.66 -12.76
N ALA B 286 30.66 -26.48 -13.13
CA ALA B 286 30.47 -25.37 -12.21
C ALA B 286 29.00 -24.99 -12.16
N THR B 287 28.50 -24.76 -10.96
CA THR B 287 27.10 -24.38 -10.77
C THR B 287 26.84 -22.92 -11.09
N GLY B 288 27.88 -22.10 -11.19
CA GLY B 288 27.70 -20.69 -11.49
C GLY B 288 29.03 -20.01 -11.70
N VAL B 289 28.96 -18.77 -12.15
CA VAL B 289 30.14 -17.97 -12.44
C VAL B 289 29.94 -16.57 -11.88
N LEU B 290 31.03 -15.95 -11.44
CA LEU B 290 31.01 -14.60 -10.89
C LEU B 290 32.20 -13.85 -11.45
N VAL B 291 31.94 -12.82 -12.25
CA VAL B 291 32.98 -12.00 -12.86
C VAL B 291 33.20 -10.79 -11.97
N TYR B 292 34.44 -10.59 -11.54
CA TYR B 292 34.80 -9.41 -10.76
C TYR B 292 35.54 -8.43 -11.66
N ALA B 293 35.06 -7.20 -11.70
CA ALA B 293 35.69 -6.18 -12.53
C ALA B 293 37.01 -5.76 -11.92
N LEU B 294 37.98 -5.45 -12.78
CA LEU B 294 39.29 -5.04 -12.32
C LEU B 294 39.16 -3.74 -11.53
N PRO B 295 40.08 -3.47 -10.61
CA PRO B 295 40.00 -2.24 -9.80
C PRO B 295 39.95 -1.01 -10.70
N GLY B 296 39.05 -0.10 -10.36
CA GLY B 296 38.86 1.12 -11.14
C GLY B 296 37.94 0.97 -12.32
N ASN B 297 37.44 -0.23 -12.61
CA ASN B 297 36.55 -0.45 -13.74
C ASN B 297 35.10 -0.39 -13.26
N ASN B 298 34.17 -0.73 -14.14
CA ASN B 298 32.75 -0.68 -13.84
C ASN B 298 32.08 -1.97 -14.28
N ILE B 299 30.93 -2.26 -13.66
CA ILE B 299 30.17 -3.44 -14.02
C ILE B 299 29.62 -3.29 -15.43
N GLN B 300 29.45 -4.42 -16.11
CA GLN B 300 28.94 -4.45 -17.47
C GLN B 300 27.78 -5.41 -17.56
N ASP B 301 26.94 -5.22 -18.58
CA ASP B 301 25.78 -6.07 -18.83
C ASP B 301 26.25 -7.27 -19.65
N MET B 302 26.08 -8.47 -19.10
CA MET B 302 26.51 -9.69 -19.78
C MET B 302 25.50 -10.07 -20.86
N ASN B 303 25.97 -10.17 -22.09
CA ASN B 303 25.12 -10.56 -23.21
C ASN B 303 25.97 -11.21 -24.29
N CYS B 304 25.30 -11.88 -25.22
CA CYS B 304 25.96 -12.61 -26.29
C CYS B 304 26.18 -11.70 -27.49
N LYS B 305 26.72 -12.28 -28.57
CA LYS B 305 26.94 -11.55 -29.82
C LYS B 305 26.85 -12.56 -30.96
N GLY B 306 25.68 -12.63 -31.60
CA GLY B 306 25.50 -13.45 -32.78
C GLY B 306 25.64 -14.94 -32.53
N ASP B 307 26.76 -15.51 -33.00
CA ASP B 307 26.94 -16.96 -32.90
C ASP B 307 26.85 -17.45 -31.46
N GLU B 308 27.13 -16.58 -30.50
CA GLU B 308 27.12 -17.00 -29.10
C GLU B 308 25.70 -17.28 -28.61
N CYS B 309 24.71 -16.60 -29.18
CA CYS B 309 23.34 -16.70 -28.70
C CYS B 309 22.65 -18.00 -29.10
N PHE B 310 23.02 -18.59 -30.24
CA PHE B 310 22.44 -19.86 -30.64
C PHE B 310 22.68 -20.90 -29.55
N THR B 311 23.91 -20.96 -29.04
CA THR B 311 24.22 -21.89 -27.96
C THR B 311 23.46 -21.50 -26.71
N SER B 312 23.03 -22.52 -25.95
CA SER B 312 22.27 -22.34 -24.73
C SER B 312 23.09 -22.81 -23.55
N LEU B 313 23.14 -22.00 -22.50
CA LEU B 313 23.86 -22.31 -21.27
C LEU B 313 22.87 -22.36 -20.12
N HIS B 314 22.98 -23.39 -19.30
CA HIS B 314 22.00 -23.68 -18.26
C HIS B 314 22.47 -23.32 -16.86
N ILE B 315 23.49 -22.47 -16.74
CA ILE B 315 23.97 -22.03 -15.44
C ILE B 315 23.84 -20.52 -15.34
N PRO B 316 23.60 -19.96 -14.16
CA PRO B 316 23.49 -18.51 -14.02
C PRO B 316 24.87 -17.86 -13.90
N ALA B 317 24.87 -16.54 -14.01
CA ALA B 317 26.09 -15.77 -13.92
C ALA B 317 25.76 -14.35 -13.52
N SER B 318 26.74 -13.65 -12.97
CA SER B 318 26.58 -12.26 -12.58
C SER B 318 27.96 -11.61 -12.53
N MET B 319 27.95 -10.28 -12.57
CA MET B 319 29.18 -9.50 -12.57
C MET B 319 29.19 -8.59 -11.35
N VAL B 320 30.34 -8.53 -10.68
CA VAL B 320 30.51 -7.77 -9.45
C VAL B 320 31.83 -7.01 -9.52
N HIS B 321 32.14 -6.31 -8.43
CA HIS B 321 33.40 -5.57 -8.32
C HIS B 321 34.47 -6.48 -7.71
N PHE B 322 35.69 -5.96 -7.62
CA PHE B 322 36.81 -6.72 -7.08
C PHE B 322 36.95 -6.46 -5.59
N GLN B 323 37.11 -7.55 -4.83
CA GLN B 323 37.28 -7.48 -3.38
C GLN B 323 38.65 -8.06 -3.03
N PRO B 324 39.56 -7.28 -2.43
CA PRO B 324 40.85 -7.86 -2.04
C PRO B 324 40.72 -8.99 -1.04
N LYS B 325 39.71 -8.96 -0.18
CA LYS B 325 39.60 -9.95 0.89
C LYS B 325 39.39 -11.35 0.33
N VAL B 326 38.48 -11.49 -0.64
CA VAL B 326 38.22 -12.82 -1.20
C VAL B 326 39.46 -13.33 -1.92
N LYS B 327 40.15 -12.45 -2.65
CA LYS B 327 41.37 -12.87 -3.33
C LYS B 327 42.42 -13.35 -2.34
N GLU B 328 42.61 -12.60 -1.25
CA GLU B 328 43.59 -13.00 -0.25
C GLU B 328 43.20 -14.33 0.40
N ALA B 329 41.90 -14.51 0.70
CA ALA B 329 41.46 -15.76 1.29
C ALA B 329 41.68 -16.93 0.36
N LEU B 330 41.37 -16.76 -0.93
CA LEU B 330 41.59 -17.83 -1.89
C LEU B 330 43.08 -18.14 -2.03
N GLN B 331 43.92 -17.12 -2.01
CA GLN B 331 45.36 -17.36 -2.04
C GLN B 331 45.81 -18.16 -0.82
N LYS B 332 45.27 -17.81 0.36
CA LYS B 332 45.56 -18.58 1.56
C LYS B 332 45.04 -20.00 1.47
N GLY B 333 44.06 -20.26 0.62
CA GLY B 333 43.42 -21.56 0.55
C GLY B 333 42.27 -21.76 1.51
N ARG B 334 41.91 -20.73 2.28
CA ARG B 334 40.82 -20.86 3.23
C ARG B 334 39.49 -21.03 2.50
N PRO B 335 38.58 -21.85 3.03
CA PRO B 335 37.26 -21.97 2.41
C PRO B 335 36.54 -20.62 2.38
N VAL B 336 35.80 -20.40 1.30
CA VAL B 336 35.02 -19.19 1.11
C VAL B 336 33.64 -19.56 0.61
N ASN B 337 32.61 -18.98 1.20
CA ASN B 337 31.23 -19.22 0.81
C ASN B 337 30.61 -17.93 0.30
N VAL B 338 29.70 -18.06 -0.66
CA VAL B 338 29.05 -16.93 -1.29
C VAL B 338 27.54 -17.17 -1.32
N LYS B 339 26.77 -16.13 -1.03
CA LYS B 339 25.32 -16.18 -1.01
C LYS B 339 24.78 -15.00 -1.82
N PHE B 340 23.60 -15.20 -2.39
CA PHE B 340 22.95 -14.19 -3.22
C PHE B 340 21.60 -13.84 -2.62
N GLN B 341 21.32 -12.53 -2.52
CA GLN B 341 20.07 -12.06 -1.93
C GLN B 341 19.54 -10.88 -2.72
N VAL B 342 18.28 -10.57 -2.48
CA VAL B 342 17.60 -9.45 -3.13
C VAL B 342 16.93 -8.64 -2.03
N THR B 343 17.57 -7.53 -1.65
CA THR B 343 17.01 -6.64 -0.65
C THR B 343 15.97 -5.73 -1.31
N PRO B 344 14.73 -5.69 -0.81
CA PRO B 344 13.75 -4.77 -1.39
C PRO B 344 14.20 -3.33 -1.25
N SER B 345 13.82 -2.52 -2.23
CA SER B 345 14.26 -1.13 -2.28
C SER B 345 13.08 -0.19 -2.51
N ARG B 346 13.39 1.09 -2.71
CA ARG B 346 12.39 2.11 -2.99
C ARG B 346 12.27 2.30 -4.50
N SER B 347 11.08 2.71 -4.93
CA SER B 347 10.83 2.89 -6.36
C SER B 347 11.82 3.87 -6.94
N PHE B 348 12.45 3.49 -8.05
CA PHE B 348 13.44 4.32 -8.71
C PHE B 348 12.86 5.16 -9.84
N PHE B 349 11.60 4.94 -10.21
CA PHE B 349 10.98 5.68 -11.31
C PHE B 349 9.49 5.79 -11.06
N PHE B 350 8.95 6.98 -11.29
CA PHE B 350 7.50 7.15 -11.34
C PHE B 350 7.17 8.35 -12.22
N GLY B 351 6.08 8.24 -12.98
CA GLY B 351 5.76 9.20 -14.01
C GLY B 351 4.44 9.89 -13.76
N ILE B 352 4.34 11.12 -14.25
CA ILE B 352 3.11 11.91 -14.25
C ILE B 352 2.73 12.16 -15.70
N ASP B 353 1.53 11.71 -16.07
CA ASP B 353 1.09 11.81 -17.45
C ASP B 353 0.93 13.28 -17.86
N GLN B 354 0.59 13.48 -19.13
CA GLN B 354 0.39 14.83 -19.64
C GLN B 354 -0.77 15.53 -18.95
N ARG B 355 -1.68 14.78 -18.34
CA ARG B 355 -2.84 15.34 -17.66
C ARG B 355 -2.69 15.36 -16.15
N GLY B 356 -1.48 15.13 -15.64
CA GLY B 356 -1.24 15.20 -14.21
C GLY B 356 -1.60 13.96 -13.43
N VAL B 357 -1.75 12.82 -14.10
CA VAL B 357 -2.12 11.57 -13.44
C VAL B 357 -0.86 10.76 -13.17
N LEU B 358 -0.71 10.30 -11.93
CA LEU B 358 0.42 9.45 -11.58
C LEU B 358 0.33 8.13 -12.32
N SER B 359 1.47 7.67 -12.83
CA SER B 359 1.53 6.44 -13.61
C SER B 359 2.80 5.67 -13.27
N GLU B 360 2.67 4.35 -13.24
CA GLU B 360 3.83 3.48 -13.03
C GLU B 360 4.60 3.31 -14.33
N MET B 361 5.91 3.16 -14.20
CA MET B 361 6.81 3.04 -15.35
C MET B 361 7.21 1.60 -15.64
N GLY B 362 6.62 0.63 -14.94
CA GLY B 362 6.88 -0.76 -15.27
C GLY B 362 8.26 -1.21 -14.84
N TRP B 363 8.76 -2.24 -15.53
CA TRP B 363 10.03 -2.88 -15.20
C TRP B 363 11.06 -2.56 -16.28
N PHE B 364 12.33 -2.68 -15.89
CA PHE B 364 13.47 -2.48 -16.77
C PHE B 364 14.16 -3.82 -16.93
N LEU B 365 14.06 -4.41 -18.13
CA LEU B 365 14.65 -5.73 -18.35
C LEU B 365 16.17 -5.68 -18.25
N TYR B 366 16.78 -4.68 -18.87
CA TYR B 366 18.22 -4.48 -18.81
C TYR B 366 18.51 -2.99 -18.66
N PRO B 367 19.69 -2.64 -18.14
CA PRO B 367 19.96 -1.24 -17.84
C PRO B 367 20.14 -0.36 -19.07
N SER B 368 19.03 0.09 -19.64
CA SER B 368 19.04 1.04 -20.74
C SER B 368 17.93 2.05 -20.52
N PHE B 369 18.24 3.33 -20.75
CA PHE B 369 17.24 4.38 -20.59
C PHE B 369 16.09 4.25 -21.57
N ARG B 370 16.24 3.44 -22.62
CA ARG B 370 15.19 3.30 -23.61
C ARG B 370 13.87 2.94 -22.97
N PHE B 371 13.90 2.10 -21.93
CA PHE B 371 12.67 1.68 -21.29
C PHE B 371 11.86 2.86 -20.79
N MET B 372 12.52 3.92 -20.32
CA MET B 372 11.80 5.13 -19.96
C MET B 372 11.18 5.78 -21.19
N ALA B 373 11.98 5.97 -22.24
CA ALA B 373 11.48 6.64 -23.44
C ALA B 373 10.20 5.99 -23.95
N TRP B 374 10.23 4.66 -24.09
CA TRP B 374 9.04 3.95 -24.54
C TRP B 374 7.84 4.32 -23.67
N GLN B 375 8.01 4.27 -22.35
CA GLN B 375 6.93 4.68 -21.46
C GLN B 375 6.43 6.07 -21.82
N ALA B 376 7.36 7.02 -21.97
CA ALA B 376 6.98 8.36 -22.36
C ALA B 376 6.15 8.32 -23.64
N GLN B 377 6.61 7.57 -24.64
CA GLN B 377 5.86 7.45 -25.88
C GLN B 377 4.42 7.05 -25.58
N TRP B 378 4.24 6.02 -24.75
CA TRP B 378 2.90 5.57 -24.40
C TRP B 378 2.05 6.74 -23.91
N PHE B 379 2.61 7.54 -22.99
CA PHE B 379 1.87 8.69 -22.49
C PHE B 379 1.31 9.52 -23.63
N VAL B 380 2.17 9.87 -24.58
CA VAL B 380 1.72 10.63 -25.75
C VAL B 380 0.50 9.96 -26.35
N PHE B 381 0.65 8.68 -26.72
CA PHE B 381 -0.48 7.95 -27.30
C PHE B 381 -1.71 8.08 -26.42
N ASN B 382 -1.55 7.85 -25.11
CA ASN B 382 -2.69 7.94 -24.21
C ASN B 382 -3.42 9.27 -24.38
N ASP B 383 -2.66 10.38 -24.38
CA ASP B 383 -3.27 11.67 -24.60
C ASP B 383 -4.03 11.69 -25.93
N ALA B 384 -3.34 11.30 -27.02
CA ALA B 384 -3.99 11.26 -28.32
C ALA B 384 -5.21 10.34 -28.28
N LEU B 385 -5.20 9.33 -27.42
CA LEU B 385 -6.37 8.47 -27.29
C LEU B 385 -7.49 9.20 -26.57
N LEU B 386 -7.17 9.86 -25.45
CA LEU B 386 -8.22 10.51 -24.67
C LEU B 386 -8.88 11.63 -25.46
N GLU B 387 -8.18 12.23 -26.41
CA GLU B 387 -8.80 13.24 -27.27
C GLU B 387 -9.78 12.59 -28.23
N GLN B 388 -9.46 11.39 -28.71
CA GLN B 388 -10.37 10.71 -29.65
C GLN B 388 -11.68 10.35 -28.97
N LEU B 389 -11.61 9.81 -27.75
CA LEU B 389 -12.83 9.42 -27.05
C LEU B 389 -13.72 10.61 -26.77
N SER B 390 -13.12 11.79 -26.56
CA SER B 390 -13.90 13.00 -26.29
C SER B 390 -14.67 13.48 -27.51
N GLN B 391 -14.37 12.97 -28.70
CA GLN B 391 -15.05 13.40 -29.91
C GLN B 391 -16.50 12.90 -29.90
N PRO B 392 -17.37 13.55 -30.67
CA PRO B 392 -18.77 13.11 -30.73
C PRO B 392 -18.87 11.66 -31.17
N ALA B 393 -19.70 10.89 -30.47
CA ALA B 393 -19.90 9.48 -30.79
C ALA B 393 -20.99 8.93 -29.89
N VAL B 394 -21.70 7.93 -30.39
CA VAL B 394 -22.72 7.23 -29.61
C VAL B 394 -22.02 6.11 -28.84
N THR B 395 -22.03 6.20 -27.51
CA THR B 395 -21.30 5.28 -26.65
C THR B 395 -22.27 4.30 -26.00
N VAL B 396 -21.91 3.02 -26.04
CA VAL B 396 -22.68 1.97 -25.39
C VAL B 396 -21.71 1.15 -24.53
N SER B 397 -21.91 1.17 -23.23
CA SER B 397 -21.01 0.48 -22.30
C SER B 397 -21.44 -0.97 -22.16
N VAL B 398 -20.53 -1.90 -22.43
CA VAL B 398 -20.80 -3.33 -22.32
C VAL B 398 -20.28 -3.88 -21.01
N PHE B 399 -19.07 -3.50 -20.61
CA PHE B 399 -18.46 -3.94 -19.37
C PHE B 399 -17.91 -2.73 -18.64
N ASP B 400 -18.05 -2.74 -17.31
CA ASP B 400 -17.51 -1.69 -16.44
C ASP B 400 -16.71 -2.40 -15.35
N HIS B 401 -15.44 -2.65 -15.63
CA HIS B 401 -14.57 -3.38 -14.71
C HIS B 401 -15.11 -4.77 -14.42
N HIS B 402 -15.78 -5.38 -15.39
CA HIS B 402 -16.33 -6.71 -15.22
C HIS B 402 -15.20 -7.73 -15.05
N ASP B 403 -15.36 -8.61 -14.07
CA ASP B 403 -14.33 -9.61 -13.79
C ASP B 403 -14.30 -10.67 -14.90
N MET B 404 -13.09 -11.12 -15.22
CA MET B 404 -12.89 -12.18 -16.21
C MET B 404 -11.98 -13.24 -15.64
N HIS B 405 -12.44 -14.49 -15.71
CA HIS B 405 -11.65 -15.66 -15.35
C HIS B 405 -12.49 -16.89 -15.64
N GLY B 406 -11.82 -18.00 -15.95
CA GLY B 406 -12.50 -19.23 -16.24
C GLY B 406 -13.08 -19.26 -17.65
N ASN B 407 -13.93 -20.26 -17.88
CA ASN B 407 -14.52 -20.44 -19.21
C ASN B 407 -15.53 -19.35 -19.52
N ALA B 408 -16.38 -18.99 -18.55
CA ALA B 408 -17.41 -18.00 -18.81
C ALA B 408 -16.80 -16.64 -19.12
N GLY B 409 -15.68 -16.30 -18.49
CA GLY B 409 -15.05 -15.02 -18.70
C GLY B 409 -15.90 -13.87 -18.20
N ALA B 410 -16.42 -13.06 -19.14
CA ALA B 410 -17.29 -11.94 -18.79
C ALA B 410 -18.41 -11.88 -19.81
N HIS B 411 -19.63 -12.18 -19.37
CA HIS B 411 -20.80 -12.17 -20.22
C HIS B 411 -21.71 -11.02 -19.83
N ALA B 412 -22.23 -10.32 -20.85
CA ALA B 412 -23.14 -9.20 -20.61
C ALA B 412 -24.16 -9.13 -21.73
N VAL B 413 -25.25 -8.44 -21.47
CA VAL B 413 -26.31 -8.23 -22.45
C VAL B 413 -26.55 -6.73 -22.56
N VAL B 414 -26.62 -6.22 -23.79
CA VAL B 414 -26.79 -4.81 -24.04
C VAL B 414 -27.92 -4.60 -25.03
N ASP B 415 -28.48 -3.39 -25.00
CA ASP B 415 -29.56 -2.97 -25.90
C ASP B 415 -29.00 -1.86 -26.78
N LEU B 416 -28.68 -2.20 -28.03
CA LEU B 416 -28.09 -1.24 -28.94
C LEU B 416 -29.13 -0.24 -29.41
N PRO B 417 -28.69 0.90 -29.97
CA PRO B 417 -29.65 1.90 -30.47
C PRO B 417 -30.69 1.29 -31.40
N ALA B 418 -31.80 2.03 -31.59
CA ALA B 418 -32.88 1.51 -32.41
C ALA B 418 -32.42 1.27 -33.85
N ASP B 419 -31.66 2.20 -34.42
CA ASP B 419 -31.19 2.11 -35.80
C ASP B 419 -29.71 2.45 -35.83
N ILE B 420 -28.87 1.47 -36.16
CA ILE B 420 -27.44 1.68 -36.33
C ILE B 420 -27.06 1.82 -37.80
N SER B 421 -28.05 1.83 -38.70
CA SER B 421 -27.74 1.99 -40.12
C SER B 421 -26.98 3.26 -40.42
N PRO B 422 -27.39 4.44 -39.95
CA PRO B 422 -26.64 5.66 -40.30
C PRO B 422 -25.20 5.64 -39.82
N TYR B 423 -24.91 4.93 -38.73
CA TYR B 423 -23.55 4.86 -38.20
C TYR B 423 -22.76 3.87 -39.05
N ASP B 424 -21.92 4.39 -39.94
CA ASP B 424 -21.08 3.58 -40.80
C ASP B 424 -19.73 3.25 -40.18
N VAL B 425 -19.45 3.75 -38.98
CA VAL B 425 -18.19 3.50 -38.30
C VAL B 425 -18.48 2.98 -36.91
N LEU B 426 -17.85 1.87 -36.54
CA LEU B 426 -17.99 1.27 -35.23
C LEU B 426 -16.61 0.97 -34.69
N GLU B 427 -16.33 1.42 -33.47
CA GLU B 427 -15.05 1.20 -32.82
C GLU B 427 -15.28 0.62 -31.44
N LEU B 428 -14.25 -0.08 -30.93
CA LEU B 428 -14.28 -0.67 -29.60
C LEU B 428 -13.17 -0.03 -28.77
N ASP B 429 -13.55 0.56 -27.64
CA ASP B 429 -12.62 1.08 -26.66
C ASP B 429 -12.55 0.09 -25.51
N THR B 430 -11.36 -0.47 -25.28
CA THR B 430 -11.19 -1.54 -24.30
C THR B 430 -10.10 -1.17 -23.31
N SER B 431 -10.30 -1.59 -22.07
CA SER B 431 -9.32 -1.38 -21.00
C SER B 431 -9.30 -2.64 -20.14
N LEU B 432 -8.14 -3.30 -20.12
CA LEU B 432 -7.95 -4.54 -19.35
C LEU B 432 -7.07 -4.22 -18.15
N SER B 433 -7.70 -3.96 -17.01
CA SER B 433 -7.00 -3.63 -15.79
C SER B 433 -6.98 -4.84 -14.85
N CYS B 434 -6.38 -4.64 -13.69
CA CYS B 434 -6.22 -5.67 -12.68
C CYS B 434 -7.10 -5.38 -11.48
N PRO B 435 -7.25 -6.35 -10.57
CA PRO B 435 -8.10 -6.11 -9.39
C PRO B 435 -7.69 -4.90 -8.59
N GLY B 436 -6.40 -4.60 -8.52
CA GLY B 436 -5.93 -3.44 -7.79
C GLY B 436 -5.31 -2.39 -8.69
N ARG B 437 -5.15 -1.17 -8.17
CA ARG B 437 -4.57 -0.11 -8.97
C ARG B 437 -3.12 -0.43 -9.34
N ARG B 438 -2.36 -0.98 -8.40
CA ARG B 438 -0.96 -1.27 -8.63
C ARG B 438 -0.78 -2.40 -9.63
N ASP B 439 0.35 -2.38 -10.33
CA ASP B 439 0.63 -3.41 -11.32
C ASP B 439 1.03 -4.73 -10.69
N GLU B 440 1.42 -4.72 -9.40
CA GLU B 440 1.82 -5.96 -8.74
C GLU B 440 0.69 -6.95 -8.60
N THR B 441 -0.56 -6.48 -8.63
CA THR B 441 -1.73 -7.34 -8.47
C THR B 441 -2.27 -7.85 -9.80
N CYS B 442 -1.40 -7.95 -10.82
CA CYS B 442 -1.81 -8.33 -12.16
C CYS B 442 -1.29 -9.71 -12.51
N ALA B 443 -1.85 -10.28 -13.57
CA ALA B 443 -1.42 -11.59 -14.04
C ALA B 443 0.03 -11.55 -14.50
N HIS B 444 0.74 -12.65 -14.27
CA HIS B 444 2.15 -12.75 -14.60
C HIS B 444 2.39 -13.40 -15.97
N TRP B 445 1.39 -13.37 -16.84
CA TRP B 445 1.52 -14.01 -18.14
C TRP B 445 0.65 -13.28 -19.15
N ASP B 446 0.97 -13.48 -20.43
CA ASP B 446 0.21 -12.90 -21.53
C ASP B 446 -0.73 -13.94 -22.10
N HIS B 447 -2.03 -13.63 -22.12
CA HIS B 447 -3.06 -14.53 -22.60
C HIS B 447 -3.97 -13.81 -23.56
N THR B 448 -4.35 -14.49 -24.64
CA THR B 448 -5.22 -13.89 -25.64
C THR B 448 -6.61 -13.67 -25.06
N VAL B 449 -7.30 -12.67 -25.59
CA VAL B 449 -8.66 -12.31 -25.19
C VAL B 449 -9.49 -12.12 -26.45
N GLN B 450 -10.68 -12.71 -26.47
CA GLN B 450 -11.54 -12.66 -27.64
C GLN B 450 -12.94 -12.21 -27.23
N LEU B 451 -13.55 -11.37 -28.05
CA LEU B 451 -14.91 -10.88 -27.82
C LEU B 451 -15.83 -11.52 -28.85
N PHE B 452 -16.77 -12.32 -28.38
CA PHE B 452 -17.79 -12.91 -29.23
C PHE B 452 -19.12 -12.21 -29.00
N VAL B 453 -19.93 -12.17 -30.04
CA VAL B 453 -21.22 -11.48 -30.01
C VAL B 453 -22.29 -12.41 -30.55
N CYS B 454 -23.43 -12.46 -29.87
CA CYS B 454 -24.58 -13.24 -30.30
C CYS B 454 -25.82 -12.38 -30.20
N CYS B 455 -26.54 -12.25 -31.32
CA CYS B 455 -27.78 -11.49 -31.36
C CYS B 455 -28.97 -12.30 -31.84
N ASN B 456 -28.74 -13.46 -32.45
CA ASN B 456 -29.84 -14.33 -32.88
C ASN B 456 -29.29 -15.75 -33.01
N ASP B 457 -29.68 -16.62 -32.07
CA ASP B 457 -29.17 -17.98 -32.08
C ASP B 457 -29.50 -18.72 -33.37
N SER B 458 -30.53 -18.28 -34.09
CA SER B 458 -30.92 -18.90 -35.35
C SER B 458 -30.18 -18.30 -36.55
N SER B 459 -29.04 -17.68 -36.32
CA SER B 459 -28.25 -17.05 -37.36
C SER B 459 -26.80 -17.48 -37.24
N PRO B 460 -26.07 -17.53 -38.36
CA PRO B 460 -24.65 -17.93 -38.29
C PRO B 460 -23.77 -16.93 -37.56
N TYR B 461 -24.22 -15.68 -37.39
CA TYR B 461 -23.40 -14.67 -36.77
C TYR B 461 -23.19 -14.87 -35.28
N CYS B 462 -23.98 -15.74 -34.65
CA CYS B 462 -23.85 -15.95 -33.21
C CYS B 462 -22.50 -16.56 -32.87
N ASN B 463 -21.94 -16.13 -31.75
CA ASN B 463 -20.66 -16.61 -31.23
C ASN B 463 -19.50 -16.26 -32.14
N GLN B 464 -19.71 -15.44 -33.15
CA GLN B 464 -18.61 -15.02 -34.02
C GLN B 464 -17.73 -14.01 -33.30
N GLU B 465 -16.44 -14.04 -33.60
CA GLU B 465 -15.48 -13.14 -32.97
C GLU B 465 -15.59 -11.75 -33.56
N LEU B 466 -15.57 -10.75 -32.67
CA LEU B 466 -15.65 -9.35 -33.06
C LEU B 466 -14.34 -8.60 -32.84
N GLY B 467 -13.60 -8.95 -31.80
CA GLY B 467 -12.32 -8.30 -31.52
C GLY B 467 -11.41 -9.22 -30.75
N ARG B 468 -10.11 -8.96 -30.90
CA ARG B 468 -9.07 -9.74 -30.24
C ARG B 468 -8.04 -8.82 -29.62
N TRP B 469 -7.56 -9.19 -28.44
CA TRP B 469 -6.56 -8.43 -27.72
C TRP B 469 -5.57 -9.39 -27.08
N VAL B 470 -4.44 -8.85 -26.64
CA VAL B 470 -3.42 -9.62 -25.95
C VAL B 470 -3.03 -8.87 -24.68
N THR B 471 -3.09 -9.56 -23.56
CA THR B 471 -2.76 -8.95 -22.28
C THR B 471 -1.26 -8.71 -22.17
N ALA B 472 -0.90 -7.84 -21.23
CA ALA B 472 0.49 -7.50 -20.96
C ALA B 472 1.00 -8.28 -19.76
N PHE B 473 2.33 -8.40 -19.69
CA PHE B 473 2.96 -9.11 -18.59
C PHE B 473 2.93 -8.29 -17.31
N ARG B 474 1.87 -8.44 -16.52
CA ARG B 474 1.77 -7.81 -15.20
C ARG B 474 1.59 -6.30 -15.31
N ARG B 475 0.81 -5.86 -16.29
CA ARG B 475 0.48 -4.45 -16.48
C ARG B 475 -1.01 -4.30 -16.66
N GLY B 476 -1.57 -3.26 -16.04
CA GLY B 476 -2.99 -3.02 -16.09
C GLY B 476 -3.36 -1.65 -16.62
N THR B 477 -2.42 -0.99 -17.29
CA THR B 477 -2.65 0.33 -17.87
C THR B 477 -3.15 0.24 -19.31
N GLY B 478 -3.42 -0.95 -19.82
CA GLY B 478 -3.86 -1.11 -21.19
C GLY B 478 -5.14 -0.35 -21.50
N HIS B 479 -5.13 0.40 -22.60
CA HIS B 479 -6.29 1.14 -23.06
C HIS B 479 -6.17 1.31 -24.57
N TRP B 480 -6.98 0.57 -25.32
CA TRP B 480 -6.85 0.51 -26.76
C TRP B 480 -8.17 0.85 -27.44
N LEU B 481 -8.06 1.28 -28.70
CA LEU B 481 -9.21 1.57 -29.54
C LEU B 481 -9.00 0.87 -30.88
N THR B 482 -9.94 0.00 -31.25
CA THR B 482 -9.84 -0.80 -32.47
C THR B 482 -11.04 -0.55 -33.36
N ASP B 483 -10.79 -0.46 -34.66
CA ASP B 483 -11.83 -0.22 -35.65
C ASP B 483 -12.35 -1.55 -36.18
N VAL B 484 -13.63 -1.83 -35.94
CA VAL B 484 -14.24 -3.09 -36.37
C VAL B 484 -15.52 -2.79 -37.14
N SER B 485 -15.55 -1.66 -37.83
CA SER B 485 -16.77 -1.24 -38.52
C SER B 485 -17.32 -2.29 -39.47
N PRO B 486 -16.51 -3.00 -40.26
CA PRO B 486 -17.10 -3.96 -41.22
C PRO B 486 -17.92 -5.06 -40.56
N LEU B 487 -17.72 -5.30 -39.26
CA LEU B 487 -18.47 -6.32 -38.55
C LEU B 487 -19.79 -5.81 -37.99
N ILE B 488 -20.21 -4.61 -38.40
CA ILE B 488 -21.49 -4.08 -37.92
C ILE B 488 -22.64 -5.03 -38.22
N PRO B 489 -22.74 -5.63 -39.40
CA PRO B 489 -23.90 -6.49 -39.69
C PRO B 489 -24.10 -7.63 -38.69
N LEU B 490 -23.06 -8.01 -37.95
CA LEU B 490 -23.23 -9.05 -36.94
C LEU B 490 -24.27 -8.63 -35.90
N LEU B 491 -24.45 -7.33 -35.69
CA LEU B 491 -25.43 -6.81 -34.74
C LEU B 491 -26.75 -6.60 -35.48
N ASN B 492 -27.45 -7.70 -35.72
CA ASN B 492 -28.71 -7.69 -36.44
C ASN B 492 -29.92 -7.55 -35.53
N ASN B 493 -29.72 -7.43 -34.23
CA ASN B 493 -30.80 -7.28 -33.27
C ASN B 493 -30.50 -6.11 -32.34
N LYS B 494 -31.57 -5.43 -31.91
CA LYS B 494 -31.40 -4.30 -31.01
C LYS B 494 -30.80 -4.73 -29.68
N LYS B 495 -31.04 -5.97 -29.27
CA LYS B 495 -30.49 -6.52 -28.04
C LYS B 495 -29.51 -7.63 -28.40
N CYS B 496 -28.32 -7.59 -27.81
CA CYS B 496 -27.26 -8.53 -28.13
C CYS B 496 -26.55 -8.94 -26.85
N SER B 497 -25.73 -10.00 -26.95
CA SER B 497 -24.97 -10.53 -25.84
C SER B 497 -23.50 -10.56 -26.23
N PHE B 498 -22.65 -10.04 -25.36
CA PHE B 498 -21.22 -9.95 -25.59
C PHE B 498 -20.48 -10.78 -24.54
N THR B 499 -19.55 -11.62 -25.01
CA THR B 499 -18.78 -12.50 -24.14
C THR B 499 -17.30 -12.26 -24.40
N MET B 500 -16.60 -11.76 -23.39
CA MET B 500 -15.15 -11.59 -23.45
C MET B 500 -14.51 -12.76 -22.72
N LYS B 501 -13.71 -13.54 -23.44
CA LYS B 501 -13.15 -14.79 -22.93
C LYS B 501 -11.64 -14.81 -23.09
N THR B 502 -10.96 -15.39 -22.10
CA THR B 502 -9.53 -15.60 -22.16
C THR B 502 -9.20 -17.04 -21.84
N ALA B 503 -7.92 -17.35 -21.63
CA ALA B 503 -7.55 -18.71 -21.29
C ALA B 503 -8.19 -19.11 -19.96
N PRO B 504 -8.78 -20.30 -19.87
CA PRO B 504 -9.44 -20.68 -18.59
C PRO B 504 -8.49 -20.65 -17.41
N TRP B 505 -7.24 -21.07 -17.59
CA TRP B 505 -6.27 -21.10 -16.51
C TRP B 505 -5.59 -19.76 -16.28
N ALA B 506 -6.12 -18.68 -16.85
CA ALA B 506 -5.51 -17.38 -16.70
C ALA B 506 -5.95 -16.71 -15.40
N MET B 507 -5.07 -15.86 -14.87
CA MET B 507 -5.38 -15.12 -13.67
C MET B 507 -6.48 -14.10 -13.95
N PRO B 508 -7.24 -13.70 -12.93
CA PRO B 508 -8.39 -12.82 -13.17
C PRO B 508 -7.97 -11.47 -13.73
N TRP B 509 -8.83 -10.92 -14.59
CA TRP B 509 -8.67 -9.59 -15.14
C TRP B 509 -9.95 -8.81 -14.91
N MET B 510 -9.92 -7.51 -15.23
CA MET B 510 -11.10 -6.66 -15.13
C MET B 510 -11.21 -5.86 -16.43
N THR B 511 -12.23 -6.17 -17.23
CA THR B 511 -12.38 -5.59 -18.55
C THR B 511 -13.45 -4.50 -18.53
N THR B 512 -13.15 -3.40 -19.23
CA THR B 512 -14.10 -2.32 -19.44
C THR B 512 -14.17 -2.06 -20.93
N LEU B 513 -15.36 -2.20 -21.51
CA LEU B 513 -15.54 -2.12 -22.96
C LEU B 513 -16.66 -1.16 -23.30
N ASN B 514 -16.43 -0.37 -24.34
CA ASN B 514 -17.43 0.55 -24.87
C ASN B 514 -17.43 0.49 -26.39
N LEU B 515 -18.63 0.48 -26.97
CA LEU B 515 -18.81 0.54 -28.40
C LEU B 515 -19.14 1.97 -28.80
N ARG B 516 -18.38 2.51 -29.74
CA ARG B 516 -18.53 3.88 -30.20
C ARG B 516 -18.99 3.84 -31.65
N PHE B 517 -20.22 4.29 -31.89
CA PHE B 517 -20.78 4.41 -33.22
C PHE B 517 -20.64 5.84 -33.70
N SER B 518 -20.28 6.01 -34.97
CA SER B 518 -20.04 7.33 -35.52
C SER B 518 -20.25 7.28 -37.03
N GLN B 519 -20.43 8.46 -37.62
CA GLN B 519 -20.60 8.61 -39.06
C GLN B 519 -19.33 9.21 -39.65
N SER B 520 -18.82 8.57 -40.69
CA SER B 520 -17.58 9.02 -41.31
C SER B 520 -17.80 10.33 -42.06
N ASN B 521 -16.69 11.03 -42.31
CA ASN B 521 -16.71 12.27 -43.07
C ASN B 521 -16.71 12.06 -44.56
N LYS B 522 -16.60 10.80 -45.02
CA LYS B 522 -16.56 10.52 -46.45
C LYS B 522 -17.87 10.94 -47.10
N THR B 523 -17.77 11.54 -48.29
CA THR B 523 -18.96 11.92 -49.03
C THR B 523 -19.66 10.71 -49.61
N GLU B 524 -18.91 9.79 -50.21
CA GLU B 524 -19.48 8.58 -50.78
C GLU B 524 -19.53 7.48 -49.71
N ARG B 525 -20.44 7.69 -48.75
CA ARG B 525 -20.57 6.77 -47.64
C ARG B 525 -21.12 5.42 -48.10
N LEU B 526 -20.55 4.35 -47.56
CA LEU B 526 -20.98 2.99 -47.84
C LEU B 526 -21.31 2.29 -46.53
N TYR B 527 -22.36 1.47 -46.55
CA TYR B 527 -22.87 0.83 -45.35
C TYR B 527 -22.79 -0.69 -45.49
N PRO B 528 -22.12 -1.40 -44.58
CA PRO B 528 -22.13 -2.87 -44.65
C PRO B 528 -23.53 -3.41 -44.44
N PHE B 529 -23.82 -4.53 -45.11
CA PHE B 529 -25.10 -5.20 -44.95
C PHE B 529 -25.00 -6.71 -44.84
N GLU B 530 -23.86 -7.32 -45.14
CA GLU B 530 -23.74 -8.76 -45.06
C GLU B 530 -22.30 -9.14 -44.75
N VAL B 531 -22.15 -10.10 -43.83
CA VAL B 531 -20.85 -10.62 -43.41
C VAL B 531 -20.95 -12.13 -43.46
N MET B 532 -20.08 -12.76 -44.26
CA MET B 532 -20.07 -14.21 -44.40
C MET B 532 -18.74 -14.76 -43.89
N PRO B 533 -18.72 -15.56 -42.82
CA PRO B 533 -17.45 -16.18 -42.42
C PRO B 533 -16.92 -17.09 -43.52
N LEU B 534 -15.59 -17.15 -43.61
CA LEU B 534 -14.92 -17.90 -44.67
C LEU B 534 -14.15 -19.10 -44.12
N PHE B 535 -13.19 -18.87 -43.23
CA PHE B 535 -12.38 -19.95 -42.69
C PHE B 535 -11.99 -19.63 -41.25
N ASN B 536 -11.68 -20.68 -40.49
CA ASN B 536 -11.21 -20.55 -39.13
C ASN B 536 -9.77 -21.07 -39.06
N GLY B 537 -9.17 -20.94 -37.87
CA GLY B 537 -7.80 -21.37 -37.64
C GLY B 537 -7.72 -22.82 -37.22
N GLY B 538 -6.52 -23.21 -36.80
CA GLY B 538 -6.29 -24.57 -36.35
C GLY B 538 -4.83 -24.79 -36.04
N THR B 539 -4.53 -26.03 -35.67
CA THR B 539 -3.16 -26.41 -35.34
C THR B 539 -2.28 -26.34 -36.58
N PHE B 540 -1.09 -25.77 -36.42
CA PHE B 540 -0.16 -25.59 -37.53
C PHE B 540 0.63 -26.87 -37.72
N ASP B 541 0.01 -27.82 -38.41
CA ASP B 541 0.60 -29.11 -38.73
C ASP B 541 0.59 -29.30 -40.24
N LYS B 542 1.13 -30.45 -40.69
CA LYS B 542 1.18 -30.75 -42.11
C LYS B 542 -0.22 -30.85 -42.70
N ASP B 543 -1.21 -31.20 -41.88
CA ASP B 543 -2.59 -31.30 -42.32
C ASP B 543 -3.35 -29.98 -42.18
N TYR B 544 -2.65 -28.89 -41.85
CA TYR B 544 -3.32 -27.61 -41.65
C TYR B 544 -4.04 -27.16 -42.90
N ASN B 545 -3.38 -27.27 -44.07
CA ASN B 545 -3.96 -26.84 -45.32
C ASN B 545 -4.86 -27.89 -45.96
N ARG B 546 -4.89 -29.11 -45.43
CA ARG B 546 -5.70 -30.17 -46.01
C ARG B 546 -7.15 -30.11 -45.56
N ARG B 547 -7.46 -29.35 -44.51
CA ARG B 547 -8.83 -29.24 -44.00
C ARG B 547 -9.60 -28.09 -44.62
N TYR B 548 -8.97 -27.30 -45.49
CA TYR B 548 -9.59 -26.13 -46.10
C TYR B 548 -9.90 -26.43 -47.56
N HIS B 549 -11.16 -26.24 -47.94
CA HIS B 549 -11.63 -26.48 -49.29
C HIS B 549 -12.13 -25.18 -49.89
N GLU B 550 -12.16 -25.13 -51.22
CA GLU B 550 -12.61 -23.94 -51.92
C GLU B 550 -14.06 -23.62 -51.57
N ILE B 551 -14.33 -22.37 -51.23
CA ILE B 551 -15.67 -21.88 -50.95
C ILE B 551 -16.16 -21.11 -52.16
N THR B 552 -17.30 -21.52 -52.70
CA THR B 552 -17.92 -20.85 -53.84
C THR B 552 -19.11 -20.04 -53.35
N PHE B 553 -19.12 -18.75 -53.70
CA PHE B 553 -20.16 -17.85 -53.24
C PHE B 553 -20.64 -16.97 -54.39
N SER B 554 -21.93 -16.66 -54.38
CA SER B 554 -22.54 -15.72 -55.32
C SER B 554 -22.79 -14.40 -54.60
N ILE B 555 -22.51 -13.30 -55.30
CA ILE B 555 -22.59 -11.98 -54.69
C ILE B 555 -24.02 -11.47 -54.79
N PRO B 556 -24.60 -10.94 -53.71
CA PRO B 556 -25.96 -10.39 -53.81
C PRO B 556 -25.99 -9.13 -54.67
N ALA B 557 -27.17 -8.84 -55.19
CA ALA B 557 -27.36 -7.66 -56.02
C ALA B 557 -27.22 -6.39 -55.18
N ALA B 558 -27.13 -5.25 -55.87
CA ALA B 558 -27.01 -3.95 -55.22
C ALA B 558 -25.77 -3.89 -54.33
N THR B 559 -24.66 -4.46 -54.83
CA THR B 559 -23.39 -4.45 -54.13
C THR B 559 -22.39 -3.59 -54.90
N LYS B 560 -21.66 -2.75 -54.16
CA LYS B 560 -20.68 -1.86 -54.74
C LYS B 560 -19.25 -2.15 -54.31
N LYS B 561 -19.05 -2.86 -53.20
CA LYS B 561 -17.71 -3.13 -52.71
C LYS B 561 -17.71 -4.41 -51.90
N VAL B 562 -16.61 -5.15 -52.01
CA VAL B 562 -16.41 -6.40 -51.28
C VAL B 562 -15.07 -6.32 -50.58
N GLU B 563 -15.03 -6.78 -49.34
CA GLU B 563 -13.83 -6.68 -48.52
C GLU B 563 -13.56 -8.01 -47.81
N LEU B 564 -12.28 -8.29 -47.60
CA LEU B 564 -11.83 -9.39 -46.76
C LEU B 564 -11.33 -8.83 -45.44
N TYR B 565 -11.85 -9.35 -44.34
CA TYR B 565 -11.51 -8.90 -42.99
C TYR B 565 -11.05 -10.13 -42.21
N ALA B 566 -9.74 -10.24 -41.97
CA ALA B 566 -9.16 -11.42 -41.34
C ALA B 566 -8.33 -11.01 -40.14
N VAL B 567 -8.58 -11.65 -39.01
CA VAL B 567 -7.77 -11.49 -37.81
C VAL B 567 -7.03 -12.81 -37.59
N ILE B 568 -5.71 -12.77 -37.71
CA ILE B 568 -4.88 -13.97 -37.65
C ILE B 568 -3.80 -13.77 -36.60
N THR B 569 -3.55 -14.81 -35.81
CA THR B 569 -2.51 -14.75 -34.79
C THR B 569 -1.89 -16.13 -34.64
N GLY B 570 -0.57 -16.19 -34.64
CA GLY B 570 0.16 -17.43 -34.41
C GLY B 570 0.59 -17.52 -32.95
N HIS B 571 0.57 -18.74 -32.43
CA HIS B 571 0.90 -18.99 -31.03
C HIS B 571 1.68 -20.29 -30.92
N GLY B 572 2.44 -20.41 -29.83
CA GLY B 572 3.21 -21.60 -29.56
C GLY B 572 4.58 -21.57 -30.20
N SER B 573 5.35 -22.62 -29.91
CA SER B 573 6.68 -22.79 -30.46
C SER B 573 6.87 -24.24 -30.88
N ASP B 574 7.74 -24.45 -31.85
CA ASP B 574 8.01 -25.78 -32.38
C ASP B 574 9.50 -25.89 -32.66
N ASP B 575 9.88 -26.90 -33.44
CA ASP B 575 11.29 -27.09 -33.78
C ASP B 575 11.88 -25.82 -34.39
N ASN B 576 11.11 -25.14 -35.23
CA ASN B 576 11.54 -23.89 -35.85
C ASN B 576 11.10 -22.67 -35.05
N ASN B 577 10.63 -22.86 -33.82
CA ASN B 577 10.11 -21.76 -33.01
C ASN B 577 8.92 -21.10 -33.69
N CYS B 578 8.18 -21.87 -34.48
CA CYS B 578 7.11 -21.32 -35.29
C CYS B 578 5.88 -21.03 -34.43
N GLY B 579 4.88 -20.44 -35.06
CA GLY B 579 3.67 -20.04 -34.38
C GLY B 579 3.76 -18.64 -33.80
N GLU B 580 4.50 -18.49 -32.70
CA GLU B 580 4.59 -17.20 -32.02
C GLU B 580 5.77 -16.36 -32.51
N PHE B 581 6.80 -16.99 -33.07
CA PHE B 581 7.99 -16.28 -33.53
C PHE B 581 8.36 -16.76 -34.93
N CYS B 582 7.36 -16.77 -35.82
CA CYS B 582 7.50 -17.33 -37.15
C CYS B 582 7.13 -16.30 -38.20
N VAL B 583 7.88 -16.29 -39.29
CA VAL B 583 7.53 -15.49 -40.47
C VAL B 583 6.67 -16.40 -41.34
N THR B 584 5.39 -16.47 -41.00
CA THR B 584 4.44 -17.34 -41.69
C THR B 584 3.56 -16.50 -42.61
N SER B 585 3.37 -16.98 -43.83
CA SER B 585 2.57 -16.29 -44.82
C SER B 585 1.18 -16.93 -44.90
N HIS B 586 0.18 -16.09 -45.13
CA HIS B 586 -1.21 -16.54 -45.27
C HIS B 586 -1.76 -16.01 -46.58
N TYR B 587 -2.29 -16.91 -47.40
CA TYR B 587 -2.77 -16.58 -48.73
C TYR B 587 -4.27 -16.83 -48.81
N PHE B 588 -5.00 -15.85 -49.34
CA PHE B 588 -6.42 -15.99 -49.65
C PHE B 588 -6.56 -15.96 -51.17
N LEU B 589 -6.36 -17.11 -51.79
CA LEU B 589 -6.47 -17.22 -53.23
C LEU B 589 -7.90 -16.97 -53.66
N ILE B 590 -8.07 -16.09 -54.64
CA ILE B 590 -9.40 -15.66 -55.10
C ILE B 590 -9.55 -16.06 -56.55
N ASN B 591 -10.62 -16.80 -56.85
CA ASN B 591 -10.93 -17.24 -58.21
C ASN B 591 -9.75 -18.01 -58.81
N ARG B 592 -8.95 -18.63 -57.94
CA ARG B 592 -7.78 -19.41 -58.36
C ARG B 592 -6.95 -18.66 -59.41
N SER B 593 -6.89 -17.34 -59.30
CA SER B 593 -6.20 -16.52 -60.29
C SER B 593 -5.31 -15.44 -59.69
N ILE B 594 -5.54 -15.00 -58.45
CA ILE B 594 -4.77 -13.92 -57.85
C ILE B 594 -4.52 -14.23 -56.39
N ASN B 595 -3.34 -13.86 -55.91
CA ASN B 595 -2.96 -14.06 -54.52
C ASN B 595 -3.50 -12.94 -53.63
N ASN B 596 -3.42 -13.16 -52.32
CA ASN B 596 -3.71 -12.13 -51.33
C ASN B 596 -2.94 -12.51 -50.07
N THR B 597 -1.80 -11.86 -49.87
CA THR B 597 -0.80 -12.32 -48.91
C THR B 597 -0.78 -11.45 -47.67
N LEU B 598 -0.69 -12.10 -46.51
CA LEU B 598 -0.40 -11.45 -45.24
C LEU B 598 0.81 -12.13 -44.63
N VAL B 599 1.84 -11.33 -44.32
CA VAL B 599 3.12 -11.83 -43.87
C VAL B 599 3.49 -11.16 -42.56
N PHE B 600 3.97 -11.96 -41.60
CA PHE B 600 4.48 -11.44 -40.34
C PHE B 600 6.00 -11.30 -40.43
N GLU B 601 6.41 -10.29 -41.19
CA GLU B 601 7.83 -10.07 -41.41
C GLU B 601 8.56 -9.75 -40.11
N ALA B 602 7.94 -8.93 -39.25
CA ALA B 602 8.58 -8.54 -38.00
C ALA B 602 8.71 -9.69 -37.01
N ALA B 603 8.06 -10.83 -37.27
CA ALA B 603 8.13 -11.95 -36.35
C ALA B 603 9.57 -12.43 -36.19
N GLY B 604 9.95 -12.71 -34.94
CA GLY B 604 11.27 -13.20 -34.63
C GLY B 604 12.32 -12.14 -34.41
N SER B 605 12.00 -10.87 -34.65
CA SER B 605 12.97 -9.81 -34.46
C SER B 605 13.11 -9.47 -32.98
N PRO B 606 14.30 -9.06 -32.54
CA PRO B 606 14.47 -8.71 -31.12
C PRO B 606 13.57 -7.59 -30.66
N LEU B 607 13.31 -6.60 -31.51
CA LEU B 607 12.55 -5.41 -31.13
C LEU B 607 11.40 -5.15 -32.10
N GLY B 608 10.80 -6.21 -32.65
CA GLY B 608 9.71 -6.02 -33.57
C GLY B 608 8.50 -5.37 -32.94
N CYS B 609 8.19 -5.74 -31.69
CA CYS B 609 7.04 -5.22 -30.99
C CYS B 609 7.35 -3.95 -30.21
N SER B 610 8.60 -3.50 -30.22
CA SER B 610 8.96 -2.27 -29.51
C SER B 610 8.56 -1.01 -30.28
N LEU B 611 8.29 -1.14 -31.58
CA LEU B 611 7.91 0.01 -32.39
C LEU B 611 6.42 0.28 -32.36
N LEU B 612 5.63 -0.57 -31.72
CA LEU B 612 4.19 -0.40 -31.64
C LEU B 612 3.75 0.29 -30.36
N VAL B 613 4.68 0.71 -29.51
CA VAL B 613 4.30 1.44 -28.30
C VAL B 613 3.57 2.73 -28.63
N PRO B 614 4.01 3.54 -29.61
CA PRO B 614 3.22 4.73 -29.98
C PRO B 614 1.83 4.38 -30.47
N LYS B 615 1.62 3.17 -30.99
CA LYS B 615 0.33 2.76 -31.52
C LYS B 615 -0.59 2.16 -30.47
N GLY B 616 -0.08 1.90 -29.26
CA GLY B 616 -0.91 1.38 -28.19
C GLY B 616 -0.22 0.33 -27.33
N GLY B 617 0.93 -0.15 -27.78
CA GLY B 617 1.62 -1.20 -27.04
C GLY B 617 1.99 -0.73 -25.64
N VAL B 618 1.74 -1.59 -24.67
CA VAL B 618 2.09 -1.31 -23.28
C VAL B 618 3.56 -1.64 -23.08
N PRO B 619 4.41 -0.67 -22.75
CA PRO B 619 5.84 -0.98 -22.61
C PRO B 619 6.22 -1.37 -21.19
N ASN B 620 7.50 -1.73 -21.01
CA ASN B 620 8.04 -2.04 -19.68
C ASN B 620 7.21 -3.12 -18.99
N GLU B 621 6.90 -4.18 -19.73
CA GLU B 621 6.18 -5.31 -19.18
C GLU B 621 7.15 -6.30 -18.54
N CYS B 622 6.64 -7.09 -17.59
CA CYS B 622 7.44 -8.08 -16.88
C CYS B 622 7.55 -9.36 -17.69
N GLY B 623 8.15 -9.23 -18.88
CA GLY B 623 8.31 -10.37 -19.75
C GLY B 623 8.97 -9.96 -21.05
N THR B 624 8.95 -10.88 -22.01
CA THR B 624 9.56 -10.66 -23.31
C THR B 624 8.56 -9.97 -24.24
N TRP B 625 8.33 -8.69 -23.95
CA TRP B 625 7.42 -7.86 -24.73
C TRP B 625 8.12 -7.20 -25.91
N LEU B 626 9.43 -7.34 -26.03
CA LEU B 626 10.17 -6.72 -27.13
C LEU B 626 10.24 -7.60 -28.37
N TYR B 627 10.20 -8.93 -28.19
CA TYR B 627 10.35 -9.83 -29.32
C TYR B 627 9.21 -9.62 -30.30
N GLY B 628 9.55 -9.64 -31.59
CA GLY B 628 8.55 -9.51 -32.63
C GLY B 628 7.79 -10.81 -32.80
N ARG B 629 6.48 -10.78 -32.55
CA ARG B 629 5.63 -11.95 -32.67
C ARG B 629 4.95 -11.98 -34.03
N GLY B 630 4.22 -13.06 -34.28
CA GLY B 630 3.57 -13.24 -35.57
C GLY B 630 2.14 -12.73 -35.59
N GLY B 631 1.94 -11.51 -36.08
CA GLY B 631 0.62 -10.94 -36.23
C GLY B 631 0.05 -10.27 -35.00
N TRP B 632 0.82 -10.19 -33.91
CA TRP B 632 0.31 -9.56 -32.69
C TRP B 632 1.50 -9.10 -31.86
N CYS B 633 1.17 -8.39 -30.77
CA CYS B 633 2.18 -7.92 -29.84
C CYS B 633 1.55 -7.87 -28.44
N ASP B 634 2.40 -8.00 -27.43
CA ASP B 634 1.91 -8.02 -26.06
C ASP B 634 1.34 -6.66 -25.67
N GLY B 635 0.24 -6.69 -24.92
CA GLY B 635 -0.40 -5.47 -24.48
C GLY B 635 -0.85 -4.59 -25.62
N LEU B 636 -1.52 -5.18 -26.59
CA LEU B 636 -1.99 -4.44 -27.76
C LEU B 636 -3.08 -5.23 -28.45
N GLN B 637 -4.04 -4.50 -29.02
CA GLN B 637 -5.09 -5.12 -29.80
C GLN B 637 -4.52 -5.67 -31.11
N VAL B 638 -5.23 -6.66 -31.66
CA VAL B 638 -4.85 -7.27 -32.93
C VAL B 638 -5.55 -6.48 -34.03
N ASP B 639 -4.78 -5.63 -34.71
CA ASP B 639 -5.34 -4.84 -35.79
C ASP B 639 -5.76 -5.75 -36.93
N PRO B 640 -7.03 -5.74 -37.35
CA PRO B 640 -7.46 -6.65 -38.40
C PRO B 640 -6.82 -6.34 -39.74
N TRP B 641 -6.66 -7.37 -40.55
CA TRP B 641 -6.17 -7.24 -41.91
C TRP B 641 -7.37 -7.06 -42.84
N ARG B 642 -7.48 -5.90 -43.46
CA ARG B 642 -8.58 -5.56 -44.34
C ARG B 642 -8.06 -5.34 -45.74
N ARG B 643 -8.71 -5.96 -46.73
CA ARG B 643 -8.29 -5.83 -48.12
C ARG B 643 -9.52 -5.68 -49.01
N ASP B 644 -9.38 -4.89 -50.07
CA ASP B 644 -10.44 -4.68 -51.05
C ASP B 644 -10.19 -5.57 -52.25
N ILE B 645 -11.22 -6.28 -52.69
CA ILE B 645 -11.10 -7.23 -53.79
C ILE B 645 -12.21 -7.00 -54.80
N THR B 646 -12.83 -5.83 -54.76
CA THR B 646 -13.93 -5.54 -55.69
C THR B 646 -13.50 -5.76 -57.13
N SER B 647 -12.26 -5.38 -57.46
CA SER B 647 -11.77 -5.56 -58.82
C SER B 647 -11.58 -7.03 -59.15
N GLN B 648 -11.02 -7.81 -58.22
CA GLN B 648 -10.74 -9.21 -58.49
C GLN B 648 -12.02 -9.99 -58.73
N LEU B 649 -13.06 -9.75 -57.94
CA LEU B 649 -14.29 -10.50 -58.05
C LEU B 649 -15.10 -10.06 -59.26
N ASP B 650 -15.90 -10.98 -59.79
CA ASP B 650 -16.87 -10.67 -60.83
C ASP B 650 -18.15 -10.23 -60.13
N MET B 651 -18.43 -8.92 -60.19
CA MET B 651 -19.56 -8.37 -59.44
C MET B 651 -20.87 -9.05 -59.83
N SER B 652 -20.95 -9.57 -61.04
CA SER B 652 -22.13 -10.29 -61.54
C SER B 652 -21.71 -11.71 -61.88
N GLY B 653 -21.78 -12.59 -60.90
CA GLY B 653 -21.41 -13.97 -61.10
C GLY B 653 -20.93 -14.60 -59.80
N SER B 654 -20.51 -15.85 -59.92
CA SER B 654 -19.99 -16.60 -58.77
C SER B 654 -18.48 -16.45 -58.68
N ASN B 655 -17.96 -16.66 -57.47
CA ASN B 655 -16.54 -16.53 -57.21
C ASN B 655 -16.11 -17.63 -56.24
N SER B 656 -14.80 -17.90 -56.21
CA SER B 656 -14.23 -18.93 -55.36
C SER B 656 -13.11 -18.33 -54.52
N VAL B 657 -13.01 -18.81 -53.29
CA VAL B 657 -11.98 -18.34 -52.35
C VAL B 657 -11.43 -19.53 -51.59
N ARG B 658 -10.12 -19.53 -51.37
CA ARG B 658 -9.46 -20.63 -50.67
C ARG B 658 -8.29 -20.08 -49.86
N TYR B 659 -8.25 -20.43 -48.59
CA TYR B 659 -7.17 -20.02 -47.70
C TYR B 659 -6.10 -21.10 -47.63
N PHE B 660 -4.85 -20.66 -47.43
CA PHE B 660 -3.79 -21.60 -47.09
C PHE B 660 -2.62 -20.85 -46.47
N GLY B 661 -2.04 -21.45 -45.44
CA GLY B 661 -0.89 -20.89 -44.74
C GLY B 661 0.36 -21.67 -45.07
N LEU B 662 1.48 -20.95 -45.14
CA LEU B 662 2.76 -21.55 -45.50
C LEU B 662 3.88 -20.96 -44.65
N PHE B 663 4.95 -21.72 -44.53
CA PHE B 663 6.16 -21.30 -43.83
C PHE B 663 7.34 -21.51 -44.77
N GLU B 664 8.11 -20.44 -44.99
CA GLU B 664 9.25 -20.47 -45.91
C GLU B 664 8.82 -20.89 -47.31
N GLY B 665 7.58 -20.61 -47.67
CA GLY B 665 7.08 -20.99 -48.98
C GLY B 665 6.68 -22.44 -49.11
N ARG B 666 6.51 -23.14 -47.99
CA ARG B 666 6.14 -24.55 -48.03
C ARG B 666 5.26 -24.86 -46.84
N ASP B 667 4.50 -25.95 -46.95
CA ASP B 667 3.62 -26.35 -45.87
C ASP B 667 4.44 -26.70 -44.63
N PRO B 668 3.91 -26.41 -43.44
CA PRO B 668 4.67 -26.68 -42.21
C PRO B 668 4.87 -28.17 -41.99
N ASN B 669 6.01 -28.51 -41.39
CA ASN B 669 6.33 -29.89 -41.01
C ASN B 669 6.94 -29.88 -39.62
N PRO B 670 6.12 -29.56 -38.60
CA PRO B 670 6.64 -29.54 -37.22
C PRO B 670 6.75 -30.94 -36.66
N LYS B 671 7.98 -31.35 -36.32
CA LYS B 671 8.22 -32.68 -35.78
C LYS B 671 7.99 -32.76 -34.28
N THR B 672 8.12 -31.65 -33.56
CA THR B 672 7.93 -31.62 -32.13
C THR B 672 7.20 -30.35 -31.72
N ASP B 673 6.22 -30.49 -30.83
CA ASP B 673 5.49 -29.36 -30.29
C ASP B 673 4.93 -28.47 -31.40
N PRO B 674 3.94 -28.95 -32.14
CA PRO B 674 3.36 -28.12 -33.22
C PRO B 674 2.71 -26.86 -32.66
N GLY B 675 2.75 -25.81 -33.46
CA GLY B 675 2.18 -24.53 -33.08
C GLY B 675 0.69 -24.47 -33.37
N ASN B 676 0.13 -23.29 -33.12
CA ASN B 676 -1.30 -23.04 -33.31
C ASN B 676 -1.51 -21.76 -34.09
N ILE B 677 -2.59 -21.72 -34.87
CA ILE B 677 -2.98 -20.55 -35.64
C ILE B 677 -4.44 -20.26 -35.34
N LEU B 678 -4.71 -19.10 -34.75
CA LEU B 678 -6.06 -18.66 -34.45
C LEU B 678 -6.46 -17.62 -35.49
N MET B 679 -7.45 -17.96 -36.31
CA MET B 679 -7.89 -17.09 -37.38
C MET B 679 -9.40 -16.91 -37.31
N TYR B 680 -9.84 -15.70 -37.69
CA TYR B 680 -11.26 -15.42 -37.89
C TYR B 680 -11.36 -14.57 -39.15
N SER B 681 -11.96 -15.13 -40.20
CA SER B 681 -12.02 -14.50 -41.51
C SER B 681 -13.48 -14.21 -41.86
N TYR B 682 -13.69 -13.10 -42.57
CA TYR B 682 -15.02 -12.69 -42.99
C TYR B 682 -14.94 -12.02 -44.36
N LEU B 683 -16.00 -12.19 -45.13
CA LEU B 683 -16.20 -11.48 -46.39
C LEU B 683 -17.37 -10.52 -46.18
N VAL B 684 -17.10 -9.23 -46.36
CA VAL B 684 -18.05 -8.17 -46.06
C VAL B 684 -18.51 -7.55 -47.38
N PHE B 685 -19.82 -7.38 -47.52
CA PHE B 685 -20.41 -6.75 -48.70
C PHE B 685 -20.99 -5.40 -48.32
N TYR B 686 -20.65 -4.37 -49.10
CA TYR B 686 -21.15 -3.02 -48.86
C TYR B 686 -22.24 -2.68 -49.86
N GLN B 687 -23.19 -1.86 -49.43
CA GLN B 687 -24.30 -1.44 -50.29
C GLN B 687 -23.76 -0.66 -51.49
C1 NAG C . 21.85 12.86 15.81
C2 NAG C . 23.25 12.53 16.32
C3 NAG C . 23.72 13.65 17.25
C4 NAG C . 23.64 14.98 16.52
C5 NAG C . 22.25 15.18 15.92
C6 NAG C . 22.12 16.44 15.10
C7 NAG C . 23.95 10.17 16.53
C8 NAG C . 23.83 8.95 17.39
N2 NAG C . 23.27 11.25 16.98
O3 NAG C . 25.03 13.33 17.66
O4 NAG C . 23.92 15.99 17.47
O5 NAG C . 21.91 14.07 15.10
O6 NAG C . 23.07 16.43 14.07
O7 NAG C . 24.62 10.18 15.51
H2 NAG C . 23.84 12.48 15.55
H3 NAG C . 23.11 13.68 18.01
H4 NAG C . 24.30 14.98 15.81
H5 NAG C . 21.60 15.26 16.65
H61 NAG C . 21.21 16.49 14.76
H62 NAG C . 22.23 17.20 15.70
H81 NAG C . 23.66 8.18 16.82
H82 NAG C . 24.67 8.78 17.85
H83 NAG C . 23.13 9.00 18.06
HN2 NAG C . 22.83 11.17 17.71
HO3 NAG C . 25.22 13.84 18.31
HO6 NAG C . 23.06 17.19 13.68
C1 NAG C . 25.33 16.25 17.50
C2 NAG C . 25.55 17.77 17.53
C3 NAG C . 27.06 18.08 17.61
C4 NAG C . 27.66 17.34 18.80
C5 NAG C . 27.34 15.85 18.68
C6 NAG C . 27.89 15.02 19.82
C7 NAG C . 25.14 18.31 15.09
C8 NAG C . 26.20 17.34 14.62
N2 NAG C . 24.92 18.44 16.42
O3 NAG C . 27.20 19.47 17.72
O4 NAG C . 29.05 17.58 18.78
O5 NAG C . 25.95 15.67 18.63
O6 NAG C . 27.42 15.53 21.05
O7 NAG C . 24.52 18.95 14.27
H2 NAG C . 25.14 18.10 18.34
H3 NAG C . 27.49 17.75 16.81
H4 NAG C . 27.25 17.69 19.61
H5 NAG C . 27.75 15.51 17.87
H61 NAG C . 27.63 14.09 19.69
H62 NAG C . 28.86 15.04 19.77
H81 NAG C . 25.99 17.07 13.71
H82 NAG C . 27.06 17.79 14.59
H83 NAG C . 26.29 16.55 15.16
HN2 NAG C . 24.31 19.00 16.64
HO3 NAG C . 28.04 19.64 17.74
HO4 NAG C . 29.35 17.55 19.57
HO6 NAG C . 27.80 15.10 21.68
C1 NAG D . -27.86 8.40 49.53
C2 NAG D . -28.35 8.61 50.97
C3 NAG D . -28.99 9.99 51.08
C4 NAG D . -28.04 11.07 50.58
C5 NAG D . -27.50 10.70 49.20
C6 NAG D . -26.46 11.66 48.65
C7 NAG D . -29.29 6.87 52.50
C8 NAG D . -28.21 7.17 53.52
N2 NAG D . -29.28 7.58 51.35
O3 NAG D . -29.34 10.19 52.43
O4 NAG D . -28.79 12.27 50.55
O5 NAG D . -26.92 9.41 49.24
O6 NAG D . -25.43 11.84 49.61
O7 NAG D . -30.13 6.02 52.73
H2 NAG D . -27.57 8.58 51.55
H3 NAG D . -29.77 10.00 50.51
H4 NAG D . -27.30 11.13 51.21
H5 NAG D . -28.23 10.72 48.57
H61 NAG D . -26.12 11.31 47.82
H62 NAG D . -26.90 12.50 48.45
H81 NAG D . -28.41 6.73 54.35
H82 NAG D . -27.36 6.81 53.19
H83 NAG D . -28.09 8.12 53.69
HN2 NAG D . -29.90 7.41 50.78
HO3 NAG D . -29.69 10.95 52.49
C1 NAG D . -27.97 13.43 50.79
C2 NAG D . -28.89 14.66 50.84
C3 NAG D . -28.09 15.92 51.17
C4 NAG D . -27.28 15.70 52.44
C5 NAG D . -26.43 14.43 52.26
C6 NAG D . -25.56 14.11 53.46
C7 NAG D . -29.21 15.02 48.35
C8 NAG D . -27.73 15.14 48.09
N2 NAG D . -29.65 14.81 49.62
O3 NAG D . -28.99 16.99 51.31
O4 NAG D . -26.47 16.84 52.63
O5 NAG D . -27.29 13.34 52.03
O6 NAG D . -24.89 12.89 53.25
O7 NAG D . -30.00 15.12 47.42
H2 NAG D . -29.53 14.52 51.55
H3 NAG D . -27.46 16.10 50.46
H4 NAG D . -27.90 15.57 53.17
H5 NAG D . -25.83 14.56 51.51
H61 NAG D . -24.93 14.84 53.59
H62 NAG D . -26.12 14.09 54.25
H81 NAG D . -27.52 14.74 47.23
H82 NAG D . -27.49 16.07 48.03
H83 NAG D . -27.16 14.72 48.76
HN2 NAG D . -30.50 14.74 49.71
HO3 NAG D . -28.54 17.69 51.45
HO4 NAG D . -26.30 16.92 53.46
HO6 NAG D . -24.47 12.69 53.96
C1 FUC D . -24.16 11.63 48.96
C2 FUC D . -23.45 12.97 48.85
C3 FUC D . -23.12 13.51 50.24
C4 FUC D . -22.28 12.48 51.00
C5 FUC D . -23.06 11.16 51.03
C6 FUC D . -22.29 10.04 51.69
O2 FUC D . -24.28 13.84 48.12
O3 FUC D . -22.46 14.74 50.06
O4 FUC D . -21.03 12.37 50.38
O5 FUC D . -23.37 10.74 49.70
H2 FUC D . -22.62 12.81 48.38
H3 FUC D . -23.95 13.62 50.73
H4 FUC D . -22.19 12.79 51.92
H5 FUC D . -23.87 11.31 51.53
H61 FUC D . -22.84 9.24 51.76
H62 FUC D . -21.49 9.80 51.20
H63 FUC D . -22.03 10.29 52.59
HO2 FUC D . -23.86 14.58 48.03
HO3 FUC D . -22.45 15.15 50.81
HO4 FUC D . -20.51 11.94 50.89
C1 NAG E . 28.80 3.82 -6.96
C2 NAG E . 29.83 4.96 -7.04
C3 NAG E . 31.11 4.42 -7.66
C4 NAG E . 31.60 3.22 -6.87
C5 NAG E . 30.48 2.20 -6.71
C6 NAG E . 30.86 1.02 -5.84
C7 NAG E . 29.06 7.29 -7.27
C8 NAG E . 28.52 8.31 -8.24
N2 NAG E . 29.31 6.08 -7.79
O3 NAG E . 32.05 5.47 -7.68
O4 NAG E . 32.69 2.67 -7.58
O5 NAG E . 29.34 2.81 -6.15
O6 NAG E . 31.25 1.48 -4.57
O7 NAG E . 29.25 7.57 -6.10
H2 NAG E . 30.01 5.26 -6.13
H3 NAG E . 30.91 4.12 -8.56
H4 NAG E . 31.88 3.53 -5.99
H5 NAG E . 30.26 1.83 -7.59
H61 NAG E . 30.10 0.42 -5.80
H62 NAG E . 31.57 0.53 -6.30
H81 NAG E . 27.77 8.77 -7.83
H82 NAG E . 29.20 8.97 -8.43
H83 NAG E . 28.23 7.92 -9.08
HN2 NAG E . 29.15 5.95 -8.62
HO3 NAG E . 32.68 5.24 -8.19
HO6 NAG E . 31.56 0.81 -4.13
C1 NAG E . 33.91 3.28 -7.14
C2 NAG E . 34.97 2.18 -6.95
C3 NAG E . 36.31 2.80 -6.54
C4 NAG E . 36.71 3.87 -7.55
C5 NAG E . 35.56 4.88 -7.69
C6 NAG E . 35.85 5.99 -8.69
C7 NAG E . 34.22 1.25 -4.71
C8 NAG E . 34.32 2.60 -4.04
N2 NAG E . 34.54 1.15 -6.02
O3 NAG E . 37.26 1.77 -6.45
O4 NAG E . 37.89 4.46 -7.07
O5 NAG E . 34.39 4.21 -8.08
O6 NAG E . 36.16 5.42 -9.93
O7 NAG E . 33.87 0.28 -4.07
H2 NAG E . 35.10 1.75 -7.81
H3 NAG E . 36.20 3.24 -5.68
H4 NAG E . 36.85 3.43 -8.41
H5 NAG E . 35.43 5.31 -6.83
H61 NAG E . 35.07 6.57 -8.73
H62 NAG E . 36.58 6.52 -8.33
H81 NAG E . 33.72 2.61 -3.27
H82 NAG E . 35.22 2.73 -3.70
H83 NAG E . 34.10 3.36 -4.61
HN2 NAG E . 34.47 0.37 -6.37
HO3 NAG E . 37.99 2.12 -6.20
HO4 NAG E . 38.34 4.75 -7.75
HO6 NAG E . 36.40 6.05 -10.46
C1 NAG F . -1.00 -17.92 -54.57
C2 NAG F . -0.80 -18.22 -56.06
C3 NAG F . -0.45 -19.69 -56.22
C4 NAG F . 0.74 -20.07 -55.35
C5 NAG F . 0.51 -19.60 -53.92
C6 NAG F . 1.68 -19.83 -52.98
C7 NAG F . -2.05 -17.19 -57.98
C8 NAG F . -0.75 -16.71 -58.58
N2 NAG F . -1.98 -17.88 -56.81
O3 NAG F . -0.19 -19.92 -57.59
O4 NAG F . 0.85 -21.48 -55.43
O5 NAG F . 0.21 -18.22 -53.91
O6 NAG F . 2.85 -19.28 -53.56
O7 NAG F . -3.10 -16.97 -58.54
H2 NAG F . -0.05 -17.69 -56.38
H3 NAG F . -1.21 -20.21 -55.92
H4 NAG F . 1.53 -19.63 -55.71
H5 NAG F . -0.23 -20.10 -53.54
H61 NAG F . 1.48 -19.42 -52.13
H62 NAG F . 1.77 -20.78 -52.84
H81 NAG F . -0.90 -16.39 -59.47
H82 NAG F . -0.41 -15.98 -58.04
H83 NAG F . -0.06 -17.40 -58.61
HN2 NAG F . -2.73 -18.15 -56.49
HO3 NAG F . 0.01 -20.74 -57.67
C1 NAG F . 2.22 -21.91 -55.30
C2 NAG F . 2.25 -23.44 -55.49
C3 NAG F . 3.69 -23.97 -55.44
C4 NAG F . 4.56 -23.18 -56.41
C5 NAG F . 4.41 -21.69 -56.12
C6 NAG F . 5.26 -20.80 -57.01
C7 NAG F . 1.45 -24.16 -53.21
C8 NAG F . 2.56 -23.43 -52.49
N2 NAG F . 1.39 -24.12 -54.56
O3 NAG F . 3.67 -25.33 -55.72
O4 NAG F . 5.89 -23.62 -56.23
O5 NAG F . 3.06 -21.32 -56.26
O6 NAG F . 4.99 -19.45 -56.73
O7 NAG F . 0.63 -24.80 -52.55
H2 NAG F . 1.90 -23.62 -56.38
H3 NAG F . 4.05 -23.81 -54.55
H4 NAG F . 4.24 -23.36 -57.31
H5 NAG F . 4.71 -21.52 -55.21
H61 NAG F . 6.19 -21.02 -56.87
H62 NAG F . 5.06 -21.03 -57.93
H81 NAG F . 2.22 -23.08 -51.65
H82 NAG F . 3.26 -24.06 -52.27
H83 NAG F . 2.95 -22.70 -52.99
HN2 NAG F . 0.74 -24.55 -54.91
HO3 NAG F . 4.46 -25.63 -55.66
HO4 NAG F . 6.32 -23.51 -56.95
HO6 NAG F . 5.41 -18.97 -57.29
C1 FUC F . 3.49 -18.43 -52.58
C2 FUC F . 4.77 -19.13 -52.12
C3 FUC F . 5.76 -19.23 -53.27
C4 FUC F . 6.04 -17.84 -53.84
C5 FUC F . 4.69 -17.21 -54.24
C6 FUC F . 4.83 -15.80 -54.75
O2 FUC F . 4.43 -20.38 -51.59
O3 FUC F . 6.92 -19.86 -52.78
O4 FUC F . 6.73 -17.08 -52.88
O5 FUC F . 3.80 -17.19 -53.12
H2 FUC F . 5.16 -18.56 -51.43
H3 FUC F . 5.35 -19.75 -53.98
H4 FUC F . 6.56 -17.94 -54.65
H5 FUC F . 4.32 -17.75 -54.95
H61 FUC F . 3.97 -15.46 -55.06
H62 FUC F . 5.14 -15.19 -54.06
H63 FUC F . 5.44 -15.76 -55.49
HO2 FUC F . 5.14 -20.75 -51.31
HO3 FUC F . 7.40 -20.11 -53.44
HO4 FUC F . 7.03 -16.39 -53.25
C1 NAG G . -44.89 -11.46 22.11
C2 NAG G . -45.13 -12.67 21.19
C3 NAG G . -46.61 -13.02 21.18
C4 NAG G . -47.12 -13.20 22.61
C5 NAG G . -46.78 -11.94 23.43
C6 NAG G . -47.23 -12.02 24.87
C7 NAG G . -43.67 -13.04 19.24
C8 NAG G . -43.38 -12.57 17.84
N2 NAG G . -44.67 -12.39 19.85
O3 NAG G . -46.78 -14.18 20.42
O4 NAG G . -48.51 -13.42 22.54
O5 NAG G . -45.38 -11.74 23.40
O6 NAG G . -48.63 -12.11 24.93
O7 NAG G . -43.03 -13.94 19.76
H2 NAG G . -44.63 -13.42 21.54
H3 NAG G . -47.10 -12.28 20.80
H4 NAG G . -46.66 -13.96 23.00
H5 NAG G . -47.24 -11.19 23.03
H61 NAG G . -46.80 -12.79 25.29
H62 NAG G . -46.89 -11.23 25.32
H81 NAG G . -42.74 -13.18 17.42
H82 NAG G . -44.19 -12.61 17.31
H83 NAG G . -43.02 -11.68 17.78
HN2 NAG G . -45.08 -11.77 19.42
HO3 NAG G . -47.61 -14.37 20.41
HO4 NAG G . -48.75 -13.86 23.23
HO6 NAG G . -48.87 -12.09 25.75
C1 NAG H . -0.53 43.56 19.77
C2 NAG H . -0.16 44.71 20.72
C3 NAG H . -1.43 45.41 21.21
C4 NAG H . -2.30 45.81 20.02
C5 NAG H . -2.56 44.57 19.16
C6 NAG H . -3.43 44.84 17.95
C7 NAG H . 1.91 44.32 22.06
C8 NAG H . 2.74 45.01 21.00
N2 NAG H . 0.59 44.21 21.85
O3 NAG H . -1.04 46.52 21.97
O4 NAG H . -3.50 46.34 20.56
O5 NAG H . -1.32 44.05 18.73
O6 NAG H . -4.73 45.22 18.36
O7 NAG H . 2.46 43.86 23.06
H2 NAG H . 0.36 45.35 20.23
H3 NAG H . -1.93 44.78 21.75
H4 NAG H . -1.83 46.46 19.51
H5 NAG H . -3.04 43.91 19.69
H61 NAG H . -3.01 45.53 17.42
H62 NAG H . -3.45 44.04 17.41
H81 NAG H . 3.68 44.87 21.18
H82 NAG H . 2.55 44.60 20.14
H83 NAG H . 2.56 45.95 20.93
HN2 NAG H . 0.13 43.82 22.46
HO3 NAG H . -1.75 46.89 22.26
HO4 NAG H . -3.83 46.88 19.99
HO6 NAG H . -5.22 45.27 17.68
C1 NAG I . -33.76 -14.46 -35.86
C2 NAG I . -34.93 -13.72 -35.18
C3 NAG I . -36.25 -14.29 -35.67
C4 NAG I . -36.31 -14.29 -37.20
C5 NAG I . -35.07 -15.03 -37.74
C6 NAG I . -35.02 -15.08 -39.24
C7 NAG I . -34.64 -12.76 -32.93
C8 NAG I . -34.58 -13.12 -31.46
N2 NAG I . -34.84 -13.81 -33.76
O3 NAG I . -37.29 -13.52 -35.12
O4 NAG I . -37.50 -14.93 -37.58
O5 NAG I . -33.91 -14.38 -37.26
O6 NAG I . -36.11 -15.82 -39.74
O7 NAG I . -34.52 -11.62 -33.31
H2 NAG I . -34.88 -12.78 -35.44
H3 NAG I . -36.31 -15.21 -35.38
H4 NAG I . -36.28 -13.37 -37.49
H5 NAG I . -35.10 -15.95 -37.43
H61 NAG I . -35.00 -14.17 -39.59
H62 NAG I . -34.16 -15.48 -39.49
H81 NAG I . -34.58 -12.30 -30.93
H82 NAG I . -35.38 -13.61 -31.22
H83 NAG I . -33.81 -13.64 -31.21
HN2 NAG I . -34.92 -14.60 -33.40
HO3 NAG I . -38.03 -13.85 -35.37
HO4 NAG I . -37.73 -14.64 -38.34
HO6 NAG I . -36.02 -15.89 -40.58
C1 NAG J . 30.87 -33.56 -14.46
C2 NAG J . 32.11 -34.18 -15.14
C3 NAG J . 31.70 -35.43 -15.92
C4 NAG J . 30.91 -36.37 -15.03
C5 NAG J . 29.73 -35.62 -14.41
C6 NAG J . 28.86 -36.47 -13.50
C7 NAG J . 33.86 -32.53 -15.81
C8 NAG J . 34.55 -32.72 -14.48
N2 NAG J . 32.73 -33.23 -16.03
O3 NAG J . 32.87 -36.03 -16.41
O4 NAG J . 30.48 -37.45 -15.84
O5 NAG J . 30.23 -34.53 -13.67
O6 NAG J . 28.22 -37.48 -14.26
O7 NAG J . 34.31 -31.74 -16.64
H2 NAG J . 32.72 -34.45 -14.44
H3 NAG J . 31.12 -35.16 -16.65
H4 NAG J . 31.49 -36.69 -14.32
H5 NAG J . 29.15 -35.31 -15.13
H61 NAG J . 29.41 -36.83 -12.80
H62 NAG J . 28.22 -35.88 -13.08
H81 NAG J . 35.24 -32.05 -14.38
H82 NAG J . 33.91 -32.58 -13.77
H83 NAG J . 34.95 -33.59 -14.37
HN2 NAG J . 32.34 -33.12 -16.79
HO3 NAG J . 32.64 -36.71 -16.86
HO4 NAG J . 30.36 -38.14 -15.36
HO6 NAG J . 27.67 -37.87 -13.75
#